data_4TSQ
#
_entry.id   4TSQ
#
_cell.length_a   70.270
_cell.length_b   70.270
_cell.length_c   202.973
_cell.angle_alpha   90.00
_cell.angle_beta   90.00
_cell.angle_gamma   120.00
#
_symmetry.space_group_name_H-M   'P 32'
#
loop_
_entity.id
_entity.type
_entity.pdbx_description
1 polymer 'Fragaceatoxin C'
2 non-polymer 1,2-dihexanoyl-sn-glycero-3-phosphocholine
3 non-polymer PHOSPHOCHOLINE
4 non-polymer 'THIOCYANATE ION'
5 non-polymer 'CHLORIDE ION'
6 water water
#
_entity_poly.entity_id   1
_entity_poly.type   'polypeptide(L)'
_entity_poly.pdbx_seq_one_letter_code
;SADVAGAVIDGAGLGFDVLKTVLEALGNVKRKIAVGIDNESGKTWTAMNTYFRSGTSDIVLPHKVAHGKALLYNGQKNRG
PVATGVVGVIAYSMSDGNTLAVLFSVPYDYNWYSNWWNVRVYKGQKRADQRMYEELYYHRSPFRGDNGWHSRGLGYGLKS
RGFMNSSGHAILEIHVTKA
;
_entity_poly.pdbx_strand_id   A,B,C,D,E,F
#
loop_
_chem_comp.id
_chem_comp.type
_chem_comp.name
_chem_comp.formula
CL non-polymer 'CHLORIDE ION' 'Cl -1'
HXG non-polymer 1,2-dihexanoyl-sn-glycero-3-phosphocholine 'C20 H41 N O8 P 1'
PC non-polymer PHOSPHOCHOLINE 'C5 H15 N O4 P 1'
SCN non-polymer 'THIOCYANATE ION' 'C N S -1'
#
# COMPACT_ATOMS: atom_id res chain seq x y z
N ASP A 3 19.35 -18.11 13.84
CA ASP A 3 18.13 -17.87 13.10
C ASP A 3 17.47 -19.20 12.86
N VAL A 4 17.04 -19.82 13.96
CA VAL A 4 16.32 -21.09 13.89
C VAL A 4 15.02 -21.01 14.61
N ALA A 5 14.08 -21.81 14.13
CA ALA A 5 12.86 -22.07 14.81
C ALA A 5 13.12 -22.48 16.28
N GLY A 6 12.38 -21.83 17.18
CA GLY A 6 12.59 -22.06 18.63
C GLY A 6 13.46 -21.03 19.30
N ALA A 7 14.10 -20.19 18.51
CA ALA A 7 14.91 -19.12 19.07
C ALA A 7 14.20 -17.77 18.95
N VAL A 8 14.76 -16.83 19.69
CA VAL A 8 14.45 -15.41 19.51
C VAL A 8 15.68 -14.70 18.91
N ILE A 9 15.33 -13.67 18.19
CA ILE A 9 16.32 -12.83 17.51
C ILE A 9 15.99 -11.39 17.73
N ASP A 10 16.95 -10.52 17.45
CA ASP A 10 16.60 -9.11 17.55
C ASP A 10 15.39 -8.77 16.64
N GLY A 11 14.44 -8.00 17.14
CA GLY A 11 13.18 -7.83 16.42
C GLY A 11 13.35 -7.17 15.05
N ALA A 12 14.28 -6.25 14.99
CA ALA A 12 14.54 -5.46 13.76
C ALA A 12 15.16 -6.34 12.68
N GLY A 13 15.69 -7.52 13.06
CA GLY A 13 16.14 -8.52 12.08
C GLY A 13 15.11 -9.43 11.43
N LEU A 14 13.87 -9.39 11.87
CA LEU A 14 12.85 -10.20 11.29
C LEU A 14 12.55 -9.69 9.92
N GLY A 15 12.53 -10.61 8.97
CA GLY A 15 12.17 -10.29 7.60
C GLY A 15 11.94 -11.56 6.85
N PHE A 16 11.59 -11.41 5.58
CA PHE A 16 11.29 -12.59 4.78
C PHE A 16 12.46 -13.53 4.67
N ASP A 17 13.70 -13.03 4.62
CA ASP A 17 14.80 -13.95 4.37
C ASP A 17 15.01 -14.90 5.58
N VAL A 18 14.85 -14.37 6.80
CA VAL A 18 14.93 -15.22 7.99
C VAL A 18 13.86 -16.32 7.90
N LEU A 19 12.65 -15.96 7.54
CA LEU A 19 11.59 -16.91 7.50
C LEU A 19 11.76 -17.92 6.37
N LYS A 20 12.33 -17.48 5.23
CA LYS A 20 12.69 -18.44 4.18
C LYS A 20 13.70 -19.46 4.64
N THR A 21 14.65 -19.02 5.41
CA THR A 21 15.65 -19.87 5.98
C THR A 21 14.97 -20.92 6.90
N VAL A 22 14.10 -20.44 7.76
CA VAL A 22 13.40 -21.37 8.65
C VAL A 22 12.57 -22.35 7.85
N LEU A 23 11.83 -21.85 6.86
CA LEU A 23 11.01 -22.70 6.06
C LEU A 23 11.79 -23.78 5.38
N GLU A 24 12.99 -23.47 4.84
CA GLU A 24 13.77 -24.43 4.12
C GLU A 24 14.44 -25.46 5.04
N ALA A 25 14.73 -25.04 6.27
CA ALA A 25 15.39 -25.93 7.21
C ALA A 25 14.47 -27.08 7.67
N LEU A 26 13.18 -26.90 7.53
CA LEU A 26 12.17 -27.82 8.08
C LEU A 26 12.09 -29.09 7.33
N GLY A 27 12.37 -29.04 6.03
CA GLY A 27 12.21 -30.21 5.15
C GLY A 27 11.20 -29.95 4.04
N ASN A 28 11.29 -30.69 2.94
CA ASN A 28 10.46 -30.38 1.77
C ASN A 28 9.03 -30.99 1.73
N VAL A 29 8.38 -30.93 2.85
CA VAL A 29 7.10 -31.51 3.05
C VAL A 29 6.02 -30.71 2.35
N LYS A 30 4.90 -31.35 2.09
CA LYS A 30 3.91 -30.71 1.19
C LYS A 30 3.30 -29.41 1.74
N ARG A 31 3.06 -29.39 3.07
CA ARG A 31 2.50 -28.22 3.68
C ARG A 31 3.27 -27.87 4.96
N LYS A 32 3.70 -26.65 5.09
CA LYS A 32 4.55 -26.26 6.18
C LYS A 32 4.51 -24.74 6.29
N ILE A 33 4.90 -24.25 7.43
CA ILE A 33 4.82 -22.83 7.72
C ILE A 33 6.01 -22.42 8.57
N ALA A 34 6.58 -21.26 8.28
CA ALA A 34 7.56 -20.57 9.13
C ALA A 34 6.88 -19.32 9.67
N VAL A 35 6.93 -19.10 11.01
CA VAL A 35 6.22 -18.01 11.69
C VAL A 35 7.25 -17.16 12.43
N GLY A 36 7.24 -15.86 12.22
CA GLY A 36 8.04 -14.96 13.03
C GLY A 36 7.16 -13.88 13.55
N ILE A 37 7.34 -13.55 14.83
CA ILE A 37 6.50 -12.51 15.47
C ILE A 37 7.44 -11.58 16.22
N ASP A 38 7.47 -10.33 15.84
CA ASP A 38 8.25 -9.29 16.44
C ASP A 38 7.50 -8.62 17.53
N ASN A 39 7.99 -8.75 18.77
CA ASN A 39 7.40 -8.09 19.90
C ASN A 39 7.98 -6.73 20.14
N GLU A 40 7.27 -5.69 19.69
CA GLU A 40 7.58 -4.30 20.03
C GLU A 40 6.43 -3.69 20.87
N SER A 41 5.84 -4.56 21.69
CA SER A 41 4.62 -4.24 22.45
C SER A 41 4.88 -3.54 23.76
N GLY A 42 6.13 -3.45 24.22
CA GLY A 42 6.41 -2.95 25.56
C GLY A 42 6.17 -3.91 26.71
N LYS A 43 5.81 -5.11 26.35
CA LYS A 43 5.45 -6.17 27.30
C LYS A 43 6.33 -7.35 27.05
N THR A 44 6.55 -8.18 28.06
CA THR A 44 7.26 -9.46 27.91
C THR A 44 6.23 -10.52 27.67
N TRP A 45 6.48 -11.44 26.75
CA TRP A 45 5.56 -12.50 26.37
C TRP A 45 6.13 -13.82 26.89
N THR A 46 5.22 -14.66 27.45
CA THR A 46 5.57 -16.02 27.87
C THR A 46 4.70 -17.00 27.11
N ALA A 47 5.35 -17.95 26.45
CA ALA A 47 4.63 -18.96 25.67
C ALA A 47 3.72 -19.79 26.55
N MET A 48 2.50 -19.94 26.03
CA MET A 48 1.59 -20.97 26.59
C MET A 48 1.56 -22.24 25.77
N ASN A 49 0.97 -22.21 24.58
CA ASN A 49 0.81 -23.40 23.80
C ASN A 49 0.47 -23.08 22.36
N THR A 50 0.49 -24.15 21.54
CA THR A 50 -0.04 -24.07 20.18
C THR A 50 -1.11 -25.15 20.10
N TYR A 51 -2.28 -24.77 19.65
CA TYR A 51 -3.34 -25.72 19.35
C TYR A 51 -3.33 -26.01 17.85
N PHE A 52 -3.17 -27.29 17.51
CA PHE A 52 -3.16 -27.64 16.08
C PHE A 52 -4.50 -28.24 15.74
N ARG A 53 -5.27 -27.55 14.92
CA ARG A 53 -6.42 -28.12 14.29
C ARG A 53 -6.05 -29.18 13.24
N SER A 54 -4.95 -28.88 12.53
CA SER A 54 -4.31 -29.80 11.57
C SER A 54 -2.80 -29.64 11.70
N GLY A 55 -2.10 -30.76 11.64
CA GLY A 55 -0.63 -30.67 11.58
C GLY A 55 0.01 -30.66 12.96
N THR A 56 1.28 -30.29 13.01
CA THR A 56 2.11 -30.54 14.14
C THR A 56 3.36 -29.65 14.07
N SER A 57 4.12 -29.68 15.16
CA SER A 57 5.46 -29.09 15.13
C SER A 57 6.36 -29.78 16.04
N ASP A 58 7.63 -29.87 15.70
CA ASP A 58 8.59 -30.38 16.64
C ASP A 58 9.33 -29.29 17.39
N ILE A 59 8.92 -28.04 17.20
CA ILE A 59 9.58 -26.90 17.82
C ILE A 59 8.88 -26.56 19.13
N VAL A 60 9.66 -26.22 20.14
CA VAL A 60 9.16 -25.62 21.33
C VAL A 60 8.99 -24.11 21.08
N LEU A 61 7.82 -23.57 21.40
CA LEU A 61 7.62 -22.15 21.28
C LEU A 61 8.67 -21.47 22.06
N PRO A 62 9.30 -20.42 21.49
CA PRO A 62 10.23 -19.67 22.31
C PRO A 62 9.61 -19.17 23.63
N HIS A 63 10.22 -19.52 24.75
CA HIS A 63 9.47 -19.48 26.00
CA HIS A 63 9.49 -19.49 26.03
C HIS A 63 9.23 -18.06 26.49
N LYS A 64 10.23 -17.21 26.38
CA LYS A 64 10.20 -15.83 26.83
C LYS A 64 10.58 -14.93 25.63
N VAL A 65 9.76 -13.93 25.36
CA VAL A 65 9.98 -13.02 24.23
C VAL A 65 9.91 -11.64 24.78
N ALA A 66 11.06 -11.02 25.01
CA ALA A 66 11.15 -9.66 25.51
C ALA A 66 10.73 -8.65 24.45
N HIS A 67 10.34 -7.44 24.90
CA HIS A 67 10.20 -6.31 24.00
C HIS A 67 11.51 -6.11 23.26
N GLY A 68 11.42 -5.95 21.94
CA GLY A 68 12.59 -5.81 21.08
C GLY A 68 13.07 -7.09 20.44
N LYS A 69 12.44 -8.21 20.78
CA LYS A 69 12.81 -9.53 20.23
C LYS A 69 11.72 -10.04 19.35
N ALA A 70 12.07 -10.82 18.33
CA ALA A 70 11.15 -11.63 17.54
C ALA A 70 11.34 -13.13 17.78
N LEU A 71 10.24 -13.87 17.88
CA LEU A 71 10.27 -15.31 18.00
C LEU A 71 10.16 -15.94 16.64
N LEU A 72 10.86 -17.06 16.48
CA LEU A 72 10.81 -17.90 15.29
C LEU A 72 10.17 -19.19 15.61
N TYR A 73 9.32 -19.70 14.74
CA TYR A 73 8.56 -20.94 14.98
C TYR A 73 8.26 -21.61 13.70
N ASN A 74 7.90 -22.88 13.71
CA ASN A 74 7.46 -23.54 12.47
C ASN A 74 6.35 -24.54 12.78
N GLY A 75 5.74 -25.00 11.69
CA GLY A 75 4.83 -26.15 11.76
C GLY A 75 4.78 -26.85 10.43
N GLN A 76 4.25 -28.08 10.45
CA GLN A 76 4.09 -28.85 9.26
C GLN A 76 2.87 -29.76 9.33
N LYS A 77 2.45 -30.28 8.17
CA LYS A 77 1.39 -31.24 8.13
C LYS A 77 1.75 -32.50 8.89
N ASN A 78 0.72 -33.26 9.26
CA ASN A 78 0.91 -34.59 9.79
C ASN A 78 1.90 -35.35 8.89
N ARG A 79 2.86 -36.05 9.50
CA ARG A 79 3.94 -36.65 8.69
C ARG A 79 3.53 -37.88 7.98
N GLY A 80 2.36 -38.46 8.27
CA GLY A 80 1.81 -39.53 7.53
C GLY A 80 1.08 -39.21 6.24
N PRO A 81 0.34 -40.17 5.73
CA PRO A 81 -0.23 -40.02 4.39
C PRO A 81 -1.52 -39.18 4.30
N VAL A 82 -1.90 -38.55 5.38
CA VAL A 82 -3.21 -37.89 5.42
C VAL A 82 -3.19 -36.56 4.65
N ALA A 83 -4.27 -36.30 3.94
CA ALA A 83 -4.48 -35.07 3.16
C ALA A 83 -5.01 -33.90 3.97
N THR A 84 -4.18 -33.45 4.92
CA THR A 84 -4.50 -32.34 5.81
C THR A 84 -3.30 -31.41 5.89
N GLY A 85 -3.52 -30.22 6.36
CA GLY A 85 -2.55 -29.13 6.24
C GLY A 85 -1.97 -28.75 7.58
N VAL A 86 -1.67 -27.48 7.74
CA VAL A 86 -1.14 -27.03 9.02
CA VAL A 86 -1.11 -26.97 9.00
C VAL A 86 -1.95 -25.78 9.46
N VAL A 87 -2.68 -25.93 10.55
CA VAL A 87 -3.78 -25.04 10.86
C VAL A 87 -3.78 -24.96 12.39
N GLY A 88 -3.57 -23.80 12.94
CA GLY A 88 -3.53 -23.74 14.39
C GLY A 88 -3.46 -22.34 14.95
N VAL A 89 -3.37 -22.31 16.29
CA VAL A 89 -3.32 -21.08 17.02
C VAL A 89 -2.23 -21.12 18.03
N ILE A 90 -1.39 -20.11 18.03
CA ILE A 90 -0.37 -19.85 19.00
C ILE A 90 -0.91 -18.87 20.04
N ALA A 91 -0.66 -19.17 21.35
CA ALA A 91 -1.07 -18.29 22.43
C ALA A 91 0.16 -17.98 23.30
N TYR A 92 0.36 -16.68 23.47
CA TYR A 92 1.36 -16.13 24.40
C TYR A 92 0.66 -15.31 25.45
N SER A 93 1.10 -15.51 26.69
CA SER A 93 0.69 -14.68 27.77
C SER A 93 1.52 -13.43 27.89
N MET A 94 0.89 -12.27 27.77
CA MET A 94 1.60 -10.98 27.80
C MET A 94 1.64 -10.45 29.22
N SER A 95 2.70 -9.70 29.55
CA SER A 95 2.98 -9.37 30.94
C SER A 95 1.97 -8.45 31.66
N ASP A 96 1.09 -7.73 30.91
CA ASP A 96 0.02 -6.98 31.58
C ASP A 96 -1.29 -7.73 31.69
N GLY A 97 -1.24 -9.02 31.51
CA GLY A 97 -2.36 -9.84 31.92
C GLY A 97 -3.23 -10.43 30.84
N ASN A 98 -2.96 -10.10 29.57
CA ASN A 98 -3.78 -10.58 28.50
C ASN A 98 -3.11 -11.58 27.59
N THR A 99 -3.76 -12.05 26.55
CA THR A 99 -3.25 -13.13 25.70
C THR A 99 -3.17 -12.68 24.25
N LEU A 100 -2.01 -12.85 23.66
CA LEU A 100 -1.84 -12.67 22.23
C LEU A 100 -2.09 -13.99 21.57
N ALA A 101 -3.04 -14.01 20.62
CA ALA A 101 -3.40 -15.23 19.83
C ALA A 101 -3.10 -15.01 18.38
N VAL A 102 -2.47 -15.98 17.76
CA VAL A 102 -2.14 -15.92 16.33
C VAL A 102 -2.63 -17.15 15.67
N LEU A 103 -3.52 -16.95 14.70
CA LEU A 103 -4.01 -17.99 13.82
C LEU A 103 -3.15 -18.15 12.57
N PHE A 104 -2.86 -19.38 12.15
CA PHE A 104 -2.44 -19.68 10.79
C PHE A 104 -3.28 -20.83 10.22
N SER A 105 -3.59 -20.75 8.92
CA SER A 105 -4.23 -21.84 8.21
C SER A 105 -3.56 -21.99 6.88
N VAL A 106 -2.99 -23.16 6.67
CA VAL A 106 -2.33 -23.57 5.42
C VAL A 106 -2.97 -24.88 5.01
N PRO A 107 -3.99 -24.83 4.16
CA PRO A 107 -4.79 -26.01 3.89
C PRO A 107 -4.09 -26.98 2.96
N TYR A 108 -4.52 -28.24 3.02
CA TYR A 108 -4.05 -29.22 2.06
C TYR A 108 -4.58 -28.90 0.64
N ASP A 109 -5.88 -28.66 0.49
CA ASP A 109 -6.48 -28.63 -0.85
C ASP A 109 -6.93 -27.21 -1.15
N TYR A 110 -6.21 -26.58 -2.07
CA TYR A 110 -6.51 -25.20 -2.47
C TYR A 110 -7.67 -25.08 -3.48
N ASN A 111 -8.30 -26.19 -3.84
CA ASN A 111 -9.58 -26.11 -4.56
C ASN A 111 -10.74 -25.76 -3.64
N TRP A 112 -10.59 -26.07 -2.36
CA TRP A 112 -11.67 -25.77 -1.42
C TRP A 112 -11.31 -24.70 -0.41
N TYR A 113 -10.02 -24.50 -0.11
CA TYR A 113 -9.59 -23.60 0.97
C TYR A 113 -8.43 -22.71 0.51
N SER A 114 -8.13 -21.68 1.29
CA SER A 114 -7.02 -20.76 1.01
C SER A 114 -6.24 -20.50 2.30
N ASN A 115 -5.10 -19.83 2.19
CA ASN A 115 -4.35 -19.47 3.35
C ASN A 115 -5.03 -18.33 4.11
N TRP A 116 -5.03 -18.39 5.45
CA TRP A 116 -5.55 -17.34 6.33
C TRP A 116 -4.66 -17.19 7.53
N TRP A 117 -4.71 -16.00 8.14
CA TRP A 117 -4.11 -15.73 9.42
C TRP A 117 -4.94 -14.74 10.19
N ASN A 118 -4.59 -14.62 11.47
CA ASN A 118 -5.24 -13.61 12.31
C ASN A 118 -4.38 -13.38 13.55
N VAL A 119 -4.59 -12.22 14.12
CA VAL A 119 -3.93 -11.80 15.36
C VAL A 119 -4.93 -11.06 16.18
N ARG A 120 -5.10 -11.47 17.45
CA ARG A 120 -6.05 -10.82 18.35
C ARG A 120 -5.55 -10.91 19.79
N VAL A 121 -5.98 -9.94 20.59
CA VAL A 121 -5.72 -10.02 22.03
C VAL A 121 -7.01 -10.45 22.73
N TYR A 122 -6.86 -11.47 23.57
CA TYR A 122 -7.93 -11.95 24.41
C TYR A 122 -7.70 -11.43 25.82
N LYS A 123 -8.76 -11.06 26.48
CA LYS A 123 -8.73 -10.68 27.86
C LYS A 123 -8.29 -11.86 28.77
N GLY A 124 -7.38 -11.59 29.67
CA GLY A 124 -6.92 -12.66 30.60
C GLY A 124 -6.00 -13.64 29.96
N GLN A 125 -5.85 -14.80 30.61
CA GLN A 125 -4.85 -15.72 30.23
C GLN A 125 -5.55 -16.96 29.67
N LYS A 126 -5.42 -17.16 28.36
N LYS A 126 -5.47 -17.12 28.36
CA LYS A 126 -6.30 -18.07 27.61
CA LYS A 126 -6.28 -18.11 27.66
C LYS A 126 -5.53 -19.01 26.67
C LYS A 126 -5.36 -18.98 26.82
N ARG A 127 -5.39 -20.28 27.08
CA ARG A 127 -4.69 -21.23 26.19
CA ARG A 127 -4.70 -21.25 26.21
C ARG A 127 -5.40 -21.41 24.88
N ALA A 128 -4.60 -21.65 23.85
CA ALA A 128 -5.18 -21.89 22.53
C ALA A 128 -5.94 -23.24 22.55
N ASP A 129 -7.05 -23.33 21.86
CA ASP A 129 -7.92 -24.51 21.81
C ASP A 129 -8.86 -24.40 20.62
N GLN A 130 -9.66 -25.42 20.42
CA GLN A 130 -10.53 -25.51 19.25
C GLN A 130 -11.42 -24.28 19.16
N ARG A 131 -12.02 -23.86 20.25
CA ARG A 131 -12.95 -22.71 20.22
C ARG A 131 -12.20 -21.44 19.81
N MET A 132 -11.01 -21.24 20.32
CA MET A 132 -10.21 -20.09 19.93
C MET A 132 -9.92 -20.12 18.44
N TYR A 133 -9.58 -21.31 17.98
CA TYR A 133 -9.36 -21.52 16.54
C TYR A 133 -10.62 -21.15 15.74
N GLU A 134 -11.78 -21.63 16.14
CA GLU A 134 -13.04 -21.33 15.43
C GLU A 134 -13.34 -19.82 15.48
N GLU A 135 -13.06 -19.20 16.63
CA GLU A 135 -13.28 -17.72 16.72
C GLU A 135 -12.42 -17.00 15.68
N LEU A 136 -11.11 -17.29 15.69
CA LEU A 136 -10.16 -16.52 14.86
C LEU A 136 -10.39 -16.83 13.39
N TYR A 137 -10.82 -18.05 13.06
CA TYR A 137 -10.95 -18.51 11.64
C TYR A 137 -12.29 -18.13 11.06
N TYR A 138 -13.38 -18.27 11.81
CA TYR A 138 -14.74 -17.99 11.30
C TYR A 138 -15.28 -16.63 11.67
N HIS A 139 -15.01 -16.12 12.88
CA HIS A 139 -15.81 -15.07 13.46
C HIS A 139 -15.11 -13.75 13.67
N ARG A 140 -13.79 -13.71 13.66
CA ARG A 140 -12.99 -12.49 14.03
C ARG A 140 -12.17 -11.93 12.86
N SER A 141 -12.71 -12.13 11.67
CA SER A 141 -12.28 -11.43 10.42
C SER A 141 -10.77 -11.67 10.13
N PRO A 142 -10.39 -12.95 9.93
CA PRO A 142 -9.02 -13.24 9.55
C PRO A 142 -8.63 -12.57 8.21
N PHE A 143 -7.33 -12.35 8.09
CA PHE A 143 -6.71 -11.92 6.86
C PHE A 143 -6.37 -13.08 5.92
N ARG A 144 -6.45 -12.76 4.63
CA ARG A 144 -5.93 -13.69 3.61
C ARG A 144 -4.43 -13.72 3.52
N GLY A 145 -3.91 -14.93 3.35
CA GLY A 145 -2.53 -15.13 2.93
C GLY A 145 -2.52 -14.83 1.43
N ASP A 146 -2.42 -13.53 1.16
CA ASP A 146 -2.58 -12.94 -0.21
C ASP A 146 -1.31 -12.26 -0.73
N ASN A 147 -0.15 -12.61 -0.15
CA ASN A 147 1.13 -11.94 -0.52
C ASN A 147 1.12 -10.42 -0.35
N GLY A 148 0.27 -9.94 0.59
CA GLY A 148 0.15 -8.54 0.87
C GLY A 148 0.24 -8.35 2.42
N TRP A 149 0.54 -7.12 2.77
CA TRP A 149 0.50 -6.67 4.18
C TRP A 149 -0.89 -6.22 4.62
N HIS A 150 -1.19 -6.51 5.89
CA HIS A 150 -2.44 -6.10 6.53
C HIS A 150 -2.09 -5.62 7.91
N SER A 151 -2.84 -4.62 8.34
CA SER A 151 -2.69 -4.09 9.68
C SER A 151 -4.03 -3.85 10.32
N ARG A 152 -4.03 -3.96 11.64
CA ARG A 152 -5.23 -3.63 12.39
C ARG A 152 -4.85 -3.29 13.84
N GLY A 153 -5.67 -2.47 14.46
CA GLY A 153 -5.58 -2.21 15.89
C GLY A 153 -6.08 -3.39 16.66
N LEU A 154 -5.38 -3.71 17.73
CA LEU A 154 -5.77 -4.86 18.60
C LEU A 154 -6.58 -4.45 19.79
N GLY A 155 -6.76 -3.17 19.95
CA GLY A 155 -7.11 -2.62 21.27
C GLY A 155 -5.94 -2.81 22.25
N TYR A 156 -6.22 -2.54 23.51
CA TYR A 156 -5.23 -2.72 24.57
C TYR A 156 -3.98 -1.85 24.33
N GLY A 157 -4.08 -0.79 23.54
CA GLY A 157 -2.90 -0.02 23.25
C GLY A 157 -1.92 -0.66 22.29
N LEU A 158 -2.32 -1.66 21.56
CA LEU A 158 -1.43 -2.42 20.67
C LEU A 158 -1.99 -2.43 19.25
N LYS A 159 -1.11 -2.60 18.28
CA LYS A 159 -1.54 -2.82 16.87
C LYS A 159 -0.66 -3.85 16.24
N SER A 160 -1.14 -4.43 15.16
CA SER A 160 -0.43 -5.48 14.44
CA SER A 160 -0.38 -5.43 14.46
C SER A 160 -0.34 -5.14 12.97
N ARG A 161 0.75 -5.59 12.36
CA ARG A 161 0.97 -5.54 10.91
C ARG A 161 1.53 -6.88 10.55
N GLY A 162 1.07 -7.52 9.48
CA GLY A 162 1.63 -8.80 9.10
C GLY A 162 1.45 -9.12 7.65
N PHE A 163 2.15 -10.18 7.25
CA PHE A 163 2.23 -10.63 5.86
C PHE A 163 2.17 -12.13 5.87
N MET A 164 1.32 -12.71 5.03
CA MET A 164 1.38 -14.16 4.76
C MET A 164 1.30 -14.38 3.25
N ASN A 165 2.13 -15.25 2.74
CA ASN A 165 2.05 -15.61 1.35
C ASN A 165 0.90 -16.58 1.06
N SER A 166 0.77 -16.97 -0.19
CA SER A 166 -0.39 -17.69 -0.66
C SER A 166 -0.21 -19.22 -0.79
N SER A 167 1.01 -19.72 -0.69
CA SER A 167 1.27 -21.13 -1.06
C SER A 167 1.26 -22.08 0.13
N GLY A 168 1.44 -23.35 -0.15
CA GLY A 168 1.49 -24.37 0.87
C GLY A 168 2.80 -24.41 1.57
N HIS A 169 3.80 -23.66 1.11
CA HIS A 169 5.05 -23.46 1.84
C HIS A 169 5.01 -22.03 2.35
N ALA A 170 4.39 -21.87 3.50
CA ALA A 170 3.91 -20.55 3.96
C ALA A 170 4.92 -19.84 4.86
N ILE A 171 4.99 -18.51 4.69
CA ILE A 171 5.66 -17.65 5.65
C ILE A 171 4.59 -16.77 6.27
N LEU A 172 4.76 -16.46 7.56
CA LEU A 172 3.86 -15.56 8.31
C LEU A 172 4.73 -14.67 9.16
N GLU A 173 4.78 -13.38 8.81
CA GLU A 173 5.57 -12.36 9.52
C GLU A 173 4.62 -11.37 10.14
N ILE A 174 4.71 -11.22 11.48
CA ILE A 174 3.85 -10.38 12.22
C ILE A 174 4.67 -9.45 13.09
N HIS A 175 4.27 -8.17 13.16
CA HIS A 175 4.83 -7.20 14.10
C HIS A 175 3.76 -6.70 15.01
N VAL A 176 4.03 -6.70 16.31
CA VAL A 176 3.09 -6.14 17.29
C VAL A 176 3.73 -4.93 17.94
N THR A 177 3.10 -3.78 17.77
CA THR A 177 3.65 -2.49 18.19
C THR A 177 2.67 -1.75 19.08
N LYS A 178 3.13 -0.68 19.70
CA LYS A 178 2.27 0.16 20.49
C LYS A 178 1.45 1.06 19.60
N ALA A 179 0.16 1.16 19.86
CA ALA A 179 -0.75 2.06 19.11
C ALA A 179 -0.49 3.50 19.45
N ALA B 2 -14.57 -17.11 -19.26
CA ALA B 2 -14.92 -16.10 -20.33
C ALA B 2 -13.71 -15.90 -21.22
N ASP B 3 -13.89 -15.63 -22.52
CA ASP B 3 -12.75 -15.51 -23.46
C ASP B 3 -12.19 -14.08 -23.59
N VAL B 4 -11.76 -13.48 -22.47
CA VAL B 4 -11.22 -12.13 -22.53
C VAL B 4 -10.00 -12.14 -21.61
N ALA B 5 -9.03 -11.30 -21.99
CA ALA B 5 -7.82 -11.19 -21.23
C ALA B 5 -8.20 -10.79 -19.78
N GLY B 6 -7.60 -11.44 -18.81
CA GLY B 6 -7.86 -11.22 -17.36
C GLY B 6 -8.87 -12.22 -16.79
N ALA B 7 -9.46 -13.06 -17.66
CA ALA B 7 -10.28 -14.20 -17.23
C ALA B 7 -9.50 -15.51 -17.27
N VAL B 8 -10.05 -16.53 -16.61
CA VAL B 8 -9.66 -17.91 -16.86
C VAL B 8 -10.75 -18.67 -17.59
N ILE B 9 -10.35 -19.69 -18.35
CA ILE B 9 -11.26 -20.51 -19.06
C ILE B 9 -10.92 -21.93 -18.78
N ASP B 10 -11.79 -22.83 -19.20
CA ASP B 10 -11.50 -24.26 -19.09
CA ASP B 10 -11.49 -24.25 -19.08
C ASP B 10 -10.25 -24.54 -19.91
N GLY B 11 -9.33 -25.31 -19.33
CA GLY B 11 -8.03 -25.48 -19.89
C GLY B 11 -8.06 -26.10 -21.27
N ALA B 12 -8.98 -27.05 -21.50
CA ALA B 12 -9.21 -27.66 -22.83
C ALA B 12 -9.65 -26.64 -23.85
N GLY B 13 -10.13 -25.49 -23.41
CA GLY B 13 -10.61 -24.46 -24.38
C GLY B 13 -9.53 -23.57 -24.95
N LEU B 14 -8.37 -23.65 -24.36
CA LEU B 14 -7.27 -22.85 -24.83
C LEU B 14 -6.77 -23.34 -26.17
N GLY B 15 -6.58 -22.39 -27.08
CA GLY B 15 -6.06 -22.72 -28.38
C GLY B 15 -5.88 -21.44 -29.18
N PHE B 16 -5.46 -21.60 -30.43
CA PHE B 16 -5.07 -20.44 -31.18
C PHE B 16 -6.26 -19.48 -31.43
N ASP B 17 -7.45 -20.03 -31.61
CA ASP B 17 -8.68 -19.25 -31.87
C ASP B 17 -8.91 -18.22 -30.73
N VAL B 18 -8.88 -18.69 -29.48
CA VAL B 18 -9.08 -17.82 -28.31
CA VAL B 18 -9.13 -17.78 -28.34
C VAL B 18 -8.02 -16.74 -28.24
N LEU B 19 -6.77 -17.10 -28.51
CA LEU B 19 -5.72 -16.11 -28.43
C LEU B 19 -5.85 -15.07 -29.51
N LYS B 20 -6.20 -15.49 -30.74
CA LYS B 20 -6.45 -14.53 -31.80
C LYS B 20 -7.56 -13.51 -31.45
N THR B 21 -8.61 -13.99 -30.81
CA THR B 21 -9.69 -13.14 -30.26
C THR B 21 -9.11 -12.12 -29.30
N VAL B 22 -8.28 -12.59 -28.38
CA VAL B 22 -7.62 -11.66 -27.40
C VAL B 22 -6.77 -10.65 -28.13
N LEU B 23 -5.96 -11.11 -29.12
CA LEU B 23 -5.16 -10.21 -29.91
C LEU B 23 -5.98 -9.19 -30.61
N GLU B 24 -7.10 -9.61 -31.21
CA GLU B 24 -7.96 -8.76 -32.00
C GLU B 24 -8.71 -7.68 -31.16
N ALA B 25 -8.87 -7.96 -29.86
CA ALA B 25 -9.49 -7.00 -28.93
C ALA B 25 -8.57 -5.86 -28.52
N LEU B 26 -7.28 -5.99 -28.82
CA LEU B 26 -6.34 -4.92 -28.62
C LEU B 26 -6.32 -4.01 -29.81
N GLY B 27 -5.93 -2.77 -29.57
CA GLY B 27 -5.75 -1.85 -30.61
C GLY B 27 -4.72 -2.29 -31.58
N ASN B 28 -4.81 -1.70 -32.77
CA ASN B 28 -4.01 -2.20 -33.88
C ASN B 28 -2.64 -1.54 -33.87
N VAL B 29 -1.95 -1.76 -32.77
CA VAL B 29 -0.67 -1.20 -32.54
C VAL B 29 0.36 -2.15 -33.12
N LYS B 30 1.53 -1.59 -33.33
CA LYS B 30 2.56 -2.26 -34.01
C LYS B 30 3.03 -3.56 -33.35
N ARG B 31 3.13 -3.59 -32.02
CA ARG B 31 3.63 -4.75 -31.35
C ARG B 31 2.71 -5.02 -30.21
N LYS B 32 2.21 -6.26 -30.13
CA LYS B 32 1.30 -6.68 -29.05
C LYS B 32 1.33 -8.18 -28.91
N ILE B 33 0.74 -8.70 -27.84
CA ILE B 33 0.81 -10.14 -27.55
C ILE B 33 -0.43 -10.55 -26.80
N ALA B 34 -0.91 -11.74 -27.15
CA ALA B 34 -1.89 -12.48 -26.37
C ALA B 34 -1.23 -13.71 -25.83
N VAL B 35 -1.37 -13.94 -24.54
CA VAL B 35 -0.73 -15.06 -23.85
C VAL B 35 -1.82 -15.90 -23.21
N GLY B 36 -1.75 -17.21 -23.42
CA GLY B 36 -2.63 -18.15 -22.74
C GLY B 36 -1.77 -19.23 -22.10
N ILE B 37 -2.04 -19.50 -20.83
CA ILE B 37 -1.31 -20.57 -20.11
C ILE B 37 -2.29 -21.48 -19.43
N ASP B 38 -2.27 -22.71 -19.88
CA ASP B 38 -3.10 -23.79 -19.32
C ASP B 38 -2.42 -24.48 -18.19
N ASN B 39 -3.06 -24.38 -17.02
CA ASN B 39 -2.61 -25.05 -15.80
C ASN B 39 -3.19 -26.43 -15.72
N GLU B 40 -2.38 -27.42 -16.05
CA GLU B 40 -2.67 -28.81 -15.76
C GLU B 40 -1.57 -29.42 -14.84
N SER B 41 -1.03 -28.57 -13.96
CA SER B 41 0.11 -28.93 -13.07
C SER B 41 -0.25 -29.70 -11.79
N GLY B 42 -1.56 -29.83 -11.50
CA GLY B 42 -2.04 -30.41 -10.25
C GLY B 42 -1.87 -29.47 -9.08
N LYS B 43 -1.54 -28.21 -9.36
CA LYS B 43 -1.26 -27.23 -8.32
C LYS B 43 -2.16 -26.03 -8.60
N THR B 44 -2.44 -25.20 -7.59
CA THR B 44 -3.16 -23.91 -7.78
C THR B 44 -2.14 -22.81 -7.88
N TRP B 45 -2.35 -21.87 -8.83
CA TRP B 45 -1.45 -20.76 -9.10
C TRP B 45 -2.05 -19.45 -8.65
N THR B 46 -1.22 -18.64 -7.99
CA THR B 46 -1.61 -17.32 -7.57
C THR B 46 -0.73 -16.30 -8.22
N ALA B 47 -1.31 -15.32 -8.91
CA ALA B 47 -0.50 -14.38 -9.66
C ALA B 47 0.30 -13.57 -8.70
N MET B 48 1.55 -13.34 -9.06
CA MET B 48 2.37 -12.31 -8.42
C MET B 48 2.42 -11.03 -9.22
N ASN B 49 3.14 -11.07 -10.34
CA ASN B 49 3.35 -9.80 -11.06
C ASN B 49 3.82 -10.09 -12.45
N THR B 50 3.83 -9.04 -13.27
CA THR B 50 4.48 -9.12 -14.56
C THR B 50 5.49 -8.00 -14.57
N TYR B 51 6.75 -8.32 -14.93
CA TYR B 51 7.79 -7.35 -15.18
C TYR B 51 7.90 -7.07 -16.65
N PHE B 52 7.78 -5.80 -17.01
CA PHE B 52 7.94 -5.34 -18.40
C PHE B 52 9.30 -4.74 -18.59
N ARG B 53 10.12 -5.47 -19.33
CA ARG B 53 11.32 -4.87 -19.88
C ARG B 53 10.99 -3.79 -20.94
N SER B 54 9.96 -4.04 -21.73
CA SER B 54 9.50 -3.15 -22.80
C SER B 54 7.99 -3.28 -22.81
N GLY B 55 7.31 -2.18 -23.00
CA GLY B 55 5.90 -2.25 -23.11
C GLY B 55 5.14 -2.29 -21.82
N THR B 56 3.86 -2.59 -21.94
CA THR B 56 2.91 -2.45 -20.85
C THR B 56 1.68 -3.38 -21.06
N SER B 57 0.82 -3.43 -20.05
CA SER B 57 -0.50 -4.01 -20.15
C SER B 57 -1.49 -3.24 -19.33
N ASP B 58 -2.76 -3.25 -19.73
CA ASP B 58 -3.87 -2.68 -19.00
CA ASP B 58 -3.79 -2.69 -18.84
C ASP B 58 -4.68 -3.74 -18.22
N ILE B 59 -4.17 -4.98 -18.16
CA ILE B 59 -4.90 -6.23 -17.71
C ILE B 59 -4.37 -6.68 -16.34
N VAL B 60 -5.25 -7.12 -15.45
CA VAL B 60 -4.81 -7.72 -14.17
C VAL B 60 -4.54 -9.17 -14.54
N LEU B 61 -3.33 -9.70 -14.26
CA LEU B 61 -3.14 -11.18 -14.33
C LEU B 61 -4.25 -11.87 -13.58
N PRO B 62 -4.86 -12.88 -14.18
CA PRO B 62 -5.86 -13.61 -13.51
C PRO B 62 -5.35 -14.11 -12.16
N HIS B 63 -6.05 -13.77 -11.09
CA HIS B 63 -5.42 -13.83 -9.80
C HIS B 63 -5.24 -15.28 -9.32
N LYS B 64 -6.26 -16.10 -9.54
CA LYS B 64 -6.25 -17.52 -9.09
C LYS B 64 -6.49 -18.39 -10.33
N VAL B 65 -5.57 -19.32 -10.56
CA VAL B 65 -5.69 -20.24 -11.70
C VAL B 65 -5.65 -21.66 -11.15
N ALA B 66 -6.81 -22.29 -11.07
CA ALA B 66 -6.95 -23.63 -10.60
C ALA B 66 -6.32 -24.58 -11.61
N HIS B 67 -5.99 -25.77 -11.09
CA HIS B 67 -5.71 -26.88 -11.98
C HIS B 67 -6.92 -27.12 -12.85
N GLY B 68 -6.68 -27.27 -14.14
CA GLY B 68 -7.72 -27.46 -15.15
C GLY B 68 -8.24 -26.21 -15.81
N LYS B 69 -7.64 -25.07 -15.47
CA LYS B 69 -8.03 -23.75 -15.97
C LYS B 69 -6.85 -23.19 -16.72
N ALA B 70 -7.13 -22.36 -17.73
CA ALA B 70 -6.12 -21.59 -18.43
C ALA B 70 -6.38 -20.09 -18.24
N LEU B 71 -5.32 -19.32 -18.06
CA LEU B 71 -5.40 -17.88 -17.93
C LEU B 71 -5.13 -17.18 -19.26
N LEU B 72 -5.88 -16.11 -19.45
CA LEU B 72 -5.64 -15.29 -20.64
C LEU B 72 -5.12 -13.90 -20.22
N TYR B 73 -4.15 -13.38 -20.99
CA TYR B 73 -3.42 -12.16 -20.65
C TYR B 73 -3.02 -11.50 -21.96
N ASN B 74 -2.62 -10.24 -21.87
CA ASN B 74 -2.14 -9.54 -23.08
C ASN B 74 -1.16 -8.43 -22.65
N GLY B 75 -0.54 -7.82 -23.65
CA GLY B 75 0.38 -6.67 -23.49
C GLY B 75 0.63 -6.01 -24.78
N GLN B 76 1.19 -4.80 -24.77
CA GLN B 76 1.50 -4.11 -26.02
CA GLN B 76 1.48 -4.11 -26.02
C GLN B 76 2.62 -3.14 -25.79
N LYS B 77 3.20 -2.67 -26.89
CA LYS B 77 4.23 -1.68 -26.80
C LYS B 77 3.72 -0.37 -26.17
N ASN B 78 4.65 0.37 -25.58
CA ASN B 78 4.35 1.71 -25.14
C ASN B 78 3.89 2.65 -26.24
N ARG B 79 3.06 3.57 -25.80
CA ARG B 79 2.28 4.38 -26.72
C ARG B 79 3.21 5.30 -27.46
N GLY B 80 2.83 5.60 -28.72
CA GLY B 80 3.52 6.57 -29.55
C GLY B 80 4.62 5.96 -30.41
N PRO B 81 5.48 6.80 -30.99
CA PRO B 81 6.33 6.24 -32.04
C PRO B 81 7.55 5.49 -31.53
N VAL B 82 7.78 5.48 -30.21
CA VAL B 82 8.99 4.92 -29.60
C VAL B 82 9.28 3.53 -30.23
N ALA B 83 10.53 3.28 -30.57
CA ALA B 83 10.95 2.08 -31.26
C ALA B 83 11.28 0.93 -30.28
N THR B 84 10.25 0.54 -29.53
CA THR B 84 10.33 -0.54 -28.55
C THR B 84 9.17 -1.50 -28.64
N GLY B 85 9.35 -2.71 -28.12
CA GLY B 85 8.37 -3.76 -28.27
C GLY B 85 7.60 -4.15 -27.02
N VAL B 86 7.23 -5.40 -26.92
CA VAL B 86 6.63 -5.87 -25.67
C VAL B 86 7.38 -7.09 -25.18
N VAL B 87 8.00 -6.95 -24.01
CA VAL B 87 9.04 -7.89 -23.59
C VAL B 87 8.89 -7.98 -22.10
N GLY B 88 8.64 -9.16 -21.58
CA GLY B 88 8.41 -9.25 -20.12
C GLY B 88 8.37 -10.63 -19.56
N VAL B 89 8.18 -10.68 -18.25
CA VAL B 89 8.14 -11.97 -17.53
C VAL B 89 6.93 -11.98 -16.59
N ILE B 90 6.13 -13.03 -16.71
CA ILE B 90 4.97 -13.30 -15.83
C ILE B 90 5.42 -14.27 -14.75
N ALA B 91 5.07 -13.96 -13.50
CA ALA B 91 5.38 -14.85 -12.37
C ALA B 91 4.12 -15.22 -11.63
N TYR B 92 3.89 -16.52 -11.52
CA TYR B 92 2.84 -17.13 -10.68
C TYR B 92 3.47 -17.90 -9.55
N SER B 93 2.90 -17.73 -8.36
CA SER B 93 3.27 -18.57 -7.23
C SER B 93 2.43 -19.87 -7.28
N MET B 94 3.08 -21.01 -7.32
CA MET B 94 2.38 -22.28 -7.35
C MET B 94 2.28 -22.80 -5.92
N SER B 95 1.26 -23.64 -5.72
CA SER B 95 0.86 -24.01 -4.34
C SER B 95 1.80 -24.88 -3.54
N ASP B 96 2.76 -25.53 -4.19
CA ASP B 96 3.77 -26.27 -3.48
C ASP B 96 5.07 -25.49 -3.26
N GLY B 97 5.06 -24.17 -3.44
CA GLY B 97 6.11 -23.32 -2.96
C GLY B 97 7.08 -22.78 -3.98
N ASN B 98 6.85 -23.12 -5.25
CA ASN B 98 7.73 -22.66 -6.30
C ASN B 98 7.08 -21.70 -7.24
N THR B 99 7.88 -21.10 -8.11
CA THR B 99 7.38 -20.09 -9.01
C THR B 99 7.40 -20.55 -10.44
N LEU B 100 6.28 -20.38 -11.15
CA LEU B 100 6.21 -20.49 -12.62
C LEU B 100 6.51 -19.14 -13.25
N ALA B 101 7.53 -19.10 -14.10
CA ALA B 101 7.95 -17.86 -14.78
C ALA B 101 7.86 -18.06 -16.29
N VAL B 102 7.16 -17.14 -16.94
CA VAL B 102 7.00 -17.16 -18.41
C VAL B 102 7.57 -15.88 -19.00
N LEU B 103 8.55 -16.06 -19.92
CA LEU B 103 9.09 -14.96 -20.67
C LEU B 103 8.41 -14.82 -22.03
N PHE B 104 8.12 -13.58 -22.41
CA PHE B 104 7.81 -13.28 -23.82
C PHE B 104 8.69 -12.15 -24.28
N SER B 105 9.06 -12.19 -25.57
CA SER B 105 9.80 -11.06 -26.19
C SER B 105 9.33 -10.88 -27.60
N VAL B 106 8.70 -9.76 -27.83
CA VAL B 106 8.23 -9.33 -29.13
C VAL B 106 8.85 -8.00 -29.48
N PRO B 107 9.94 -8.04 -30.27
CA PRO B 107 10.75 -6.84 -30.42
C PRO B 107 10.16 -5.86 -31.42
N TYR B 108 10.55 -4.61 -31.33
CA TYR B 108 10.25 -3.62 -32.33
C TYR B 108 10.90 -3.94 -33.68
N ASP B 109 12.21 -4.19 -33.70
CA ASP B 109 12.97 -4.19 -34.94
C ASP B 109 13.38 -5.61 -35.24
N TYR B 110 12.76 -6.24 -36.23
CA TYR B 110 13.11 -7.58 -36.63
C TYR B 110 14.38 -7.70 -37.52
N ASN B 111 15.00 -6.59 -37.89
CA ASN B 111 16.36 -6.68 -38.40
C ASN B 111 17.39 -7.05 -37.36
N TRP B 112 17.10 -6.78 -36.09
CA TRP B 112 18.06 -7.04 -35.03
C TRP B 112 17.67 -8.16 -34.11
N TYR B 113 16.37 -8.34 -33.94
CA TYR B 113 15.82 -9.22 -32.93
C TYR B 113 14.74 -10.12 -33.55
N SER B 114 14.37 -11.13 -32.80
CA SER B 114 13.30 -12.05 -33.12
CA SER B 114 13.24 -11.99 -33.15
C SER B 114 12.37 -12.29 -31.92
N ASN B 115 11.24 -12.95 -32.16
CA ASN B 115 10.39 -13.42 -31.06
C ASN B 115 11.01 -14.57 -30.30
N TRP B 116 10.85 -14.50 -28.97
CA TRP B 116 11.34 -15.54 -28.06
C TRP B 116 10.32 -15.69 -26.94
N TRP B 117 10.30 -16.89 -26.34
CA TRP B 117 9.61 -17.19 -25.12
C TRP B 117 10.35 -18.20 -24.28
N ASN B 118 9.97 -18.33 -23.01
CA ASN B 118 10.57 -19.35 -22.15
C ASN B 118 9.63 -19.61 -20.99
N VAL B 119 9.80 -20.79 -20.40
CA VAL B 119 9.09 -21.16 -19.22
C VAL B 119 10.09 -21.81 -18.29
N ARG B 120 10.02 -21.46 -17.03
CA ARG B 120 10.91 -22.06 -16.00
C ARG B 120 10.20 -22.11 -14.67
N VAL B 121 10.54 -23.13 -13.89
CA VAL B 121 10.06 -23.17 -12.52
C VAL B 121 11.28 -22.80 -11.68
N TYR B 122 11.17 -21.72 -10.90
CA TYR B 122 12.17 -21.33 -9.91
C TYR B 122 11.83 -21.90 -8.53
N LYS B 123 12.85 -22.28 -7.79
CA LYS B 123 12.65 -22.71 -6.44
C LYS B 123 12.28 -21.47 -5.60
N GLY B 124 11.25 -21.66 -4.77
CA GLY B 124 10.80 -20.59 -3.93
C GLY B 124 9.91 -19.59 -4.61
N GLN B 125 9.57 -18.53 -3.88
CA GLN B 125 8.62 -17.55 -4.35
C GLN B 125 9.35 -16.27 -4.78
N LYS B 126 9.37 -16.07 -6.10
CA LYS B 126 10.26 -15.07 -6.70
C LYS B 126 9.43 -14.19 -7.64
N ARG B 127 9.30 -12.90 -7.29
CA ARG B 127 8.70 -11.93 -8.24
C ARG B 127 9.55 -11.79 -9.50
N ALA B 128 8.84 -11.49 -10.58
CA ALA B 128 9.47 -11.16 -11.88
C ALA B 128 10.18 -9.82 -11.73
N ASP B 129 11.38 -9.73 -12.27
CA ASP B 129 12.16 -8.52 -12.28
C ASP B 129 13.17 -8.60 -13.45
N GLN B 130 13.98 -7.56 -13.57
CA GLN B 130 14.98 -7.47 -14.63
C GLN B 130 15.96 -8.65 -14.62
N ARG B 131 16.40 -9.09 -13.44
CA ARG B 131 17.34 -10.19 -13.37
CA ARG B 131 17.36 -10.18 -13.43
C ARG B 131 16.69 -11.46 -13.95
N MET B 132 15.42 -11.70 -13.61
CA MET B 132 14.71 -12.86 -14.09
C MET B 132 14.52 -12.81 -15.58
N TYR B 133 14.13 -11.64 -16.09
CA TYR B 133 14.11 -11.47 -17.53
C TYR B 133 15.47 -11.83 -18.17
N GLU B 134 16.58 -11.32 -17.63
CA GLU B 134 17.90 -11.56 -18.24
C GLU B 134 18.22 -13.07 -18.17
N GLU B 135 17.84 -13.72 -17.09
CA GLU B 135 18.09 -15.18 -16.98
C GLU B 135 17.34 -15.93 -18.06
N LEU B 136 16.08 -15.58 -18.24
CA LEU B 136 15.22 -16.34 -19.14
C LEU B 136 15.56 -16.03 -20.58
N TYR B 137 15.97 -14.79 -20.85
CA TYR B 137 16.21 -14.37 -22.25
C TYR B 137 17.59 -14.77 -22.72
N TYR B 138 18.63 -14.48 -21.91
CA TYR B 138 19.99 -14.73 -22.35
C TYR B 138 20.54 -16.08 -22.03
N HIS B 139 20.19 -16.61 -20.86
CA HIS B 139 20.97 -17.58 -20.22
C HIS B 139 20.28 -18.96 -20.26
N ARG B 140 18.94 -19.03 -20.32
CA ARG B 140 18.19 -20.28 -20.09
C ARG B 140 17.48 -20.86 -21.33
N SER B 141 18.09 -20.65 -22.49
CA SER B 141 17.74 -21.34 -23.74
C SER B 141 16.29 -21.14 -24.10
N PRO B 142 15.92 -19.89 -24.26
CA PRO B 142 14.59 -19.63 -24.72
C PRO B 142 14.28 -20.24 -26.07
N PHE B 143 12.99 -20.49 -26.29
CA PHE B 143 12.48 -21.00 -27.57
C PHE B 143 12.15 -19.86 -28.51
N ARG B 144 12.36 -20.08 -29.81
CA ARG B 144 12.03 -19.11 -30.82
C ARG B 144 10.54 -19.06 -31.00
N GLY B 145 10.02 -17.87 -31.25
CA GLY B 145 8.68 -17.76 -31.86
C GLY B 145 8.75 -18.06 -33.31
N ASP B 146 8.73 -19.34 -33.61
CA ASP B 146 8.96 -19.88 -34.93
C ASP B 146 7.75 -20.60 -35.55
N ASN B 147 6.55 -20.37 -35.01
CA ASN B 147 5.37 -21.02 -35.58
C ASN B 147 5.45 -22.53 -35.41
N GLY B 148 6.14 -22.94 -34.34
CA GLY B 148 6.22 -24.38 -34.04
C GLY B 148 6.12 -24.62 -32.57
N TRP B 149 5.81 -25.87 -32.25
CA TRP B 149 5.74 -26.32 -30.86
C TRP B 149 7.11 -26.72 -30.26
N HIS B 150 7.29 -26.50 -28.96
CA HIS B 150 8.50 -26.95 -28.25
C HIS B 150 8.09 -27.40 -26.91
N SER B 151 8.84 -28.37 -26.40
CA SER B 151 8.55 -28.81 -25.06
CA SER B 151 8.54 -29.00 -25.11
C SER B 151 9.80 -29.07 -24.28
N ARG B 152 9.69 -28.95 -22.95
CA ARG B 152 10.84 -29.24 -22.12
C ARG B 152 10.37 -29.56 -20.70
N GLY B 153 11.16 -30.44 -20.07
CA GLY B 153 10.99 -30.71 -18.68
C GLY B 153 11.30 -29.51 -17.81
N LEU B 154 10.52 -29.32 -16.75
CA LEU B 154 10.64 -28.19 -15.82
C LEU B 154 11.26 -28.59 -14.50
N GLY B 155 11.44 -29.89 -14.26
CA GLY B 155 11.60 -30.38 -12.88
C GLY B 155 10.28 -30.44 -12.14
N TYR B 156 10.32 -30.92 -10.88
CA TYR B 156 9.10 -30.99 -10.04
C TYR B 156 7.97 -31.84 -10.58
N GLY B 157 8.25 -32.80 -11.45
CA GLY B 157 7.16 -33.59 -11.95
C GLY B 157 6.34 -32.87 -12.99
N LEU B 158 6.91 -31.76 -13.51
CA LEU B 158 6.23 -30.95 -14.50
C LEU B 158 6.97 -30.84 -15.82
N LYS B 159 6.23 -30.49 -16.86
CA LYS B 159 6.80 -30.13 -18.15
CA LYS B 159 6.77 -30.14 -18.18
C LYS B 159 5.97 -29.01 -18.76
N SER B 160 6.53 -28.35 -19.77
CA SER B 160 5.78 -27.35 -20.51
C SER B 160 5.82 -27.68 -21.96
N ARG B 161 4.75 -27.41 -22.66
CA ARG B 161 4.80 -27.36 -24.12
CA ARG B 161 4.82 -27.35 -24.13
C ARG B 161 4.16 -26.06 -24.58
N GLY B 162 4.74 -25.48 -25.62
CA GLY B 162 4.25 -24.23 -26.05
C GLY B 162 4.50 -23.90 -27.47
N PHE B 163 3.82 -22.84 -27.93
CA PHE B 163 3.86 -22.36 -29.31
C PHE B 163 3.86 -20.85 -29.28
N MET B 164 4.67 -20.22 -30.13
CA MET B 164 4.68 -18.79 -30.31
C MET B 164 4.87 -18.54 -31.79
N ASN B 165 4.10 -17.63 -32.34
CA ASN B 165 4.30 -17.26 -33.72
C ASN B 165 5.45 -16.27 -33.87
N SER B 166 5.69 -15.85 -35.13
CA SER B 166 6.92 -15.16 -35.46
C SER B 166 6.72 -13.64 -35.64
N SER B 167 5.48 -13.15 -35.69
CA SER B 167 5.23 -11.72 -36.06
C SER B 167 5.08 -10.80 -34.83
N GLY B 168 4.94 -9.52 -35.13
CA GLY B 168 4.75 -8.48 -34.12
C GLY B 168 3.39 -8.52 -33.51
N HIS B 169 2.49 -9.28 -34.06
CA HIS B 169 1.16 -9.48 -33.41
C HIS B 169 1.23 -10.90 -32.92
N ALA B 170 1.78 -11.06 -31.73
CA ALA B 170 2.15 -12.36 -31.23
C ALA B 170 1.07 -13.09 -30.44
N ILE B 171 1.10 -14.41 -30.59
CA ILE B 171 0.32 -15.32 -29.79
C ILE B 171 1.30 -16.25 -29.13
N LEU B 172 1.06 -16.52 -27.84
CA LEU B 172 1.86 -17.46 -27.06
C LEU B 172 0.94 -18.37 -26.28
N GLU B 173 0.99 -19.64 -26.61
CA GLU B 173 0.18 -20.67 -25.99
C GLU B 173 1.06 -21.66 -25.32
N ILE B 174 0.82 -21.79 -24.00
CA ILE B 174 1.60 -22.66 -23.12
C ILE B 174 0.68 -23.58 -22.33
N HIS B 175 1.10 -24.84 -22.24
CA HIS B 175 0.53 -25.82 -21.36
C HIS B 175 1.57 -26.31 -20.36
N VAL B 176 1.22 -26.21 -19.08
CA VAL B 176 2.06 -26.77 -18.02
C VAL B 176 1.40 -28.01 -17.49
N THR B 177 2.05 -29.16 -17.69
CA THR B 177 1.40 -30.45 -17.48
C THR B 177 2.30 -31.35 -16.63
N LYS B 178 1.82 -32.55 -16.28
CA LYS B 178 2.70 -33.44 -15.56
C LYS B 178 3.64 -34.11 -16.57
N ALA B 179 4.83 -34.32 -16.07
CA ALA B 179 5.88 -35.02 -16.79
C ALA B 179 5.50 -36.48 -16.63
N ASP C 3 4.09 6.39 -8.85
CA ASP C 3 5.17 7.32 -8.43
C ASP C 3 5.28 7.32 -6.89
N VAL C 4 6.50 7.52 -6.41
CA VAL C 4 6.79 7.31 -5.01
C VAL C 4 7.34 8.59 -4.42
N ALA C 5 7.10 8.76 -3.12
CA ALA C 5 7.80 9.77 -2.36
C ALA C 5 9.33 9.71 -2.59
N GLY C 6 9.93 10.85 -2.89
CA GLY C 6 11.33 10.88 -3.19
C GLY C 6 11.59 11.06 -4.67
N ALA C 7 10.53 10.89 -5.46
CA ALA C 7 10.66 11.11 -6.90
C ALA C 7 10.25 12.51 -7.31
N VAL C 8 10.69 12.86 -8.54
CA VAL C 8 10.17 13.98 -9.25
C VAL C 8 9.34 13.41 -10.42
N ILE C 9 8.21 14.03 -10.67
CA ILE C 9 7.31 13.75 -11.78
C ILE C 9 7.05 15.01 -12.60
N ASP C 10 6.50 14.82 -13.80
CA ASP C 10 6.00 15.94 -14.56
CA ASP C 10 5.96 15.92 -14.58
C ASP C 10 4.97 16.74 -13.78
N GLY C 11 5.14 18.07 -13.74
CA GLY C 11 4.28 18.93 -12.88
C GLY C 11 2.80 18.74 -13.12
N ALA C 12 2.41 18.62 -14.37
CA ALA C 12 1.00 18.48 -14.70
C ALA C 12 0.41 17.16 -14.23
N GLY C 13 1.26 16.18 -13.93
CA GLY C 13 0.83 14.93 -13.32
C GLY C 13 0.50 14.95 -11.85
N LEU C 14 0.81 16.04 -11.17
CA LEU C 14 0.54 16.10 -9.77
C LEU C 14 -0.97 16.32 -9.57
N GLY C 15 -1.54 15.56 -8.66
CA GLY C 15 -2.95 15.67 -8.33
C GLY C 15 -3.22 14.81 -7.11
N PHE C 16 -4.49 14.77 -6.73
CA PHE C 16 -4.85 14.10 -5.53
C PHE C 16 -4.59 12.60 -5.63
N ASP C 17 -4.83 12.01 -6.79
CA ASP C 17 -4.61 10.58 -6.98
C ASP C 17 -3.18 10.13 -6.62
N VAL C 18 -2.20 10.87 -7.12
CA VAL C 18 -0.79 10.58 -6.83
C VAL C 18 -0.48 10.69 -5.32
N LEU C 19 -1.04 11.69 -4.67
CA LEU C 19 -0.75 11.94 -3.26
C LEU C 19 -1.47 10.86 -2.44
N LYS C 20 -2.68 10.46 -2.86
CA LYS C 20 -3.35 9.41 -2.16
C LYS C 20 -2.53 8.13 -2.18
N THR C 21 -1.94 7.81 -3.30
CA THR C 21 -1.08 6.66 -3.37
C THR C 21 0.13 6.76 -2.45
N VAL C 22 0.75 7.93 -2.43
CA VAL C 22 1.87 8.17 -1.52
C VAL C 22 1.42 7.99 -0.05
N LEU C 23 0.29 8.57 0.31
CA LEU C 23 -0.23 8.44 1.66
C LEU C 23 -0.49 7.00 2.02
N GLU C 24 -1.08 6.23 1.09
CA GLU C 24 -1.45 4.84 1.39
C GLU C 24 -0.24 3.99 1.64
N ALA C 25 0.85 4.31 0.94
CA ALA C 25 2.10 3.52 1.05
C ALA C 25 2.77 3.59 2.44
N LEU C 26 2.42 4.59 3.24
CA LEU C 26 2.91 4.66 4.62
C LEU C 26 2.20 3.73 5.57
N GLY C 27 1.09 3.18 5.14
CA GLY C 27 0.40 2.14 5.95
C GLY C 27 -0.33 2.74 7.17
N ASN C 28 -0.54 1.90 8.18
CA ASN C 28 -1.46 2.23 9.24
C ASN C 28 -0.76 3.00 10.35
N VAL C 29 -0.64 4.31 10.17
CA VAL C 29 -0.17 5.20 11.25
C VAL C 29 -1.14 6.38 11.38
N LYS C 30 -1.23 6.91 12.59
CA LYS C 30 -2.37 7.73 12.98
C LYS C 30 -2.23 9.10 12.37
N ARG C 31 -0.98 9.57 12.22
CA ARG C 31 -0.67 10.89 11.68
C ARG C 31 0.40 10.75 10.60
N LYS C 32 0.06 11.12 9.40
CA LYS C 32 0.95 10.97 8.24
C LYS C 32 0.61 11.99 7.16
N ILE C 33 1.54 12.29 6.26
CA ILE C 33 1.32 13.29 5.21
C ILE C 33 1.94 12.86 3.93
N ALA C 34 1.24 13.12 2.81
CA ALA C 34 1.80 13.11 1.48
C ALA C 34 1.90 14.53 0.96
N VAL C 35 3.07 14.98 0.51
CA VAL C 35 3.28 16.32 0.07
C VAL C 35 3.71 16.27 -1.40
N GLY C 36 3.09 17.13 -2.21
CA GLY C 36 3.47 17.31 -3.63
C GLY C 36 3.60 18.78 -3.91
N ILE C 37 4.75 19.16 -4.45
CA ILE C 37 5.01 20.56 -4.79
C ILE C 37 5.42 20.71 -6.23
N ASP C 38 4.63 21.43 -7.00
CA ASP C 38 4.78 21.59 -8.44
C ASP C 38 5.56 22.89 -8.69
N ASN C 39 6.80 22.74 -9.18
CA ASN C 39 7.66 23.89 -9.56
C ASN C 39 7.35 24.39 -10.93
N GLU C 40 6.54 25.44 -11.00
CA GLU C 40 6.39 26.18 -12.27
C GLU C 40 6.89 27.57 -12.10
N SER C 41 7.98 27.72 -11.34
CA SER C 41 8.51 29.02 -10.96
C SER C 41 9.46 29.65 -11.91
N GLY C 42 9.88 28.90 -12.92
CA GLY C 42 10.91 29.30 -13.83
C GLY C 42 12.34 29.10 -13.33
N LYS C 43 12.47 28.67 -12.09
CA LYS C 43 13.77 28.54 -11.42
C LYS C 43 14.03 27.07 -11.06
N THR C 44 15.24 26.59 -11.14
CA THR C 44 15.57 25.23 -10.69
C THR C 44 15.61 25.29 -9.18
N TRP C 45 15.09 24.28 -8.50
CA TRP C 45 15.19 24.21 -7.06
C TRP C 45 16.14 23.09 -6.64
N THR C 46 16.93 23.33 -5.60
CA THR C 46 17.85 22.36 -5.07
C THR C 46 17.57 22.12 -3.61
N ALA C 47 17.38 20.87 -3.20
CA ALA C 47 17.01 20.68 -1.82
C ALA C 47 18.02 21.15 -0.85
N MET C 48 17.55 21.67 0.29
CA MET C 48 18.41 21.99 1.39
C MET C 48 18.17 21.00 2.51
N ASN C 49 17.01 21.10 3.10
CA ASN C 49 16.73 20.23 4.26
C ASN C 49 15.29 20.29 4.66
N THR C 50 14.91 19.39 5.57
CA THR C 50 13.57 19.40 6.25
C THR C 50 13.81 19.44 7.74
N TYR C 51 13.17 20.41 8.41
CA TYR C 51 13.16 20.49 9.84
C TYR C 51 11.83 19.88 10.34
N PHE C 52 11.94 18.88 11.24
CA PHE C 52 10.74 18.37 11.89
C PHE C 52 10.64 18.87 13.33
N ARG C 53 9.58 19.63 13.56
CA ARG C 53 9.14 19.99 14.91
C ARG C 53 8.58 18.77 15.62
N SER C 54 7.82 17.99 14.86
CA SER C 54 7.24 16.74 15.31
C SER C 54 7.31 15.74 14.15
N GLY C 55 7.53 14.48 14.49
CA GLY C 55 7.48 13.41 13.44
C GLY C 55 8.80 13.32 12.67
N THR C 56 8.77 12.55 11.60
CA THR C 56 9.93 12.03 10.87
CA THR C 56 9.96 12.22 10.83
C THR C 56 9.61 11.85 9.39
N SER C 57 10.63 11.64 8.58
CA SER C 57 10.41 11.05 7.29
C SER C 57 11.59 10.18 6.98
N ASP C 58 11.33 9.09 6.27
CA ASP C 58 12.41 8.25 5.77
C ASP C 58 12.88 8.66 4.37
N ILE C 59 12.24 9.68 3.78
CA ILE C 59 12.44 9.97 2.34
C ILE C 59 13.52 11.06 2.21
N VAL C 60 14.32 10.94 1.16
CA VAL C 60 15.25 11.97 0.77
C VAL C 60 14.52 13.01 -0.02
N LEU C 61 14.59 14.27 0.37
CA LEU C 61 13.95 15.31 -0.44
C LEU C 61 14.56 15.26 -1.82
N PRO C 62 13.74 15.30 -2.86
CA PRO C 62 14.25 15.20 -4.18
C PRO C 62 15.27 16.33 -4.44
N HIS C 63 16.44 15.91 -4.82
CA HIS C 63 17.60 16.84 -4.80
C HIS C 63 17.48 18.03 -5.75
N LYS C 64 17.07 17.73 -6.99
CA LYS C 64 16.90 18.75 -8.04
C LYS C 64 15.51 18.72 -8.60
N VAL C 65 14.82 19.84 -8.56
CA VAL C 65 13.44 19.94 -9.07
C VAL C 65 13.47 21.09 -10.10
N ALA C 66 13.54 20.69 -11.35
CA ALA C 66 13.46 21.62 -12.45
C ALA C 66 12.13 22.29 -12.60
N HIS C 67 12.15 23.46 -13.26
CA HIS C 67 10.90 24.01 -13.73
C HIS C 67 10.16 23.00 -14.61
N GLY C 68 8.88 22.88 -14.33
CA GLY C 68 7.99 21.93 -15.01
C GLY C 68 7.88 20.60 -14.28
N LYS C 69 8.58 20.44 -13.17
CA LYS C 69 8.57 19.16 -12.42
C LYS C 69 7.95 19.36 -11.06
N ALA C 70 7.30 18.31 -10.52
CA ALA C 70 6.81 18.27 -9.17
C ALA C 70 7.52 17.23 -8.33
N LEU C 71 7.78 17.60 -7.09
CA LEU C 71 8.40 16.71 -6.16
C LEU C 71 7.36 16.04 -5.26
N LEU C 72 7.61 14.78 -4.93
CA LEU C 72 6.83 13.99 -4.00
C LEU C 72 7.56 13.73 -2.72
N TYR C 73 6.87 13.85 -1.58
CA TYR C 73 7.53 13.70 -0.28
C TYR C 73 6.50 13.17 0.70
N ASN C 74 6.93 12.68 1.84
CA ASN C 74 6.02 12.27 2.89
C ASN C 74 6.62 12.46 4.28
N GLY C 75 5.79 12.24 5.28
CA GLY C 75 6.24 12.27 6.66
C GLY C 75 5.24 11.52 7.52
N GLN C 76 5.64 11.18 8.72
CA GLN C 76 4.74 10.44 9.65
C GLN C 76 5.13 10.77 11.07
N LYS C 77 4.21 10.47 11.99
CA LYS C 77 4.49 10.77 13.39
C LYS C 77 5.59 9.83 13.90
N ASN C 78 6.16 10.21 15.04
CA ASN C 78 7.20 9.40 15.67
C ASN C 78 6.43 8.19 16.16
N ARG C 79 7.09 7.04 16.15
CA ARG C 79 6.38 5.77 16.50
C ARG C 79 6.05 5.78 17.98
N GLY C 80 4.87 5.26 18.31
CA GLY C 80 4.53 4.87 19.68
C GLY C 80 3.35 5.70 20.09
N PRO C 81 3.02 5.67 21.39
CA PRO C 81 1.86 6.43 21.85
C PRO C 81 2.13 7.91 22.11
N VAL C 82 3.29 8.42 21.71
CA VAL C 82 3.63 9.82 21.98
C VAL C 82 2.62 10.72 21.32
N ALA C 83 2.19 11.75 22.04
CA ALA C 83 1.06 12.60 21.73
C ALA C 83 1.53 13.73 20.83
N THR C 84 2.22 13.38 19.76
CA THR C 84 2.70 14.38 18.78
C THR C 84 2.34 14.00 17.38
N GLY C 85 2.41 14.95 16.47
CA GLY C 85 1.97 14.73 15.09
C GLY C 85 3.11 14.72 14.10
N VAL C 86 2.83 15.25 12.92
CA VAL C 86 3.91 15.46 11.92
C VAL C 86 3.86 16.92 11.48
N VAL C 87 4.93 17.62 11.83
CA VAL C 87 4.98 19.11 11.76
C VAL C 87 6.37 19.48 11.32
N GLY C 88 6.45 20.21 10.24
CA GLY C 88 7.86 20.53 9.76
C GLY C 88 7.87 21.55 8.69
N VAL C 89 9.08 21.83 8.26
CA VAL C 89 9.33 22.79 7.18
C VAL C 89 10.35 22.22 6.22
N ILE C 90 9.97 22.27 4.93
CA ILE C 90 10.86 21.91 3.81
C ILE C 90 11.52 23.18 3.26
N ALA C 91 12.82 23.14 3.07
CA ALA C 91 13.52 24.27 2.43
C ALA C 91 14.20 23.80 1.13
N TYR C 92 13.94 24.56 0.06
CA TYR C 92 14.65 24.43 -1.23
C TYR C 92 15.33 25.75 -1.55
N SER C 93 16.58 25.68 -2.03
CA SER C 93 17.26 26.82 -2.61
CA SER C 93 17.20 26.85 -2.60
C SER C 93 16.81 26.96 -4.06
N MET C 94 16.44 28.17 -4.45
CA MET C 94 16.10 28.40 -5.85
C MET C 94 17.28 28.99 -6.54
N SER C 95 17.28 28.93 -7.89
CA SER C 95 18.43 29.31 -8.66
C SER C 95 18.69 30.84 -8.72
N ASP C 96 17.77 31.59 -8.09
CA ASP C 96 17.98 33.01 -7.79
C ASP C 96 18.68 33.24 -6.46
N GLY C 97 18.98 32.17 -5.72
CA GLY C 97 19.65 32.32 -4.44
C GLY C 97 18.74 32.44 -3.26
N ASN C 98 17.44 32.54 -3.48
CA ASN C 98 16.49 32.67 -2.40
C ASN C 98 15.99 31.30 -1.98
N THR C 99 15.24 31.20 -0.89
CA THR C 99 14.78 29.90 -0.40
C THR C 99 13.28 29.83 -0.47
N LEU C 100 12.76 28.74 -1.03
CA LEU C 100 11.38 28.39 -0.94
C LEU C 100 11.17 27.49 0.26
N ALA C 101 10.28 27.92 1.15
CA ALA C 101 10.01 27.17 2.41
C ALA C 101 8.54 26.78 2.42
N VAL C 102 8.28 25.55 2.80
CA VAL C 102 6.93 24.99 2.90
C VAL C 102 6.74 24.44 4.30
N LEU C 103 5.72 24.95 4.97
CA LEU C 103 5.31 24.43 6.30
C LEU C 103 4.19 23.42 6.11
N PHE C 104 4.21 22.32 6.88
CA PHE C 104 3.04 21.47 7.08
C PHE C 104 2.90 21.23 8.56
N SER C 105 1.63 21.19 9.00
CA SER C 105 1.36 20.80 10.40
C SER C 105 0.15 19.88 10.44
N VAL C 106 0.39 18.68 10.93
CA VAL C 106 -0.64 17.65 11.11
C VAL C 106 -0.62 17.28 12.61
N PRO C 107 -1.52 17.87 13.39
CA PRO C 107 -1.38 17.79 14.86
C PRO C 107 -1.85 16.45 15.38
N TYR C 108 -1.35 16.09 16.55
CA TYR C 108 -1.93 14.98 17.28
CA TYR C 108 -1.95 14.99 17.32
C TYR C 108 -3.36 15.29 17.78
N ASP C 109 -3.55 16.43 18.48
CA ASP C 109 -4.83 16.72 19.18
C ASP C 109 -5.71 17.62 18.30
N TYR C 110 -6.63 17.02 17.54
CA TYR C 110 -7.55 17.81 16.73
C TYR C 110 -8.68 18.46 17.52
N ASN C 111 -8.75 18.24 18.84
CA ASN C 111 -9.77 18.90 19.60
C ASN C 111 -9.43 20.42 19.54
N TRP C 112 -8.13 20.77 19.61
CA TRP C 112 -7.67 22.14 19.72
C TRP C 112 -7.04 22.66 18.43
N TYR C 113 -6.26 21.79 17.79
CA TYR C 113 -5.55 22.14 16.59
C TYR C 113 -6.24 21.71 15.32
N SER C 114 -5.83 22.36 14.24
CA SER C 114 -6.16 21.98 12.88
C SER C 114 -4.90 21.66 12.12
N ASN C 115 -5.08 21.06 10.96
CA ASN C 115 -4.03 21.08 9.96
C ASN C 115 -3.74 22.50 9.44
N TRP C 116 -2.45 22.80 9.21
CA TRP C 116 -2.05 24.07 8.63
C TRP C 116 -0.91 23.83 7.62
N TRP C 117 -0.80 24.75 6.66
CA TRP C 117 0.32 24.74 5.78
C TRP C 117 0.71 26.18 5.42
N ASN C 118 1.88 26.38 4.84
CA ASN C 118 2.26 27.68 4.42
C ASN C 118 3.39 27.57 3.40
N VAL C 119 3.59 28.65 2.62
CA VAL C 119 4.64 28.75 1.60
CA VAL C 119 4.69 28.70 1.69
C VAL C 119 5.15 30.16 1.68
N ARG C 120 6.48 30.32 1.73
CA ARG C 120 7.19 31.63 1.86
CA ARG C 120 7.00 31.63 1.64
C ARG C 120 8.41 31.55 1.02
N VAL C 121 8.84 32.66 0.41
CA VAL C 121 10.19 32.78 -0.10
C VAL C 121 10.92 33.66 0.89
N TYR C 122 12.10 33.19 1.31
CA TYR C 122 13.03 33.91 2.14
C TYR C 122 14.17 34.42 1.29
N LYS C 123 14.67 35.63 1.64
CA LYS C 123 15.83 36.17 1.00
C LYS C 123 17.11 35.40 1.32
N GLY C 124 17.88 34.98 0.31
CA GLY C 124 19.07 34.20 0.52
C GLY C 124 18.81 32.75 0.86
N GLN C 125 19.89 32.08 1.26
CA GLN C 125 19.92 30.65 1.45
C GLN C 125 19.74 30.34 2.91
N LYS C 126 18.55 29.90 3.28
CA LYS C 126 18.25 29.64 4.68
C LYS C 126 17.76 28.21 4.95
N ARG C 127 18.45 27.48 5.82
CA ARG C 127 17.97 26.16 6.18
C ARG C 127 16.72 26.22 7.02
N ALA C 128 15.93 25.19 6.88
CA ALA C 128 14.73 25.00 7.73
C ALA C 128 15.21 24.70 9.14
N ASP C 129 14.56 25.35 10.12
CA ASP C 129 14.89 25.19 11.51
C ASP C 129 13.69 25.67 12.35
N GLN C 130 13.85 25.59 13.67
CA GLN C 130 12.76 25.93 14.59
C GLN C 130 12.28 27.40 14.37
N ARG C 131 13.23 28.29 14.10
CA ARG C 131 12.88 29.67 13.90
C ARG C 131 12.00 29.83 12.65
N MET C 132 12.33 29.11 11.56
CA MET C 132 11.53 29.16 10.37
C MET C 132 10.13 28.62 10.66
N TYR C 133 10.09 27.49 11.36
CA TYR C 133 8.84 26.90 11.73
C TYR C 133 7.98 27.93 12.49
N GLU C 134 8.52 28.59 13.48
CA GLU C 134 7.74 29.48 14.31
C GLU C 134 7.24 30.62 13.45
N GLU C 135 8.08 31.12 12.56
CA GLU C 135 7.66 32.23 11.72
C GLU C 135 6.47 31.78 10.85
N LEU C 136 6.59 30.64 10.17
CA LEU C 136 5.57 30.20 9.21
C LEU C 136 4.28 29.80 9.88
N TYR C 137 4.38 29.22 11.07
CA TYR C 137 3.18 28.73 11.77
C TYR C 137 2.46 29.81 12.54
N TYR C 138 3.19 30.69 13.23
CA TYR C 138 2.58 31.65 14.08
C TYR C 138 2.47 33.01 13.46
N HIS C 139 3.46 33.44 12.68
CA HIS C 139 3.57 34.86 12.35
C HIS C 139 3.35 35.20 10.89
N ARG C 140 3.28 34.22 10.01
CA ARG C 140 3.13 34.49 8.60
C ARG C 140 1.86 33.96 7.98
N SER C 141 0.77 33.98 8.74
CA SER C 141 -0.56 33.68 8.19
C SER C 141 -0.67 32.39 7.44
N PRO C 142 -0.42 31.23 8.11
CA PRO C 142 -0.63 29.97 7.40
C PRO C 142 -2.08 29.78 6.95
N PHE C 143 -2.22 28.86 6.01
CA PHE C 143 -3.51 28.42 5.46
C PHE C 143 -4.02 27.21 6.21
N ARG C 144 -5.30 27.23 6.53
CA ARG C 144 -5.86 26.04 7.20
C ARG C 144 -6.01 24.89 6.23
N GLY C 145 -5.80 23.68 6.74
CA GLY C 145 -6.16 22.46 6.00
C GLY C 145 -7.64 22.28 6.09
N ASP C 146 -8.34 22.97 5.20
CA ASP C 146 -9.80 23.08 5.21
C ASP C 146 -10.46 22.45 4.04
N ASN C 147 -9.76 21.59 3.32
CA ASN C 147 -10.33 20.98 2.12
C ASN C 147 -10.67 21.96 1.04
N GLY C 148 -9.94 23.08 1.04
CA GLY C 148 -10.13 24.18 0.09
C GLY C 148 -8.77 24.66 -0.47
N TRP C 149 -8.84 25.29 -1.65
CA TRP C 149 -7.74 25.95 -2.31
C TRP C 149 -7.50 27.32 -1.76
N HIS C 150 -6.22 27.67 -1.65
CA HIS C 150 -5.81 29.03 -1.25
C HIS C 150 -4.65 29.53 -2.10
N SER C 151 -4.74 30.77 -2.53
CA SER C 151 -3.73 31.41 -3.38
C SER C 151 -3.19 32.66 -2.70
N ARG C 152 -1.90 32.94 -2.90
CA ARG C 152 -1.35 34.18 -2.37
C ARG C 152 -0.07 34.50 -3.08
N GLY C 153 0.23 35.79 -3.29
CA GLY C 153 1.45 36.21 -3.88
C GLY C 153 2.59 35.97 -2.91
N LEU C 154 3.77 35.65 -3.44
CA LEU C 154 4.95 35.32 -2.68
C LEU C 154 5.97 36.44 -2.69
N GLY C 155 5.73 37.46 -3.51
CA GLY C 155 6.83 38.33 -3.94
C GLY C 155 7.66 37.61 -4.97
N TYR C 156 8.73 38.30 -5.38
CA TYR C 156 9.75 37.60 -6.19
C TYR C 156 9.19 37.16 -7.52
N GLY C 157 8.11 37.83 -7.97
CA GLY C 157 7.44 37.48 -9.22
C GLY C 157 6.77 36.10 -9.19
N LEU C 158 6.51 35.58 -8.00
CA LEU C 158 5.92 34.25 -7.84
C LEU C 158 4.59 34.28 -7.05
N LYS C 159 3.88 33.19 -7.20
CA LYS C 159 2.68 33.01 -6.37
C LYS C 159 2.49 31.55 -6.10
N SER C 160 1.72 31.29 -5.03
CA SER C 160 1.42 29.95 -4.59
C SER C 160 -0.09 29.71 -4.65
N ARG C 161 -0.43 28.45 -4.94
CA ARG C 161 -1.82 27.99 -4.87
CA ARG C 161 -1.83 27.98 -4.87
C ARG C 161 -1.78 26.57 -4.33
N GLY C 162 -2.49 26.29 -3.25
CA GLY C 162 -2.40 24.95 -2.68
C GLY C 162 -3.66 24.55 -1.95
N PHE C 163 -3.66 23.26 -1.56
CA PHE C 163 -4.81 22.61 -0.99
C PHE C 163 -4.26 21.66 0.08
N MET C 164 -4.91 21.62 1.23
CA MET C 164 -4.66 20.59 2.23
C MET C 164 -6.00 20.13 2.76
N ASN C 165 -6.10 18.81 2.93
CA ASN C 165 -7.28 18.31 3.62
C ASN C 165 -7.18 18.50 5.12
N SER C 166 -8.22 18.08 5.84
CA SER C 166 -8.36 18.39 7.30
C SER C 166 -8.03 17.17 8.22
N SER C 167 -7.82 15.98 7.64
CA SER C 167 -7.68 14.85 8.51
C SER C 167 -6.21 14.45 8.79
N GLY C 168 -6.02 13.51 9.70
CA GLY C 168 -4.68 13.15 10.16
C GLY C 168 -3.96 12.25 9.17
N HIS C 169 -4.70 11.76 8.20
CA HIS C 169 -4.07 11.23 6.99
C HIS C 169 -4.12 12.30 5.92
N ALA C 170 -3.04 13.09 5.90
CA ALA C 170 -3.09 14.42 5.24
C ALA C 170 -2.50 14.39 3.83
N ILE C 171 -3.04 15.19 2.92
CA ILE C 171 -2.43 15.45 1.63
C ILE C 171 -2.26 16.94 1.53
N LEU C 172 -1.11 17.36 0.96
CA LEU C 172 -0.85 18.77 0.72
C LEU C 172 -0.34 18.88 -0.69
N GLU C 173 -1.02 19.66 -1.54
CA GLU C 173 -0.69 19.82 -2.91
C GLU C 173 -0.45 21.31 -3.09
N ILE C 174 0.75 21.65 -3.56
CA ILE C 174 1.10 23.06 -3.77
C ILE C 174 1.64 23.30 -5.17
N HIS C 175 1.22 24.43 -5.78
CA HIS C 175 1.79 24.86 -7.05
C HIS C 175 2.42 26.23 -6.91
N VAL C 176 3.66 26.36 -7.35
CA VAL C 176 4.36 27.63 -7.29
C VAL C 176 4.57 28.06 -8.72
N THR C 177 3.92 29.17 -9.06
CA THR C 177 3.84 29.64 -10.45
C THR C 177 4.39 31.07 -10.59
N LYS C 178 4.59 31.53 -11.82
CA LYS C 178 5.00 32.94 -12.07
C LYS C 178 3.77 33.80 -11.93
N ALA C 179 3.94 34.91 -11.24
CA ALA C 179 2.91 35.92 -11.12
C ALA C 179 2.64 36.67 -12.44
N ALA D 2 -29.51 22.55 -18.13
CA ALA D 2 -29.47 22.75 -16.65
C ALA D 2 -28.67 21.63 -15.93
N ASP D 3 -28.61 21.69 -14.61
CA ASP D 3 -28.18 20.55 -13.81
C ASP D 3 -29.31 19.53 -13.69
N VAL D 4 -29.68 18.95 -14.83
CA VAL D 4 -30.64 17.84 -14.93
C VAL D 4 -30.09 16.68 -15.70
N ALA D 5 -30.59 15.50 -15.33
CA ALA D 5 -30.23 14.32 -16.05
C ALA D 5 -30.66 14.52 -17.54
N GLY D 6 -29.77 14.06 -18.44
CA GLY D 6 -29.98 14.22 -19.85
C GLY D 6 -29.28 15.42 -20.46
N ALA D 7 -28.78 16.30 -19.62
CA ALA D 7 -28.06 17.49 -20.09
C ALA D 7 -26.57 17.28 -20.03
N VAL D 8 -25.87 18.18 -20.70
CA VAL D 8 -24.41 18.31 -20.44
C VAL D 8 -24.14 19.65 -19.78
N ILE D 9 -23.09 19.68 -18.98
CA ILE D 9 -22.64 20.80 -18.17
C ILE D 9 -21.15 21.02 -18.39
N ASP D 10 -20.67 22.19 -18.03
CA ASP D 10 -19.20 22.39 -18.00
C ASP D 10 -18.57 21.36 -17.12
N GLY D 11 -17.49 20.73 -17.59
CA GLY D 11 -16.94 19.59 -16.91
C GLY D 11 -16.43 19.92 -15.53
N ALA D 12 -15.92 21.13 -15.38
CA ALA D 12 -15.44 21.59 -14.08
C ALA D 12 -16.54 21.70 -13.05
N GLY D 13 -17.78 21.80 -13.50
CA GLY D 13 -18.91 21.87 -12.59
C GLY D 13 -19.34 20.54 -12.07
N LEU D 14 -18.84 19.47 -12.61
CA LEU D 14 -19.25 18.17 -12.08
C LEU D 14 -18.72 17.93 -10.65
N GLY D 15 -19.56 17.44 -9.77
CA GLY D 15 -19.16 17.10 -8.43
C GLY D 15 -20.32 16.54 -7.65
N PHE D 16 -20.12 16.36 -6.35
CA PHE D 16 -21.06 15.68 -5.54
C PHE D 16 -22.36 16.44 -5.45
N ASP D 17 -22.31 17.75 -5.41
CA ASP D 17 -23.53 18.57 -5.22
C ASP D 17 -24.45 18.39 -6.44
N VAL D 18 -23.88 18.41 -7.63
CA VAL D 18 -24.68 18.30 -8.86
C VAL D 18 -25.30 16.94 -8.90
N LEU D 19 -24.56 15.91 -8.55
CA LEU D 19 -25.07 14.54 -8.59
C LEU D 19 -26.13 14.26 -7.52
N LYS D 20 -25.95 14.87 -6.33
CA LYS D 20 -27.03 14.75 -5.32
CA LYS D 20 -27.01 14.83 -5.26
C LYS D 20 -28.31 15.43 -5.79
N THR D 21 -28.21 16.53 -6.50
CA THR D 21 -29.39 17.24 -7.00
C THR D 21 -30.09 16.31 -8.01
N VAL D 22 -29.33 15.77 -8.92
CA VAL D 22 -29.91 14.78 -9.90
C VAL D 22 -30.58 13.60 -9.15
N LEU D 23 -29.86 13.02 -8.19
CA LEU D 23 -30.40 11.87 -7.45
C LEU D 23 -31.66 12.21 -6.69
N GLU D 24 -31.67 13.34 -6.01
CA GLU D 24 -32.79 13.81 -5.18
C GLU D 24 -33.99 14.22 -6.02
N ALA D 25 -33.76 14.49 -7.31
CA ALA D 25 -34.84 14.92 -8.17
C ALA D 25 -35.73 13.70 -8.51
N LEU D 26 -35.19 12.49 -8.43
CA LEU D 26 -36.00 11.28 -8.62
C LEU D 26 -36.92 10.90 -7.46
N GLY D 27 -36.72 11.43 -6.28
CA GLY D 27 -37.75 11.03 -5.25
C GLY D 27 -37.59 9.59 -4.72
N ASN D 28 -38.55 9.11 -3.95
CA ASN D 28 -38.17 8.15 -2.92
C ASN D 28 -38.18 6.68 -3.37
N VAL D 29 -37.88 6.42 -4.61
CA VAL D 29 -37.86 5.06 -5.16
C VAL D 29 -36.75 4.27 -4.47
N LYS D 30 -36.93 2.97 -4.30
CA LYS D 30 -36.01 2.24 -3.47
C LYS D 30 -34.57 2.17 -3.91
N ARG D 31 -34.37 1.99 -5.21
CA ARG D 31 -33.05 1.94 -5.81
C ARG D 31 -33.03 2.89 -7.00
N LYS D 32 -31.99 3.70 -7.02
CA LYS D 32 -31.78 4.70 -8.08
C LYS D 32 -30.39 5.14 -8.10
N ILE D 33 -30.04 5.77 -9.20
CA ILE D 33 -28.66 6.24 -9.38
C ILE D 33 -28.64 7.51 -10.18
N ALA D 34 -27.69 8.37 -9.85
CA ALA D 34 -27.33 9.57 -10.64
C ALA D 34 -25.91 9.33 -11.14
N VAL D 35 -25.66 9.51 -12.43
CA VAL D 35 -24.35 9.25 -13.05
C VAL D 35 -23.89 10.52 -13.68
N GLY D 36 -22.65 10.91 -13.42
CA GLY D 36 -22.03 12.00 -14.12
C GLY D 36 -20.69 11.59 -14.66
N ILE D 37 -20.39 11.90 -15.94
CA ILE D 37 -19.14 11.48 -16.56
C ILE D 37 -18.56 12.76 -17.23
N ASP D 38 -17.41 13.18 -16.76
CA ASP D 38 -16.69 14.35 -17.22
C ASP D 38 -15.72 13.92 -18.37
N ASN D 39 -15.98 14.42 -19.58
CA ASN D 39 -15.15 14.13 -20.74
C ASN D 39 -14.03 15.18 -20.81
N GLU D 40 -12.82 14.83 -20.36
CA GLU D 40 -11.61 15.59 -20.62
C GLU D 40 -10.63 14.73 -21.44
N SER D 41 -11.20 13.93 -22.33
CA SER D 41 -10.43 12.97 -23.11
C SER D 41 -9.78 13.52 -24.39
N GLY D 42 -10.12 14.75 -24.76
CA GLY D 42 -9.76 15.34 -26.06
C GLY D 42 -10.50 14.78 -27.25
N LYS D 43 -11.48 13.99 -26.97
CA LYS D 43 -12.32 13.39 -28.03
C LYS D 43 -13.72 13.84 -27.83
N THR D 44 -14.57 13.68 -28.86
CA THR D 44 -15.98 13.95 -28.76
C THR D 44 -16.69 12.63 -28.64
N TRP D 45 -17.69 12.56 -27.74
CA TRP D 45 -18.43 11.30 -27.49
C TRP D 45 -19.85 11.40 -28.07
N THR D 46 -20.30 10.31 -28.68
CA THR D 46 -21.68 10.14 -29.18
C THR D 46 -22.35 9.03 -28.49
N ALA D 47 -23.51 9.29 -27.88
CA ALA D 47 -24.19 8.25 -27.13
C ALA D 47 -24.60 7.10 -28.03
N MET D 48 -24.38 5.86 -27.55
CA MET D 48 -24.92 4.69 -28.21
C MET D 48 -26.15 4.18 -27.54
N ASN D 49 -25.98 3.62 -26.35
CA ASN D 49 -27.12 3.05 -25.66
C ASN D 49 -26.75 2.74 -24.20
N THR D 50 -27.81 2.44 -23.47
CA THR D 50 -27.69 1.84 -22.13
C THR D 50 -28.38 0.48 -22.12
N TYR D 51 -27.60 -0.55 -21.73
CA TYR D 51 -28.10 -1.85 -21.48
C TYR D 51 -28.44 -1.92 -19.99
N PHE D 52 -29.70 -2.27 -19.69
CA PHE D 52 -30.11 -2.56 -18.30
C PHE D 52 -30.26 -4.04 -18.07
N ARG D 53 -29.40 -4.60 -17.23
CA ARG D 53 -29.63 -5.88 -16.61
C ARG D 53 -30.85 -5.81 -15.71
N SER D 54 -30.95 -4.73 -14.97
CA SER D 54 -32.07 -4.50 -14.04
C SER D 54 -32.37 -3.00 -14.09
N GLY D 55 -33.66 -2.69 -13.98
CA GLY D 55 -34.05 -1.29 -13.91
C GLY D 55 -34.15 -0.58 -15.23
N THR D 56 -34.27 0.73 -15.18
CA THR D 56 -34.65 1.52 -16.30
C THR D 56 -34.26 2.98 -16.18
N SER D 57 -34.48 3.80 -17.21
CA SER D 57 -34.33 5.23 -17.12
C SER D 57 -35.40 5.83 -18.02
N ASP D 58 -35.90 6.98 -17.70
CA ASP D 58 -36.77 7.71 -18.64
C ASP D 58 -36.18 8.93 -19.33
N ILE D 59 -34.87 8.98 -19.15
CA ILE D 59 -33.87 9.97 -19.69
C ILE D 59 -33.27 9.44 -20.90
N VAL D 60 -33.06 10.25 -21.94
CA VAL D 60 -32.19 9.86 -23.02
C VAL D 60 -30.78 10.28 -22.72
N LEU D 61 -29.81 9.41 -23.05
CA LEU D 61 -28.44 9.73 -22.84
C LEU D 61 -28.12 11.02 -23.56
N PRO D 62 -27.32 11.89 -22.89
CA PRO D 62 -26.89 13.06 -23.65
C PRO D 62 -26.24 12.69 -24.98
N HIS D 63 -26.71 13.23 -26.11
CA HIS D 63 -26.31 12.70 -27.43
C HIS D 63 -24.84 12.92 -27.78
N LYS D 64 -24.39 14.13 -27.50
CA LYS D 64 -23.05 14.56 -27.90
CA LYS D 64 -23.05 14.56 -27.89
C LYS D 64 -22.37 15.19 -26.69
N VAL D 65 -21.19 14.74 -26.36
CA VAL D 65 -20.47 15.21 -25.17
C VAL D 65 -19.08 15.60 -25.64
N ALA D 66 -18.89 16.90 -25.80
CA ALA D 66 -17.65 17.48 -26.22
C ALA D 66 -16.58 17.35 -25.13
N HIS D 67 -15.33 17.41 -25.56
CA HIS D 67 -14.25 17.60 -24.60
C HIS D 67 -14.54 18.85 -23.80
N GLY D 68 -14.35 18.74 -22.49
CA GLY D 68 -14.64 19.88 -21.59
C GLY D 68 -16.06 19.89 -20.98
N LYS D 69 -16.88 18.91 -21.37
CA LYS D 69 -18.23 18.79 -20.88
C LYS D 69 -18.43 17.53 -20.07
N ALA D 70 -19.37 17.53 -19.09
CA ALA D 70 -19.79 16.37 -18.41
C ALA D 70 -21.24 16.05 -18.73
N LEU D 71 -21.53 14.76 -18.87
CA LEU D 71 -22.90 14.33 -19.08
C LEU D 71 -23.53 13.94 -17.76
N LEU D 72 -24.82 14.20 -17.61
CA LEU D 72 -25.59 13.80 -16.44
C LEU D 72 -26.67 12.82 -16.89
N TYR D 73 -26.87 11.77 -16.10
CA TYR D 73 -27.83 10.68 -16.40
C TYR D 73 -28.38 10.09 -15.14
N ASN D 74 -29.45 9.30 -15.22
CA ASN D 74 -30.01 8.69 -14.04
C ASN D 74 -30.66 7.41 -14.46
N GLY D 75 -31.00 6.65 -13.44
CA GLY D 75 -31.81 5.47 -13.59
C GLY D 75 -32.43 5.01 -12.31
N GLN D 76 -33.37 4.08 -12.42
CA GLN D 76 -34.07 3.63 -11.22
C GLN D 76 -34.57 2.23 -11.39
N LYS D 77 -34.92 1.57 -10.29
CA LYS D 77 -35.47 0.24 -10.41
C LYS D 77 -36.84 0.26 -11.12
N ASN D 78 -37.21 -0.91 -11.62
CA ASN D 78 -38.50 -1.05 -12.28
C ASN D 78 -39.63 -0.78 -11.29
N ARG D 79 -40.73 -0.29 -11.84
CA ARG D 79 -41.90 0.15 -11.07
C ARG D 79 -42.50 -1.05 -10.33
N GLY D 80 -43.08 -0.78 -9.18
CA GLY D 80 -43.81 -1.80 -8.44
C GLY D 80 -42.87 -2.65 -7.60
N PRO D 81 -43.37 -3.77 -7.05
CA PRO D 81 -42.67 -4.30 -5.90
C PRO D 81 -41.47 -5.20 -6.25
N VAL D 82 -41.30 -5.54 -7.54
CA VAL D 82 -40.31 -6.55 -7.93
C VAL D 82 -38.95 -6.27 -7.25
N ALA D 83 -38.29 -7.34 -6.79
CA ALA D 83 -37.06 -7.23 -5.99
C ALA D 83 -35.77 -7.20 -6.81
N THR D 84 -35.68 -6.20 -7.67
CA THR D 84 -34.54 -5.94 -8.52
C THR D 84 -34.07 -4.48 -8.37
N GLY D 85 -32.86 -4.22 -8.81
CA GLY D 85 -32.18 -2.94 -8.61
C GLY D 85 -32.03 -2.19 -9.89
N VAL D 86 -30.90 -1.50 -10.04
CA VAL D 86 -30.58 -0.76 -11.24
C VAL D 86 -29.14 -1.06 -11.55
N VAL D 87 -29.00 -1.82 -12.66
CA VAL D 87 -27.75 -2.44 -13.02
C VAL D 87 -27.62 -2.36 -14.53
N GLY D 88 -26.48 -1.86 -15.00
CA GLY D 88 -26.43 -1.69 -16.47
C GLY D 88 -25.12 -1.14 -16.92
N VAL D 89 -25.08 -0.87 -18.25
CA VAL D 89 -23.87 -0.39 -18.86
C VAL D 89 -24.22 0.69 -19.87
N ILE D 90 -23.55 1.82 -19.73
CA ILE D 90 -23.62 2.92 -20.68
C ILE D 90 -22.53 2.77 -21.71
N ALA D 91 -22.84 2.94 -22.99
CA ALA D 91 -21.83 2.97 -24.06
C ALA D 91 -21.85 4.28 -24.84
N TYR D 92 -20.67 4.88 -24.95
CA TYR D 92 -20.46 6.03 -25.81
C TYR D 92 -19.43 5.70 -26.87
N SER D 93 -19.74 6.08 -28.11
CA SER D 93 -18.74 6.02 -29.16
C SER D 93 -17.85 7.27 -29.12
N MET D 94 -16.56 7.11 -29.00
CA MET D 94 -15.60 8.21 -29.02
C MET D 94 -15.04 8.42 -30.44
N SER D 95 -14.66 9.69 -30.67
CA SER D 95 -14.40 10.12 -32.03
C SER D 95 -13.16 9.52 -32.71
N ASP D 96 -12.24 8.90 -31.95
CA ASP D 96 -11.12 8.22 -32.57
C ASP D 96 -11.33 6.72 -32.75
N GLY D 97 -12.57 6.28 -32.63
CA GLY D 97 -12.99 4.98 -33.13
C GLY D 97 -13.18 3.93 -32.06
N ASN D 98 -13.08 4.26 -30.77
CA ASN D 98 -13.30 3.26 -29.73
C ASN D 98 -14.49 3.58 -28.87
N THR D 99 -14.80 2.76 -27.87
CA THR D 99 -16.03 2.86 -27.10
C THR D 99 -15.74 3.03 -25.62
N LEU D 100 -16.32 4.04 -25.02
CA LEU D 100 -16.24 4.15 -23.56
C LEU D 100 -17.42 3.44 -23.00
N ALA D 101 -17.14 2.54 -22.05
CA ALA D 101 -18.17 1.76 -21.39
C ALA D 101 -18.12 1.96 -19.89
N VAL D 102 -19.28 2.19 -19.31
CA VAL D 102 -19.45 2.43 -17.88
C VAL D 102 -20.46 1.45 -17.30
N LEU D 103 -20.02 0.66 -16.35
CA LEU D 103 -20.90 -0.23 -15.55
C LEU D 103 -21.32 0.47 -14.29
N PHE D 104 -22.58 0.27 -13.96
CA PHE D 104 -23.09 0.51 -12.62
C PHE D 104 -23.87 -0.72 -12.14
N SER D 105 -23.78 -1.03 -10.84
CA SER D 105 -24.61 -1.98 -10.21
C SER D 105 -25.08 -1.52 -8.86
N VAL D 106 -26.39 -1.37 -8.75
CA VAL D 106 -27.05 -0.94 -7.49
C VAL D 106 -28.08 -2.00 -7.16
N PRO D 107 -27.70 -2.97 -6.35
CA PRO D 107 -28.56 -4.13 -6.20
C PRO D 107 -29.76 -3.84 -5.29
N TYR D 108 -30.80 -4.67 -5.41
CA TYR D 108 -31.90 -4.64 -4.50
C TYR D 108 -31.53 -5.10 -3.11
N ASP D 109 -30.83 -6.20 -3.03
CA ASP D 109 -30.63 -6.89 -1.76
C ASP D 109 -29.17 -6.79 -1.36
N TYR D 110 -28.87 -5.98 -0.34
CA TYR D 110 -27.48 -5.88 0.12
C TYR D 110 -27.06 -6.94 1.15
N ASN D 111 -27.93 -7.88 1.45
CA ASN D 111 -27.50 -9.05 2.22
C ASN D 111 -26.57 -9.94 1.40
N TRP D 112 -26.70 -9.88 0.06
CA TRP D 112 -25.95 -10.71 -0.88
C TRP D 112 -24.99 -9.93 -1.79
N TYR D 113 -25.46 -8.80 -2.25
CA TYR D 113 -24.73 -8.03 -3.25
C TYR D 113 -24.30 -6.70 -2.68
N SER D 114 -23.44 -6.04 -3.42
CA SER D 114 -22.99 -4.72 -3.13
C SER D 114 -22.99 -3.81 -4.35
N ASN D 115 -22.74 -2.52 -4.13
CA ASN D 115 -22.52 -1.58 -5.21
C ASN D 115 -21.18 -1.80 -5.92
N TRP D 116 -21.21 -1.72 -7.25
CA TRP D 116 -20.02 -1.86 -8.11
C TRP D 116 -20.10 -0.95 -9.31
N TRP D 117 -18.93 -0.55 -9.82
CA TRP D 117 -18.84 0.22 -11.04
C TRP D 117 -17.58 -0.13 -11.79
N ASN D 118 -17.56 0.23 -13.08
CA ASN D 118 -16.37 -0.04 -13.89
C ASN D 118 -16.37 0.96 -15.04
N VAL D 119 -15.17 1.20 -15.55
CA VAL D 119 -14.99 2.01 -16.74
CA VAL D 119 -15.01 1.99 -16.75
C VAL D 119 -13.90 1.39 -17.61
N ARG D 120 -14.20 1.14 -18.88
CA ARG D 120 -13.21 0.58 -19.79
C ARG D 120 -13.40 1.20 -21.15
N VAL D 121 -12.31 1.18 -21.92
CA VAL D 121 -12.39 1.48 -23.32
C VAL D 121 -12.31 0.15 -24.08
N TYR D 122 -13.30 -0.05 -24.96
CA TYR D 122 -13.29 -1.16 -25.90
C TYR D 122 -12.84 -0.72 -27.25
N LYS D 123 -12.10 -1.57 -27.93
CA LYS D 123 -11.69 -1.33 -29.32
C LYS D 123 -12.92 -1.34 -30.24
N GLY D 124 -13.00 -0.37 -31.09
CA GLY D 124 -14.12 -0.28 -32.03
C GLY D 124 -15.38 0.26 -31.42
N GLN D 125 -16.45 0.16 -32.22
CA GLN D 125 -17.70 0.73 -31.89
C GLN D 125 -18.65 -0.37 -31.41
N LYS D 126 -18.95 -0.40 -30.12
CA LYS D 126 -19.63 -1.53 -29.49
CA LYS D 126 -19.66 -1.53 -29.53
C LYS D 126 -20.84 -1.03 -28.73
N ARG D 127 -22.02 -1.58 -29.00
CA ARG D 127 -23.19 -1.27 -28.19
CA ARG D 127 -23.21 -1.27 -28.22
C ARG D 127 -23.07 -1.97 -26.85
N ALA D 128 -23.66 -1.38 -25.83
CA ALA D 128 -23.81 -2.11 -24.59
C ALA D 128 -24.77 -3.29 -24.65
N ASP D 129 -24.47 -4.42 -24.00
CA ASP D 129 -25.34 -5.61 -24.04
C ASP D 129 -24.98 -6.49 -22.84
N GLN D 130 -25.66 -7.59 -22.67
CA GLN D 130 -25.43 -8.47 -21.53
C GLN D 130 -24.00 -8.96 -21.49
N ARG D 131 -23.39 -9.20 -22.64
CA ARG D 131 -22.00 -9.75 -22.69
C ARG D 131 -21.09 -8.66 -22.07
N MET D 132 -21.29 -7.44 -22.48
CA MET D 132 -20.46 -6.31 -22.03
C MET D 132 -20.64 -6.15 -20.53
N TYR D 133 -21.88 -6.22 -20.08
CA TYR D 133 -22.22 -6.16 -18.64
C TYR D 133 -21.44 -7.27 -17.91
N GLU D 134 -21.49 -8.48 -18.39
CA GLU D 134 -20.86 -9.62 -17.69
C GLU D 134 -19.34 -9.41 -17.70
N GLU D 135 -18.79 -8.93 -18.79
CA GLU D 135 -17.30 -8.71 -18.82
C GLU D 135 -16.93 -7.71 -17.73
N LEU D 136 -17.64 -6.59 -17.65
CA LEU D 136 -17.29 -5.48 -16.74
C LEU D 136 -17.56 -5.86 -15.32
N TYR D 137 -18.59 -6.66 -15.07
CA TYR D 137 -18.99 -6.95 -13.71
C TYR D 137 -18.25 -8.11 -13.17
N TYR D 138 -18.01 -9.16 -13.98
CA TYR D 138 -17.28 -10.38 -13.50
C TYR D 138 -15.78 -10.46 -13.82
N HIS D 139 -15.35 -9.98 -14.98
CA HIS D 139 -14.03 -10.35 -15.51
C HIS D 139 -13.02 -9.21 -15.62
N ARG D 140 -13.48 -7.97 -15.51
CA ARG D 140 -12.60 -6.84 -15.68
C ARG D 140 -12.44 -5.97 -14.41
N SER D 141 -12.47 -6.62 -13.25
CA SER D 141 -11.97 -6.03 -11.99
C SER D 141 -12.73 -4.74 -11.68
N PRO D 142 -14.07 -4.80 -11.59
CA PRO D 142 -14.78 -3.63 -11.12
C PRO D 142 -14.39 -3.07 -9.74
N PHE D 143 -14.66 -1.78 -9.59
CA PHE D 143 -14.47 -1.08 -8.33
C PHE D 143 -15.73 -1.21 -7.49
N ARG D 144 -15.51 -1.32 -6.17
CA ARG D 144 -16.58 -1.20 -5.20
C ARG D 144 -17.12 0.20 -5.08
N GLY D 145 -18.44 0.30 -4.93
CA GLY D 145 -19.08 1.49 -4.43
C GLY D 145 -18.85 1.62 -2.93
N ASP D 146 -17.69 2.17 -2.56
CA ASP D 146 -17.18 2.15 -1.20
C ASP D 146 -16.92 3.55 -0.64
N ASN D 147 -17.52 4.56 -1.24
CA ASN D 147 -17.39 5.95 -0.81
C ASN D 147 -15.93 6.44 -0.87
N GLY D 148 -15.22 5.88 -1.85
CA GLY D 148 -13.84 6.21 -2.10
C GLY D 148 -13.59 6.41 -3.56
N TRP D 149 -12.52 7.11 -3.84
CA TRP D 149 -12.04 7.34 -5.21
C TRP D 149 -11.08 6.22 -5.67
N HIS D 150 -11.17 5.87 -6.96
CA HIS D 150 -10.31 4.88 -7.58
C HIS D 150 -9.89 5.43 -8.90
N SER D 151 -8.64 5.26 -9.22
CA SER D 151 -8.12 5.66 -10.57
C SER D 151 -7.55 4.46 -11.29
N ARG D 152 -7.61 4.52 -12.61
CA ARG D 152 -7.00 3.46 -13.37
C ARG D 152 -6.77 3.89 -14.82
N GLY D 153 -5.68 3.39 -15.42
CA GLY D 153 -5.38 3.62 -16.83
C GLY D 153 -6.39 2.91 -17.69
N LEU D 154 -6.77 3.54 -18.79
CA LEU D 154 -7.76 2.95 -19.72
C LEU D 154 -7.09 2.41 -21.01
N GLY D 155 -5.84 2.71 -21.19
CA GLY D 155 -5.20 2.52 -22.50
C GLY D 155 -5.57 3.64 -23.44
N TYR D 156 -5.06 3.62 -24.67
CA TYR D 156 -5.41 4.65 -25.67
C TYR D 156 -5.07 6.09 -25.20
N GLY D 157 -4.12 6.23 -24.29
CA GLY D 157 -3.70 7.54 -23.77
C GLY D 157 -4.67 8.19 -22.84
N LEU D 158 -5.54 7.39 -22.29
CA LEU D 158 -6.58 7.87 -21.37
C LEU D 158 -6.50 7.23 -19.99
N LYS D 159 -7.00 7.94 -19.00
CA LYS D 159 -7.24 7.35 -17.69
C LYS D 159 -8.52 7.85 -17.06
N SER D 160 -8.95 7.12 -16.06
CA SER D 160 -10.16 7.41 -15.37
C SER D 160 -9.93 7.57 -13.87
N ARG D 161 -10.74 8.41 -13.28
CA ARG D 161 -10.84 8.56 -11.82
CA ARG D 161 -10.86 8.43 -11.84
C ARG D 161 -12.34 8.56 -11.50
N GLY D 162 -12.77 7.79 -10.50
CA GLY D 162 -14.16 7.80 -10.23
C GLY D 162 -14.49 7.49 -8.78
N PHE D 163 -15.75 7.72 -8.42
CA PHE D 163 -16.24 7.60 -7.04
C PHE D 163 -17.66 7.09 -7.09
N MET D 164 -17.98 6.06 -6.29
CA MET D 164 -19.38 5.64 -6.14
C MET D 164 -19.62 5.43 -4.67
N ASN D 165 -20.78 5.88 -4.20
CA ASN D 165 -21.16 5.59 -2.80
C ASN D 165 -21.75 4.18 -2.64
N SER D 166 -22.15 3.87 -1.43
CA SER D 166 -22.38 2.50 -1.08
C SER D 166 -23.83 2.11 -1.03
N SER D 167 -24.74 3.09 -1.03
CA SER D 167 -26.17 2.81 -0.77
C SER D 167 -27.01 2.60 -2.01
N GLY D 168 -28.27 2.25 -1.80
CA GLY D 168 -29.23 2.12 -2.87
C GLY D 168 -29.69 3.40 -3.48
N HIS D 169 -29.28 4.55 -2.95
CA HIS D 169 -29.52 5.86 -3.61
C HIS D 169 -28.14 6.31 -4.05
N ALA D 170 -27.71 5.80 -5.20
CA ALA D 170 -26.34 5.80 -5.59
C ALA D 170 -25.96 7.06 -6.39
N ILE D 171 -24.70 7.53 -6.23
CA ILE D 171 -24.06 8.50 -7.16
C ILE D 171 -22.82 7.83 -7.67
N LEU D 172 -22.53 8.13 -8.93
CA LEU D 172 -21.37 7.65 -9.58
C LEU D 172 -20.80 8.78 -10.38
N GLU D 173 -19.59 9.21 -10.05
CA GLU D 173 -18.92 10.35 -10.65
C GLU D 173 -17.65 9.86 -11.27
N ILE D 174 -17.50 10.06 -12.57
CA ILE D 174 -16.31 9.57 -13.29
C ILE D 174 -15.71 10.71 -14.09
N HIS D 175 -14.40 10.83 -14.08
CA HIS D 175 -13.65 11.76 -14.94
C HIS D 175 -12.75 10.96 -15.84
N VAL D 176 -12.81 11.22 -17.14
CA VAL D 176 -11.92 10.63 -18.11
C VAL D 176 -10.98 11.72 -18.61
N THR D 177 -9.70 11.47 -18.45
CA THR D 177 -8.65 12.51 -18.71
C THR D 177 -7.56 11.89 -19.58
N LYS D 178 -6.66 12.75 -19.99
CA LYS D 178 -5.53 12.27 -20.79
C LYS D 178 -4.48 11.73 -19.86
N ALA D 179 -3.87 10.61 -20.20
CA ALA D 179 -2.85 10.05 -19.37
C ALA D 179 -1.58 10.79 -19.72
N ALA E 2 -7.27 0.16 3.92
CA ALA E 2 -7.89 -1.02 3.26
C ALA E 2 -8.34 -2.11 4.26
N ASP E 3 -7.84 -2.05 5.50
CA ASP E 3 -8.18 -2.98 6.58
C ASP E 3 -9.15 -2.27 7.53
N VAL E 4 -10.45 -2.36 7.23
CA VAL E 4 -11.46 -1.55 7.88
C VAL E 4 -12.66 -2.37 8.34
N ALA E 5 -12.53 -3.69 8.38
CA ALA E 5 -13.65 -4.53 8.86
C ALA E 5 -14.01 -4.16 10.32
N GLY E 6 -13.03 -3.75 11.12
CA GLY E 6 -13.38 -3.40 12.47
C GLY E 6 -13.97 -4.60 13.15
N ALA E 7 -14.54 -4.36 14.32
CA ALA E 7 -15.06 -5.47 15.13
C ALA E 7 -16.59 -5.55 15.03
N VAL E 8 -17.08 -6.60 14.44
CA VAL E 8 -18.47 -6.87 14.28
C VAL E 8 -18.78 -8.23 14.91
N ILE E 9 -19.89 -8.31 15.62
CA ILE E 9 -20.34 -9.55 16.25
C ILE E 9 -21.76 -9.87 15.86
N ASP E 10 -22.24 -11.06 16.18
CA ASP E 10 -23.66 -11.33 15.99
CA ASP E 10 -23.65 -11.37 16.07
C ASP E 10 -24.47 -10.36 16.85
N GLY E 11 -25.54 -9.80 16.26
CA GLY E 11 -26.32 -8.76 16.90
C GLY E 11 -26.92 -9.19 18.21
N ALA E 12 -27.28 -10.47 18.18
CA ALA E 12 -27.88 -11.08 19.38
C ALA E 12 -26.88 -11.23 20.53
N GLY E 13 -25.57 -11.15 20.23
CA GLY E 13 -24.51 -11.21 21.26
C GLY E 13 -24.17 -9.91 21.93
N LEU E 14 -24.70 -8.78 21.43
CA LEU E 14 -24.43 -7.54 22.10
C LEU E 14 -25.11 -7.40 23.43
N GLY E 15 -24.34 -7.07 24.46
CA GLY E 15 -24.86 -6.74 25.76
C GLY E 15 -23.75 -6.19 26.59
N PHE E 16 -24.07 -5.98 27.85
CA PHE E 16 -23.16 -5.36 28.78
C PHE E 16 -21.77 -6.05 28.81
N ASP E 17 -21.70 -7.38 28.78
CA ASP E 17 -20.46 -8.09 29.03
C ASP E 17 -19.39 -7.66 28.00
N VAL E 18 -19.78 -7.64 26.76
CA VAL E 18 -18.81 -7.33 25.69
C VAL E 18 -18.36 -5.92 25.83
N LEU E 19 -19.28 -5.01 26.15
CA LEU E 19 -18.99 -3.58 26.23
C LEU E 19 -18.08 -3.31 27.42
N LYS E 20 -18.33 -4.00 28.56
CA LYS E 20 -17.46 -3.90 29.72
C LYS E 20 -16.04 -4.34 29.38
N THR E 21 -15.92 -5.37 28.57
CA THR E 21 -14.62 -5.91 28.17
C THR E 21 -13.88 -4.87 27.31
N VAL E 22 -14.60 -4.33 26.36
CA VAL E 22 -14.07 -3.22 25.46
C VAL E 22 -13.63 -2.04 26.27
N LEU E 23 -14.46 -1.67 27.26
CA LEU E 23 -14.15 -0.54 28.09
C LEU E 23 -12.88 -0.78 28.93
N GLU E 24 -12.70 -1.98 29.53
CA GLU E 24 -11.58 -2.27 30.37
C GLU E 24 -10.31 -2.28 29.54
N ALA E 25 -10.41 -2.72 28.30
CA ALA E 25 -9.20 -2.83 27.43
C ALA E 25 -8.53 -1.49 27.19
N LEU E 26 -9.28 -0.42 27.34
CA LEU E 26 -8.76 0.95 27.18
C LEU E 26 -7.88 1.43 28.34
N GLY E 27 -7.90 0.68 29.42
CA GLY E 27 -7.00 0.87 30.52
C GLY E 27 -7.37 2.06 31.43
N ASN E 28 -6.35 2.47 32.17
CA ASN E 28 -6.50 3.53 33.18
CA ASN E 28 -6.53 3.53 33.15
C ASN E 28 -6.42 4.90 32.51
N VAL E 29 -7.51 5.32 31.93
CA VAL E 29 -7.70 6.67 31.43
C VAL E 29 -8.92 7.27 32.05
N LYS E 30 -8.87 8.59 32.24
CA LYS E 30 -9.87 9.26 33.05
C LYS E 30 -11.24 9.25 32.40
N ARG E 31 -11.34 9.42 31.08
CA ARG E 31 -12.59 9.43 30.39
C ARG E 31 -12.49 8.50 29.19
N LYS E 32 -13.47 7.62 29.01
CA LYS E 32 -13.46 6.60 27.97
C LYS E 32 -14.85 6.04 27.76
N ILE E 33 -15.09 5.47 26.58
CA ILE E 33 -16.38 4.94 26.23
C ILE E 33 -16.25 3.71 25.40
N ALA E 34 -17.12 2.72 25.66
CA ALA E 34 -17.32 1.60 24.80
C ALA E 34 -18.69 1.75 24.18
N VAL E 35 -18.80 1.62 22.88
CA VAL E 35 -20.06 1.73 22.13
C VAL E 35 -20.38 0.46 21.40
N GLY E 36 -21.62 0.01 21.54
CA GLY E 36 -22.10 -1.04 20.72
C GLY E 36 -23.38 -0.72 20.08
N ILE E 37 -23.59 -1.03 18.81
CA ILE E 37 -24.82 -0.75 18.09
C ILE E 37 -25.17 -1.98 17.28
N ASP E 38 -26.34 -2.53 17.61
CA ASP E 38 -26.94 -3.71 17.01
C ASP E 38 -27.86 -3.30 15.88
N ASN E 39 -27.50 -3.74 14.66
CA ASN E 39 -28.28 -3.47 13.52
C ASN E 39 -29.29 -4.59 13.26
N GLU E 40 -30.53 -4.34 13.63
CA GLU E 40 -31.64 -5.22 13.30
C GLU E 40 -32.67 -4.42 12.45
N SER E 41 -32.14 -3.55 11.61
CA SER E 41 -32.93 -2.53 10.87
C SER E 41 -33.51 -3.01 9.56
N GLY E 42 -33.05 -4.18 9.11
CA GLY E 42 -33.35 -4.69 7.77
C GLY E 42 -32.56 -4.00 6.67
N LYS E 43 -31.74 -3.03 7.03
CA LYS E 43 -30.86 -2.31 6.10
C LYS E 43 -29.40 -2.74 6.42
N THR E 44 -28.55 -2.59 5.41
CA THR E 44 -27.13 -2.82 5.53
C THR E 44 -26.44 -1.47 5.82
N TRP E 45 -25.49 -1.42 6.74
CA TRP E 45 -24.86 -0.16 7.11
C TRP E 45 -23.42 -0.12 6.68
N THR E 46 -22.99 1.02 6.15
CA THR E 46 -21.60 1.19 5.78
C THR E 46 -21.05 2.41 6.52
N ALA E 47 -19.88 2.29 7.16
CA ALA E 47 -19.33 3.38 7.96
C ALA E 47 -18.95 4.55 7.07
N MET E 48 -19.29 5.73 7.57
CA MET E 48 -18.70 6.95 7.04
C MET E 48 -17.53 7.41 7.87
N ASN E 49 -17.79 7.94 9.03
CA ASN E 49 -16.76 8.54 9.84
C ASN E 49 -17.24 8.78 11.21
N THR E 50 -16.29 9.14 12.10
CA THR E 50 -16.59 9.65 13.44
C THR E 50 -16.04 11.05 13.58
N TYR E 51 -16.85 11.98 14.07
CA TYR E 51 -16.37 13.32 14.35
C TYR E 51 -16.19 13.43 15.85
N PHE E 52 -15.00 13.86 16.27
CA PHE E 52 -14.82 14.11 17.70
C PHE E 52 -14.75 15.55 18.03
N ARG E 53 -15.66 16.00 18.90
CA ARG E 53 -15.49 17.28 19.52
C ARG E 53 -14.38 17.28 20.56
N SER E 54 -14.37 16.19 21.35
CA SER E 54 -13.39 15.94 22.38
C SER E 54 -12.93 14.49 22.28
N GLY E 55 -11.62 14.27 22.50
CA GLY E 55 -11.12 12.90 22.54
C GLY E 55 -10.90 12.33 21.16
N THR E 56 -10.70 11.00 21.12
CA THR E 56 -10.22 10.31 19.93
C THR E 56 -10.54 8.84 20.05
N SER E 57 -10.20 8.06 19.04
CA SER E 57 -10.19 6.59 19.15
C SER E 57 -9.00 6.07 18.39
N ASP E 58 -8.43 4.96 18.84
CA ASP E 58 -7.41 4.22 18.12
C ASP E 58 -7.89 3.07 17.29
N ILE E 59 -9.20 2.82 17.24
CA ILE E 59 -9.67 1.78 16.34
C ILE E 59 -10.61 2.35 15.30
N VAL E 60 -10.93 1.51 14.37
CA VAL E 60 -11.64 1.89 13.19
CA VAL E 60 -11.69 1.93 13.21
C VAL E 60 -13.12 1.54 13.41
N LEU E 61 -14.01 2.36 12.88
CA LEU E 61 -15.36 2.04 12.79
C LEU E 61 -15.54 0.90 11.86
N PRO E 62 -16.28 -0.11 12.28
CA PRO E 62 -16.47 -1.18 11.38
C PRO E 62 -17.09 -0.80 9.99
N HIS E 63 -16.45 -1.14 8.90
CA HIS E 63 -16.86 -0.63 7.56
C HIS E 63 -18.24 -1.10 7.21
N LYS E 64 -18.51 -2.40 7.37
CA LYS E 64 -19.80 -2.95 6.99
CA LYS E 64 -19.80 -2.95 6.98
CA LYS E 64 -19.79 -3.01 6.95
C LYS E 64 -20.48 -3.66 8.18
N VAL E 65 -21.73 -3.31 8.42
CA VAL E 65 -22.54 -3.89 9.51
C VAL E 65 -23.81 -4.36 8.85
N ALA E 66 -23.88 -5.65 8.60
CA ALA E 66 -25.01 -6.33 8.01
C ALA E 66 -26.19 -6.30 8.97
N HIS E 67 -27.40 -6.46 8.41
CA HIS E 67 -28.56 -6.76 9.26
C HIS E 67 -28.25 -8.01 10.05
N GLY E 68 -28.51 -7.95 11.34
CA GLY E 68 -28.23 -9.08 12.21
C GLY E 68 -26.88 -9.04 12.88
N LYS E 69 -26.10 -7.98 12.63
CA LYS E 69 -24.80 -7.79 13.24
C LYS E 69 -24.79 -6.58 14.14
N ALA E 70 -23.87 -6.57 15.09
CA ALA E 70 -23.58 -5.40 15.93
C ALA E 70 -22.15 -4.95 15.75
N LEU E 71 -21.94 -3.64 15.70
CA LEU E 71 -20.63 -3.05 15.75
C LEU E 71 -20.19 -2.74 17.14
N LEU E 72 -18.88 -2.89 17.33
CA LEU E 72 -18.20 -2.42 18.49
C LEU E 72 -17.21 -1.31 18.20
N TYR E 73 -17.13 -0.36 19.11
CA TYR E 73 -16.30 0.88 18.88
C TYR E 73 -15.90 1.41 20.22
N ASN E 74 -14.92 2.33 20.30
CA ASN E 74 -14.55 2.90 21.58
C ASN E 74 -13.95 4.25 21.35
N GLY E 75 -13.67 4.93 22.45
CA GLY E 75 -12.94 6.21 22.39
C GLY E 75 -12.47 6.58 23.74
N GLN E 76 -11.58 7.54 23.81
CA GLN E 76 -11.01 7.98 25.08
C GLN E 76 -10.55 9.40 24.96
N LYS E 77 -10.30 10.01 26.11
CA LYS E 77 -9.82 11.37 26.14
C LYS E 77 -8.46 11.41 25.49
N ASN E 78 -8.11 12.58 24.97
CA ASN E 78 -6.78 12.74 24.46
C ASN E 78 -5.73 12.76 25.52
N ARG E 79 -4.55 12.27 25.17
CA ARG E 79 -3.42 12.33 26.05
C ARG E 79 -3.12 13.74 26.50
N GLY E 80 -2.77 13.83 27.77
CA GLY E 80 -2.10 15.03 28.26
C GLY E 80 -3.02 15.55 29.34
N PRO E 81 -2.63 16.64 30.01
CA PRO E 81 -3.38 17.12 31.13
C PRO E 81 -4.59 17.99 30.73
N VAL E 82 -4.89 18.10 29.42
CA VAL E 82 -6.08 18.81 28.96
C VAL E 82 -7.36 18.26 29.63
N ALA E 83 -8.19 19.16 30.12
CA ALA E 83 -9.41 18.77 30.84
C ALA E 83 -10.58 18.64 29.84
N THR E 84 -10.50 17.59 29.07
CA THR E 84 -11.45 17.33 28.06
C THR E 84 -11.83 15.89 28.17
N GLY E 85 -12.98 15.56 27.60
CA GLY E 85 -13.49 14.21 27.69
C GLY E 85 -13.50 13.46 26.38
N VAL E 86 -14.58 12.75 26.13
CA VAL E 86 -14.77 12.05 24.86
C VAL E 86 -16.20 12.32 24.39
N VAL E 87 -16.27 13.04 23.25
CA VAL E 87 -17.53 13.63 22.82
C VAL E 87 -17.51 13.53 21.32
N GLY E 88 -18.52 12.95 20.72
CA GLY E 88 -18.49 12.86 19.25
C GLY E 88 -19.70 12.28 18.63
N VAL E 89 -19.63 12.07 17.32
CA VAL E 89 -20.78 11.53 16.53
C VAL E 89 -20.20 10.50 15.54
N ILE E 90 -20.91 9.37 15.47
CA ILE E 90 -20.68 8.30 14.52
C ILE E 90 -21.72 8.41 13.46
N ALA E 91 -21.31 8.31 12.19
CA ALA E 91 -22.28 8.32 11.08
C ALA E 91 -22.13 7.08 10.26
N TYR E 92 -23.25 6.39 10.01
CA TYR E 92 -23.33 5.25 9.11
C TYR E 92 -24.27 5.56 7.97
N SER E 93 -23.85 5.22 6.76
CA SER E 93 -24.73 5.22 5.62
C SER E 93 -25.56 3.97 5.54
N MET E 94 -26.89 4.09 5.60
CA MET E 94 -27.78 2.93 5.52
C MET E 94 -28.20 2.65 4.09
N SER E 95 -28.52 1.39 3.78
CA SER E 95 -28.69 0.99 2.38
C SER E 95 -29.89 1.57 1.61
N ASP E 96 -30.88 2.12 2.30
CA ASP E 96 -31.98 2.74 1.62
C ASP E 96 -31.77 4.25 1.47
N GLY E 97 -30.58 4.74 1.80
CA GLY E 97 -30.10 6.02 1.34
C GLY E 97 -30.04 7.14 2.37
N ASN E 98 -30.33 6.80 3.62
CA ASN E 98 -30.26 7.73 4.74
C ASN E 98 -29.05 7.45 5.62
N THR E 99 -28.86 8.28 6.66
CA THR E 99 -27.76 8.20 7.58
C THR E 99 -28.24 7.95 9.00
N LEU E 100 -27.61 7.00 9.65
CA LEU E 100 -27.77 6.78 11.11
C LEU E 100 -26.67 7.58 11.77
N ALA E 101 -27.09 8.42 12.70
CA ALA E 101 -26.17 9.32 13.42
C ALA E 101 -26.34 9.07 14.93
N VAL E 102 -25.21 8.86 15.56
CA VAL E 102 -25.16 8.50 17.00
C VAL E 102 -24.21 9.42 17.72
N LEU E 103 -24.74 10.12 18.70
CA LEU E 103 -24.01 11.00 19.59
C LEU E 103 -23.59 10.31 20.86
N PHE E 104 -22.36 10.58 21.34
CA PHE E 104 -21.97 10.29 22.73
C PHE E 104 -21.32 11.54 23.28
N SER E 105 -21.55 11.81 24.55
CA SER E 105 -20.81 12.84 25.27
C SER E 105 -20.51 12.35 26.63
N VAL E 106 -19.21 12.31 26.90
CA VAL E 106 -18.64 11.90 28.21
C VAL E 106 -17.73 13.02 28.68
N PRO E 107 -18.19 13.95 29.51
CA PRO E 107 -17.46 15.18 29.79
C PRO E 107 -16.35 14.93 30.78
N TYR E 108 -15.32 15.80 30.76
CA TYR E 108 -14.33 15.83 31.81
C TYR E 108 -14.92 16.20 33.17
N ASP E 109 -15.69 17.29 33.21
CA ASP E 109 -16.01 17.96 34.49
C ASP E 109 -17.48 17.77 34.74
N TYR E 110 -17.85 16.85 35.65
CA TYR E 110 -19.25 16.65 35.99
C TYR E 110 -19.90 17.70 36.93
N ASN E 111 -19.12 18.70 37.33
CA ASN E 111 -19.73 19.88 37.99
C ASN E 111 -20.59 20.69 37.01
N TRP E 112 -20.21 20.65 35.74
CA TRP E 112 -20.86 21.49 34.71
C TRP E 112 -21.62 20.73 33.65
N TYR E 113 -21.22 19.48 33.40
CA TYR E 113 -21.79 18.69 32.32
C TYR E 113 -22.15 17.30 32.80
N SER E 114 -22.95 16.63 31.97
CA SER E 114 -23.32 15.25 32.24
C SER E 114 -23.19 14.41 30.99
N ASN E 115 -23.38 13.11 31.14
CA ASN E 115 -23.32 12.20 29.96
C ASN E 115 -24.61 12.37 29.19
N TRP E 116 -24.48 12.34 27.85
CA TRP E 116 -25.61 12.41 26.94
C TRP E 116 -25.36 11.50 25.77
N TRP E 117 -26.43 11.05 25.12
CA TRP E 117 -26.33 10.33 23.89
C TRP E 117 -27.53 10.58 23.02
N ASN E 118 -27.48 10.18 21.75
CA ASN E 118 -28.58 10.42 20.85
C ASN E 118 -28.45 9.47 19.66
N VAL E 119 -29.58 9.20 19.02
CA VAL E 119 -29.64 8.40 17.81
CA VAL E 119 -29.57 8.45 17.79
C VAL E 119 -30.67 9.04 16.91
N ARG E 120 -30.34 9.33 15.64
CA ARG E 120 -31.30 9.94 14.72
C ARG E 120 -30.96 9.49 13.32
N VAL E 121 -31.96 9.49 12.48
CA VAL E 121 -31.81 9.23 11.07
C VAL E 121 -31.90 10.57 10.36
N TYR E 122 -30.89 10.85 9.52
CA TYR E 122 -30.84 12.02 8.65
C TYR E 122 -31.14 11.64 7.20
N LYS E 123 -31.88 12.45 6.49
CA LYS E 123 -32.17 12.14 5.11
C LYS E 123 -30.93 12.30 4.25
N GLY E 124 -30.67 11.34 3.37
CA GLY E 124 -29.48 11.36 2.56
C GLY E 124 -28.25 10.94 3.30
N GLN E 125 -27.11 11.19 2.64
CA GLN E 125 -25.80 10.67 3.03
C GLN E 125 -24.98 11.81 3.58
N LYS E 126 -24.82 11.81 4.89
CA LYS E 126 -24.22 12.94 5.61
C LYS E 126 -23.10 12.45 6.53
N ARG E 127 -21.89 12.95 6.28
CA ARG E 127 -20.82 12.66 7.19
C ARG E 127 -21.00 13.35 8.53
N ALA E 128 -20.42 12.76 9.56
CA ALA E 128 -20.41 13.39 10.88
C ALA E 128 -19.50 14.58 10.90
N ASP E 129 -19.95 15.67 11.50
CA ASP E 129 -19.18 16.92 11.59
C ASP E 129 -19.72 17.75 12.74
N GLN E 130 -19.11 18.90 12.93
CA GLN E 130 -19.44 19.72 14.11
C GLN E 130 -20.90 20.15 14.07
N ARG E 131 -21.42 20.47 12.89
CA ARG E 131 -22.83 20.77 12.72
C ARG E 131 -23.69 19.62 13.20
N MET E 132 -23.36 18.39 12.82
CA MET E 132 -24.16 17.23 13.19
C MET E 132 -24.10 17.04 14.71
N TYR E 133 -22.91 17.20 15.28
CA TYR E 133 -22.73 17.17 16.72
C TYR E 133 -23.66 18.17 17.38
N GLU E 134 -23.68 19.39 16.90
CA GLU E 134 -24.51 20.40 17.57
C GLU E 134 -26.01 20.03 17.43
N GLU E 135 -26.40 19.46 16.30
CA GLU E 135 -27.80 19.10 16.03
C GLU E 135 -28.19 18.05 17.09
N LEU E 136 -27.35 17.02 17.27
CA LEU E 136 -27.70 15.90 18.16
C LEU E 136 -27.65 16.31 19.62
N TYR E 137 -26.72 17.20 19.98
CA TYR E 137 -26.46 17.50 21.38
C TYR E 137 -27.43 18.55 21.89
N TYR E 138 -27.72 19.57 21.07
CA TYR E 138 -28.49 20.74 21.45
C TYR E 138 -29.89 20.72 20.90
N HIS E 139 -30.11 20.25 19.69
CA HIS E 139 -31.38 20.49 19.05
C HIS E 139 -32.38 19.37 18.91
N ARG E 140 -31.96 18.12 19.12
CA ARG E 140 -32.74 16.94 18.73
C ARG E 140 -32.93 16.04 19.94
N SER E 141 -33.04 16.67 21.11
CA SER E 141 -33.56 16.00 22.37
C SER E 141 -32.79 14.76 22.79
N PRO E 142 -31.48 14.94 23.05
CA PRO E 142 -30.68 13.76 23.38
C PRO E 142 -31.21 13.15 24.68
N PHE E 143 -30.81 11.92 24.88
CA PHE E 143 -31.07 11.24 26.15
C PHE E 143 -29.90 11.48 27.08
N ARG E 144 -30.22 11.57 28.35
CA ARG E 144 -29.23 11.52 29.37
C ARG E 144 -28.61 10.13 29.57
N GLY E 145 -27.31 10.11 29.86
CA GLY E 145 -26.64 8.91 30.36
C GLY E 145 -27.00 8.77 31.82
N ASP E 146 -28.20 8.22 32.02
CA ASP E 146 -28.92 8.16 33.33
C ASP E 146 -29.08 6.79 33.95
N ASN E 147 -28.39 5.83 33.40
CA ASN E 147 -28.40 4.47 33.91
C ASN E 147 -29.72 3.79 33.64
N GLY E 148 -30.44 4.37 32.69
CA GLY E 148 -31.69 3.83 32.26
C GLY E 148 -31.74 3.54 30.79
N TRP E 149 -32.66 2.66 30.41
CA TRP E 149 -32.96 2.37 29.01
C TRP E 149 -33.95 3.41 28.44
N HIS E 150 -33.79 3.76 27.19
CA HIS E 150 -34.69 4.68 26.51
C HIS E 150 -35.02 4.15 25.15
N SER E 151 -36.28 4.24 24.77
CA SER E 151 -36.76 3.76 23.47
C SER E 151 -37.42 4.93 22.77
N ARG E 152 -37.16 5.08 21.48
CA ARG E 152 -37.82 6.10 20.72
C ARG E 152 -37.92 5.74 19.23
N GLY E 153 -39.03 6.08 18.59
CA GLY E 153 -39.11 5.95 17.13
C GLY E 153 -38.10 6.81 16.37
N LEU E 154 -37.54 6.31 15.28
CA LEU E 154 -36.58 7.07 14.45
C LEU E 154 -37.21 7.65 13.19
N GLY E 155 -38.46 7.30 12.92
CA GLY E 155 -39.03 7.45 11.61
C GLY E 155 -38.52 6.38 10.67
N TYR E 156 -38.89 6.44 9.40
CA TYR E 156 -38.35 5.54 8.37
C TYR E 156 -38.59 4.04 8.68
N GLY E 157 -39.65 3.76 9.43
CA GLY E 157 -39.96 2.38 9.86
C GLY E 157 -38.97 1.79 10.87
N LEU E 158 -38.22 2.64 11.56
CA LEU E 158 -37.21 2.17 12.51
C LEU E 158 -37.46 2.71 13.90
N LYS E 159 -36.94 2.01 14.88
CA LYS E 159 -36.91 2.54 16.25
C LYS E 159 -35.65 2.07 16.94
N SER E 160 -35.35 2.74 18.04
CA SER E 160 -34.11 2.54 18.79
C SER E 160 -34.42 2.26 20.26
N ARG E 161 -33.63 1.38 20.86
CA ARG E 161 -33.62 1.19 22.34
C ARG E 161 -32.17 1.27 22.73
N GLY E 162 -31.84 2.09 23.73
CA GLY E 162 -30.46 2.16 24.14
C GLY E 162 -30.29 2.54 25.59
N PHE E 163 -29.05 2.40 26.05
CA PHE E 163 -28.68 2.59 27.43
C PHE E 163 -27.31 3.29 27.51
N MET E 164 -27.18 4.28 28.39
CA MET E 164 -25.87 4.79 28.69
C MET E 164 -25.82 5.05 30.18
N ASN E 165 -24.68 4.74 30.76
CA ASN E 165 -24.43 5.00 32.17
C ASN E 165 -24.01 6.39 32.42
N SER E 166 -23.82 6.74 33.70
CA SER E 166 -23.62 8.13 34.09
C SER E 166 -22.17 8.57 34.34
N SER E 167 -21.25 7.62 34.39
CA SER E 167 -19.87 7.89 34.81
C SER E 167 -18.98 8.25 33.63
N GLY E 168 -17.75 8.61 34.01
CA GLY E 168 -16.70 8.91 33.00
C GLY E 168 -16.10 7.69 32.38
N HIS E 169 -16.43 6.47 32.84
CA HIS E 169 -16.12 5.26 32.14
C HIS E 169 -17.39 4.67 31.55
N ALA E 170 -17.74 5.12 30.35
CA ALA E 170 -19.06 5.02 29.85
C ALA E 170 -19.23 3.80 28.99
N ILE E 171 -20.45 3.24 29.06
CA ILE E 171 -20.96 2.26 28.15
C ILE E 171 -22.18 2.78 27.46
N LEU E 172 -22.24 2.65 26.12
CA LEU E 172 -23.44 3.03 25.34
C LEU E 172 -23.79 1.87 24.49
N GLU E 173 -24.99 1.34 24.71
CA GLU E 173 -25.50 0.17 24.01
C GLU E 173 -26.80 0.56 23.34
N ILE E 174 -26.86 0.37 22.01
CA ILE E 174 -28.02 0.78 21.24
C ILE E 174 -28.46 -0.35 20.33
N HIS E 175 -29.75 -0.53 20.18
CA HIS E 175 -30.33 -1.54 19.30
C HIS E 175 -31.25 -0.77 18.33
N VAL E 176 -31.08 -1.01 17.02
CA VAL E 176 -31.95 -0.39 16.03
C VAL E 176 -32.78 -1.46 15.42
N THR E 177 -34.10 -1.34 15.52
CA THR E 177 -35.02 -2.38 15.06
C THR E 177 -36.09 -1.82 14.16
N LYS E 178 -36.87 -2.71 13.54
CA LYS E 178 -37.99 -2.32 12.71
C LYS E 178 -39.15 -1.92 13.62
N ALA E 179 -39.75 -0.79 13.28
CA ALA E 179 -40.95 -0.31 13.96
C ALA E 179 -42.13 -1.08 13.40
N ASP F 3 45.73 2.25 15.26
CA ASP F 3 45.06 2.57 14.00
C ASP F 3 45.38 1.45 13.00
N VAL F 4 44.67 0.33 13.13
CA VAL F 4 44.84 -0.80 12.22
C VAL F 4 43.54 -1.19 11.63
N ALA F 5 43.60 -1.63 10.40
CA ALA F 5 42.46 -2.21 9.75
C ALA F 5 41.82 -3.32 10.59
N GLY F 6 40.51 -3.25 10.75
CA GLY F 6 39.73 -4.21 11.51
C GLY F 6 39.37 -3.63 12.89
N ALA F 7 40.02 -2.52 13.24
CA ALA F 7 39.78 -1.81 14.48
C ALA F 7 38.60 -0.91 14.41
N VAL F 8 38.10 -0.57 15.61
CA VAL F 8 37.14 0.47 15.75
C VAL F 8 37.85 1.56 16.57
N ILE F 9 37.71 2.80 16.15
CA ILE F 9 38.30 3.97 16.83
C ILE F 9 37.19 4.95 17.20
N ASP F 10 37.50 5.90 18.10
CA ASP F 10 36.57 7.04 18.25
C ASP F 10 36.29 7.65 16.91
N GLY F 11 35.03 7.94 16.61
CA GLY F 11 34.68 8.62 15.35
C GLY F 11 35.44 9.90 14.98
N ALA F 12 35.60 10.83 15.96
CA ALA F 12 36.35 12.07 15.64
C ALA F 12 37.84 11.86 15.37
N GLY F 13 38.38 10.69 15.75
CA GLY F 13 39.77 10.30 15.42
C GLY F 13 40.00 9.97 13.97
N LEU F 14 38.92 9.67 13.24
CA LEU F 14 39.11 9.25 11.87
C LEU F 14 39.58 10.45 11.07
N GLY F 15 40.68 10.30 10.40
CA GLY F 15 41.07 11.28 9.40
C GLY F 15 42.04 10.75 8.39
N PHE F 16 42.55 11.61 7.53
CA PHE F 16 43.38 11.16 6.48
C PHE F 16 44.68 10.43 6.90
N ASP F 17 45.31 10.94 7.95
CA ASP F 17 46.47 10.32 8.68
C ASP F 17 46.23 8.87 8.97
N VAL F 18 45.09 8.61 9.57
CA VAL F 18 44.80 7.27 10.02
C VAL F 18 44.74 6.38 8.81
N LEU F 19 44.05 6.84 7.76
CA LEU F 19 43.86 5.98 6.62
C LEU F 19 45.16 5.81 5.84
N LYS F 20 46.00 6.83 5.86
CA LYS F 20 47.31 6.69 5.23
C LYS F 20 48.19 5.63 5.91
N THR F 21 48.05 5.54 7.22
CA THR F 21 48.79 4.57 8.01
C THR F 21 48.27 3.16 7.66
N VAL F 22 46.96 3.04 7.56
CA VAL F 22 46.37 1.73 7.22
C VAL F 22 46.87 1.34 5.85
N LEU F 23 46.85 2.27 4.91
CA LEU F 23 47.33 1.92 3.54
C LEU F 23 48.80 1.50 3.54
N GLU F 24 49.63 2.22 4.25
CA GLU F 24 51.07 1.88 4.28
C GLU F 24 51.37 0.52 4.91
N ALA F 25 50.52 0.05 5.84
CA ALA F 25 50.69 -1.24 6.50
C ALA F 25 50.57 -2.37 5.47
N LEU F 26 49.82 -2.15 4.39
CA LEU F 26 49.61 -3.20 3.42
C LEU F 26 50.82 -3.46 2.58
N GLY F 27 51.74 -2.52 2.54
CA GLY F 27 52.84 -2.62 1.61
C GLY F 27 52.54 -2.23 0.18
N ASN F 28 53.51 -2.35 -0.71
CA ASN F 28 53.47 -1.65 -2.01
CA ASN F 28 53.43 -1.62 -1.98
C ASN F 28 52.73 -2.44 -3.09
N VAL F 29 51.64 -3.11 -2.74
CA VAL F 29 50.84 -3.74 -3.76
CA VAL F 29 50.72 -3.72 -3.69
C VAL F 29 50.19 -2.69 -4.66
N LYS F 30 50.03 -3.06 -5.93
CA LYS F 30 49.75 -2.08 -6.94
C LYS F 30 48.47 -1.31 -6.73
N ARG F 31 47.42 -2.01 -6.32
CA ARG F 31 46.11 -1.40 -6.08
C ARG F 31 45.65 -1.84 -4.73
N LYS F 32 45.27 -0.85 -3.94
CA LYS F 32 44.88 -1.12 -2.56
C LYS F 32 44.04 0.03 -2.05
N ILE F 33 43.31 -0.18 -0.91
CA ILE F 33 42.42 0.84 -0.38
C ILE F 33 42.39 0.72 1.13
N ALA F 34 42.36 1.91 1.76
CA ALA F 34 42.04 2.01 3.17
C ALA F 34 40.69 2.69 3.31
N VAL F 35 39.76 2.13 4.08
CA VAL F 35 38.43 2.63 4.19
C VAL F 35 38.17 2.96 5.69
N GLY F 36 37.67 4.16 5.94
CA GLY F 36 37.16 4.52 7.26
C GLY F 36 35.73 5.01 7.19
N ILE F 37 34.88 4.54 8.09
CA ILE F 37 33.52 4.90 8.09
C ILE F 37 33.12 5.27 9.52
N ASP F 38 32.81 6.55 9.70
CA ASP F 38 32.42 7.13 10.98
C ASP F 38 30.92 7.08 11.17
N ASN F 39 30.51 6.31 12.21
CA ASN F 39 29.13 6.15 12.57
C ASN F 39 28.74 7.24 13.54
N GLU F 40 28.08 8.25 13.00
CA GLU F 40 27.34 9.20 13.85
C GLU F 40 25.84 9.17 13.60
N SER F 41 25.31 7.98 13.34
CA SER F 41 23.94 7.79 12.88
C SER F 41 22.91 7.70 13.99
N GLY F 42 23.40 7.56 15.21
CA GLY F 42 22.53 7.38 16.35
C GLY F 42 22.15 5.93 16.57
N LYS F 43 22.67 5.02 15.77
CA LYS F 43 22.26 3.59 15.73
C LYS F 43 23.52 2.74 15.74
N THR F 44 23.47 1.58 16.37
CA THR F 44 24.55 0.63 16.29
C THR F 44 24.52 -0.13 14.97
N TRP F 45 25.69 -0.37 14.41
CA TRP F 45 25.80 -1.11 13.18
C TRP F 45 26.49 -2.45 13.49
N THR F 46 26.06 -3.50 12.81
CA THR F 46 26.58 -4.83 12.91
C THR F 46 26.99 -5.34 11.55
N ALA F 47 28.20 -5.90 11.43
CA ALA F 47 28.79 -6.22 10.15
C ALA F 47 27.93 -7.30 9.56
N MET F 48 27.60 -7.16 8.29
CA MET F 48 27.06 -8.30 7.56
C MET F 48 28.10 -9.01 6.72
N ASN F 49 28.58 -8.35 5.68
CA ASN F 49 29.55 -8.94 4.76
C ASN F 49 30.21 -7.96 3.84
N THR F 50 31.24 -8.43 3.13
CA THR F 50 31.84 -7.65 2.04
C THR F 50 31.78 -8.47 0.76
N TYR F 51 31.23 -7.92 -0.32
CA TYR F 51 31.29 -8.57 -1.65
C TYR F 51 32.41 -7.91 -2.42
N PHE F 52 33.32 -8.73 -2.98
CA PHE F 52 34.37 -8.22 -3.84
C PHE F 52 34.09 -8.58 -5.28
N ARG F 53 33.87 -7.56 -6.10
CA ARG F 53 33.90 -7.73 -7.54
C ARG F 53 35.30 -8.03 -8.05
N SER F 54 36.31 -7.33 -7.57
CA SER F 54 37.69 -7.86 -7.70
CA SER F 54 37.68 -7.88 -7.67
C SER F 54 38.49 -7.46 -6.49
N GLY F 55 39.53 -8.21 -6.25
CA GLY F 55 40.31 -8.06 -5.05
C GLY F 55 39.78 -8.75 -3.82
N THR F 56 40.47 -8.51 -2.70
CA THR F 56 40.36 -9.28 -1.46
CA THR F 56 40.17 -9.17 -1.48
C THR F 56 40.63 -8.37 -0.25
N SER F 57 40.35 -8.90 0.91
CA SER F 57 40.88 -8.38 2.16
C SER F 57 41.33 -9.51 3.04
N ASP F 58 42.43 -9.27 3.74
CA ASP F 58 42.90 -10.18 4.84
C ASP F 58 42.22 -9.83 6.23
N ILE F 59 41.39 -8.79 6.28
CA ILE F 59 40.76 -8.13 7.46
C ILE F 59 39.31 -8.60 7.66
N VAL F 60 38.92 -8.80 8.92
CA VAL F 60 37.52 -8.96 9.31
C VAL F 60 36.89 -7.55 9.45
N LEU F 61 35.73 -7.32 8.82
CA LEU F 61 34.93 -6.13 9.13
C LEU F 61 34.65 -6.08 10.60
N PRO F 62 34.94 -4.94 11.25
CA PRO F 62 34.60 -4.70 12.63
C PRO F 62 33.15 -5.14 12.96
N HIS F 63 32.98 -6.05 13.89
CA HIS F 63 31.66 -6.67 14.08
C HIS F 63 30.59 -5.71 14.52
N LYS F 64 30.86 -4.91 15.56
CA LYS F 64 29.93 -3.93 16.11
C LYS F 64 30.57 -2.53 16.09
N VAL F 65 29.83 -1.57 15.54
CA VAL F 65 30.28 -0.22 15.45
C VAL F 65 29.15 0.60 16.04
N ALA F 66 29.34 1.00 17.30
CA ALA F 66 28.42 1.88 17.97
C ALA F 66 28.39 3.31 17.42
N HIS F 67 27.33 4.05 17.72
CA HIS F 67 27.38 5.51 17.52
C HIS F 67 28.58 6.16 18.22
N GLY F 68 29.20 7.10 17.52
CA GLY F 68 30.43 7.80 17.96
C GLY F 68 31.70 6.99 17.70
N LYS F 69 31.59 5.87 16.96
CA LYS F 69 32.79 5.05 16.54
C LYS F 69 32.97 5.06 15.06
N ALA F 70 34.25 4.91 14.60
CA ALA F 70 34.58 4.73 13.18
C ALA F 70 35.22 3.35 13.00
N LEU F 71 34.85 2.62 11.94
CA LEU F 71 35.48 1.41 11.63
C LEU F 71 36.59 1.63 10.60
N LEU F 72 37.66 0.85 10.72
CA LEU F 72 38.73 0.82 9.73
C LEU F 72 38.78 -0.48 8.98
N TYR F 73 39.05 -0.37 7.68
CA TYR F 73 38.99 -1.59 6.81
C TYR F 73 39.97 -1.43 5.68
N ASN F 74 40.33 -2.51 4.95
CA ASN F 74 41.27 -2.30 3.87
C ASN F 74 40.91 -3.35 2.82
N GLY F 75 41.55 -3.22 1.66
CA GLY F 75 41.45 -4.28 0.63
C GLY F 75 42.59 -4.08 -0.37
N GLN F 76 42.85 -5.14 -1.16
CA GLN F 76 43.92 -5.07 -2.13
C GLN F 76 43.55 -5.90 -3.33
N LYS F 77 44.25 -5.69 -4.43
CA LYS F 77 43.95 -6.47 -5.59
C LYS F 77 44.24 -7.97 -5.34
N ASN F 78 43.63 -8.81 -6.19
CA ASN F 78 43.92 -10.24 -6.16
C ASN F 78 45.44 -10.48 -6.43
N ARG F 79 46.02 -11.43 -5.73
CA ARG F 79 47.40 -11.79 -5.90
C ARG F 79 47.66 -12.44 -7.22
N GLY F 80 48.81 -12.08 -7.78
CA GLY F 80 49.26 -12.63 -9.05
C GLY F 80 49.28 -11.56 -10.14
N PRO F 81 49.85 -11.92 -11.30
CA PRO F 81 50.07 -10.93 -12.40
C PRO F 81 48.78 -10.78 -13.19
N VAL F 82 47.75 -10.38 -12.51
CA VAL F 82 46.42 -10.19 -13.09
C VAL F 82 46.18 -8.68 -13.01
N ALA F 83 45.72 -8.10 -14.13
CA ALA F 83 45.56 -6.64 -14.27
C ALA F 83 44.17 -6.22 -13.83
N THR F 84 43.87 -6.44 -12.52
CA THR F 84 42.59 -6.06 -11.88
C THR F 84 42.83 -5.32 -10.62
N GLY F 85 41.80 -4.63 -10.14
CA GLY F 85 41.89 -3.69 -9.01
C GLY F 85 41.24 -4.20 -7.76
N VAL F 86 40.71 -3.28 -6.98
CA VAL F 86 40.00 -3.68 -5.77
C VAL F 86 38.64 -2.93 -5.83
N VAL F 87 37.57 -3.70 -5.90
CA VAL F 87 36.27 -3.19 -6.29
C VAL F 87 35.30 -4.00 -5.42
N GLY F 88 34.56 -3.33 -4.55
CA GLY F 88 33.69 -4.11 -3.66
C GLY F 88 32.64 -3.26 -2.95
N VAL F 89 31.81 -3.96 -2.20
CA VAL F 89 30.74 -3.35 -1.41
C VAL F 89 30.72 -3.95 0.00
N ILE F 90 30.72 -3.04 0.99
CA ILE F 90 30.59 -3.36 2.42
C ILE F 90 29.15 -3.22 2.82
N ALA F 91 28.62 -4.14 3.62
CA ALA F 91 27.29 -4.01 4.13
C ALA F 91 27.29 -4.18 5.63
N TYR F 92 26.62 -3.25 6.29
CA TYR F 92 26.35 -3.31 7.72
C TYR F 92 24.87 -3.26 7.97
N SER F 93 24.36 -4.07 8.90
N SER F 93 24.40 -4.02 8.96
CA SER F 93 22.97 -3.92 9.32
CA SER F 93 23.01 -3.96 9.36
C SER F 93 22.97 -2.83 10.37
C SER F 93 22.87 -2.93 10.48
N MET F 94 21.96 -2.00 10.33
CA MET F 94 21.76 -0.98 11.38
C MET F 94 20.65 -1.40 12.34
N SER F 95 20.66 -0.86 13.57
CA SER F 95 19.81 -1.42 14.61
C SER F 95 18.31 -1.12 14.37
N ASP F 96 17.97 -0.28 13.38
CA ASP F 96 16.55 -0.18 12.94
C ASP F 96 16.10 -1.14 11.83
N GLY F 97 16.98 -2.08 11.48
CA GLY F 97 16.58 -3.15 10.55
C GLY F 97 16.93 -2.93 9.09
N ASN F 98 17.58 -1.81 8.81
CA ASN F 98 18.02 -1.44 7.46
C ASN F 98 19.50 -1.69 7.25
N THR F 99 19.99 -1.56 6.02
CA THR F 99 21.37 -1.89 5.70
C THR F 99 22.05 -0.66 5.16
N LEU F 100 23.23 -0.39 5.69
CA LEU F 100 24.12 0.57 5.11
C LEU F 100 25.05 -0.14 4.17
N ALA F 101 25.14 0.35 2.93
CA ALA F 101 26.04 -0.24 1.89
C ALA F 101 27.03 0.82 1.41
N VAL F 102 28.30 0.43 1.30
CA VAL F 102 29.35 1.30 0.79
C VAL F 102 30.08 0.57 -0.35
N LEU F 103 30.07 1.22 -1.51
CA LEU F 103 30.87 0.83 -2.66
C LEU F 103 32.19 1.51 -2.67
N PHE F 104 33.22 0.74 -3.07
CA PHE F 104 34.49 1.32 -3.52
C PHE F 104 34.97 0.64 -4.79
N SER F 105 35.53 1.43 -5.67
CA SER F 105 36.18 0.92 -6.89
C SER F 105 37.51 1.62 -7.16
N VAL F 106 38.54 0.79 -7.16
CA VAL F 106 39.89 1.26 -7.44
C VAL F 106 40.40 0.41 -8.57
N PRO F 107 40.31 0.94 -9.81
CA PRO F 107 40.62 0.11 -10.95
C PRO F 107 42.11 -0.11 -11.19
N TYR F 108 42.45 -1.09 -12.05
CA TYR F 108 43.82 -1.27 -12.48
C TYR F 108 44.36 -0.19 -13.42
N ASP F 109 43.63 0.06 -14.44
CA ASP F 109 44.12 0.89 -15.55
C ASP F 109 43.45 2.27 -15.60
N TYR F 110 44.13 3.28 -15.08
CA TYR F 110 43.57 4.66 -15.04
C TYR F 110 43.49 5.29 -16.41
N ASN F 111 44.11 4.69 -17.43
CA ASN F 111 43.82 5.20 -18.74
C ASN F 111 42.42 4.87 -19.17
N TRP F 112 41.82 3.83 -18.62
CA TRP F 112 40.40 3.48 -18.90
C TRP F 112 39.28 3.78 -17.86
N TYR F 113 39.61 3.68 -16.60
CA TYR F 113 38.63 3.81 -15.51
C TYR F 113 39.19 4.79 -14.53
N SER F 114 38.34 5.17 -13.54
CA SER F 114 38.73 6.05 -12.42
C SER F 114 38.22 5.43 -11.09
N ASN F 115 38.66 5.99 -10.00
CA ASN F 115 38.12 5.63 -8.68
C ASN F 115 36.65 6.09 -8.55
N TRP F 116 35.85 5.25 -7.92
CA TRP F 116 34.48 5.65 -7.53
C TRP F 116 34.14 5.12 -6.18
N TRP F 117 33.13 5.73 -5.60
CA TRP F 117 32.54 5.26 -4.37
C TRP F 117 31.05 5.57 -4.29
N ASN F 118 30.35 4.96 -3.31
CA ASN F 118 28.92 5.30 -3.12
C ASN F 118 28.50 4.80 -1.78
N VAL F 119 27.44 5.43 -1.27
CA VAL F 119 26.89 5.05 0.00
C VAL F 119 25.38 5.07 -0.17
N ARG F 120 24.67 4.06 0.37
CA ARG F 120 23.23 3.95 0.18
C ARG F 120 22.65 3.20 1.39
N VAL F 121 21.42 3.53 1.75
CA VAL F 121 20.70 2.70 2.73
C VAL F 121 19.65 1.93 2.00
N TYR F 122 19.63 0.62 2.25
CA TYR F 122 18.62 -0.28 1.74
C TYR F 122 17.60 -0.64 2.82
N LYS F 123 16.33 -0.71 2.47
CA LYS F 123 15.30 -1.12 3.39
C LYS F 123 15.48 -2.58 3.71
N GLY F 124 15.42 -2.94 4.98
CA GLY F 124 15.64 -4.33 5.34
C GLY F 124 17.11 -4.75 5.36
N GLN F 125 17.29 -6.05 5.58
CA GLN F 125 18.63 -6.67 5.67
C GLN F 125 19.06 -7.23 4.31
N LYS F 126 20.06 -6.62 3.69
CA LYS F 126 20.42 -6.91 2.32
C LYS F 126 21.92 -7.10 2.28
N ARG F 127 22.33 -8.35 2.04
CA ARG F 127 23.76 -8.69 1.99
CA ARG F 127 23.76 -8.67 1.98
C ARG F 127 24.36 -8.10 0.72
N ALA F 128 25.61 -7.70 0.81
CA ALA F 128 26.33 -7.24 -0.36
C ALA F 128 26.52 -8.40 -1.33
N ASP F 129 26.22 -8.15 -2.60
CA ASP F 129 26.37 -9.13 -3.69
C ASP F 129 26.58 -8.41 -5.03
N GLN F 130 26.67 -9.16 -6.14
CA GLN F 130 27.02 -8.55 -7.42
C GLN F 130 25.95 -7.60 -7.87
N ARG F 131 24.68 -7.93 -7.57
CA ARG F 131 23.61 -7.02 -7.96
C ARG F 131 23.69 -5.69 -7.24
N MET F 132 24.04 -5.74 -5.97
CA MET F 132 24.22 -4.52 -5.21
C MET F 132 25.38 -3.67 -5.74
N TYR F 133 26.49 -4.34 -6.04
CA TYR F 133 27.61 -3.68 -6.76
C TYR F 133 27.14 -2.97 -8.05
N GLU F 134 26.37 -3.66 -8.92
CA GLU F 134 25.96 -3.07 -10.18
C GLU F 134 24.99 -1.91 -9.96
N GLU F 135 24.08 -2.03 -9.00
CA GLU F 135 23.22 -0.89 -8.62
C GLU F 135 24.05 0.31 -8.26
N LEU F 136 24.99 0.09 -7.34
CA LEU F 136 25.75 1.20 -6.74
C LEU F 136 26.71 1.81 -7.73
N TYR F 137 27.26 0.97 -8.59
CA TYR F 137 28.26 1.42 -9.52
C TYR F 137 27.72 2.11 -10.79
N TYR F 138 26.68 1.52 -11.37
CA TYR F 138 26.11 1.95 -12.68
C TYR F 138 24.82 2.78 -12.57
N HIS F 139 23.98 2.52 -11.56
CA HIS F 139 22.59 3.01 -11.54
C HIS F 139 22.31 4.07 -10.47
N ARG F 140 23.14 4.16 -9.42
CA ARG F 140 22.90 5.07 -8.28
C ARG F 140 23.87 6.24 -8.15
N SER F 141 24.42 6.70 -9.28
CA SER F 141 25.12 7.96 -9.33
C SER F 141 26.26 7.98 -8.31
N PRO F 142 27.20 7.04 -8.44
CA PRO F 142 28.36 7.09 -7.53
C PRO F 142 29.15 8.38 -7.70
N PHE F 143 29.90 8.71 -6.67
CA PHE F 143 30.83 9.84 -6.67
C PHE F 143 32.21 9.42 -7.18
N ARG F 144 32.82 10.26 -7.99
CA ARG F 144 34.17 9.98 -8.36
C ARG F 144 35.14 10.21 -7.22
N GLY F 145 36.18 9.36 -7.16
CA GLY F 145 37.31 9.60 -6.31
C GLY F 145 38.22 10.67 -6.89
N ASP F 146 37.86 11.90 -6.59
CA ASP F 146 38.39 13.09 -7.30
C ASP F 146 39.09 14.06 -6.38
N ASN F 147 39.52 13.55 -5.21
CA ASN F 147 40.12 14.35 -4.17
C ASN F 147 39.23 15.50 -3.67
N GLY F 148 37.90 15.33 -3.76
CA GLY F 148 37.00 16.25 -3.22
C GLY F 148 35.94 15.59 -2.36
N TRP F 149 35.33 16.42 -1.53
CA TRP F 149 34.19 16.01 -0.69
C TRP F 149 32.85 15.96 -1.43
N HIS F 150 32.01 14.97 -1.08
CA HIS F 150 30.67 14.89 -1.64
C HIS F 150 29.68 14.50 -0.58
N SER F 151 28.49 15.09 -0.62
CA SER F 151 27.44 14.83 0.36
C SER F 151 26.16 14.35 -0.30
N ARG F 152 25.37 13.55 0.44
CA ARG F 152 24.14 13.12 -0.12
C ARG F 152 23.25 12.55 0.98
N GLY F 153 21.97 12.77 0.77
CA GLY F 153 20.96 12.27 1.70
C GLY F 153 20.86 10.77 1.52
N LEU F 154 20.71 10.04 2.65
CA LEU F 154 20.54 8.58 2.58
C LEU F 154 19.13 8.05 2.81
N GLY F 155 18.27 8.88 3.33
CA GLY F 155 16.98 8.40 3.81
C GLY F 155 17.09 7.91 5.21
N TYR F 156 15.93 7.55 5.75
CA TYR F 156 15.85 7.02 7.10
C TYR F 156 16.51 7.94 8.11
N GLY F 157 16.47 9.24 7.82
CA GLY F 157 16.87 10.26 8.77
C GLY F 157 18.35 10.48 8.80
N LEU F 158 19.04 9.97 7.79
CA LEU F 158 20.51 10.00 7.72
C LEU F 158 21.02 10.69 6.45
N LYS F 159 22.26 11.16 6.54
CA LYS F 159 23.02 11.66 5.39
C LYS F 159 24.47 11.23 5.48
N SER F 160 25.17 11.39 4.40
CA SER F 160 26.55 11.00 4.29
C SER F 160 27.40 12.11 3.68
N ARG F 161 28.67 12.16 4.05
CA ARG F 161 29.63 12.92 3.30
CA ARG F 161 29.65 12.95 3.33
C ARG F 161 30.89 12.12 3.27
N GLY F 162 31.64 12.26 2.21
CA GLY F 162 32.76 11.37 2.02
C GLY F 162 33.73 11.89 0.99
N PHE F 163 34.92 11.31 1.03
CA PHE F 163 36.11 11.85 0.28
C PHE F 163 36.88 10.64 -0.17
N MET F 164 37.28 10.60 -1.43
CA MET F 164 38.16 9.57 -1.91
C MET F 164 39.17 10.22 -2.81
N ASN F 165 40.41 9.80 -2.69
CA ASN F 165 41.47 10.29 -3.59
C ASN F 165 41.37 9.59 -4.94
N SER F 166 42.23 10.02 -5.90
CA SER F 166 42.12 9.54 -7.22
C SER F 166 43.13 8.46 -7.68
N SER F 167 44.03 8.09 -6.79
CA SER F 167 45.10 7.19 -7.07
C SER F 167 44.88 5.74 -6.71
N GLY F 168 45.72 4.86 -7.23
CA GLY F 168 45.56 3.45 -7.05
C GLY F 168 45.95 2.94 -5.65
N HIS F 169 46.55 3.82 -4.87
CA HIS F 169 46.64 3.68 -3.44
C HIS F 169 45.63 4.60 -2.78
N ALA F 170 44.43 4.02 -2.57
CA ALA F 170 43.21 4.77 -2.35
C ALA F 170 42.92 4.93 -0.89
N ILE F 171 42.44 6.09 -0.52
CA ILE F 171 41.79 6.33 0.76
C ILE F 171 40.35 6.69 0.53
N LEU F 172 39.48 6.21 1.39
CA LEU F 172 38.06 6.50 1.36
C LEU F 172 37.59 6.82 2.77
N GLU F 173 37.15 8.04 3.03
CA GLU F 173 36.72 8.49 4.35
C GLU F 173 35.25 8.86 4.23
N ILE F 174 34.36 8.25 5.01
CA ILE F 174 32.91 8.50 4.98
C ILE F 174 32.40 8.77 6.39
N HIS F 175 31.50 9.74 6.52
CA HIS F 175 30.84 10.09 7.76
C HIS F 175 29.35 9.95 7.52
N VAL F 176 28.68 9.20 8.40
CA VAL F 176 27.26 9.07 8.34
C VAL F 176 26.67 9.77 9.55
N THR F 177 25.78 10.75 9.30
CA THR F 177 25.23 11.61 10.37
C THR F 177 23.72 11.69 10.24
N LYS F 178 23.07 12.26 11.27
CA LYS F 178 21.66 12.57 11.17
C LYS F 178 21.39 13.74 10.24
N ALA F 179 20.30 13.62 9.48
CA ALA F 179 19.94 14.59 8.43
C ALA F 179 19.18 15.75 9.03
CAA HXG G . -12.81 -33.25 12.37
CAJ HXG G . -12.17 -34.58 11.95
CAL HXG G . -12.87 -35.18 10.71
CAN HXG G . -12.13 -34.87 9.39
CAQ HXG G . -12.37 -33.40 8.95
CAZ HXG G . -11.08 -32.57 9.14
OAF HXG G . -10.34 -32.68 10.11
OAV HXG G . -10.81 -31.73 8.14
CAT HXG G . -10.01 -32.51 7.25
CBB HXG G . -9.70 -31.69 6.03
OAY HXG G . -10.70 -30.77 5.78
CBA HXG G . -11.90 -31.28 5.44
OAG HXG G . -12.92 -31.11 6.12
CAR HXG G . -11.91 -32.08 4.14
CAO HXG G . -13.35 -32.05 3.56
CAM HXG G . -13.27 -31.27 2.23
CAK HXG G . -14.64 -30.61 2.08
CAB HXG G . -14.51 -29.62 0.91
CAU HXG G . -8.36 -31.02 6.21
OAX HXG G . -8.39 -29.60 6.31
PBD HXG G . -7.05 -28.85 6.26
OAI HXG G . -6.50 -28.78 4.81
OAH HXG G . -6.04 -29.42 7.30
OAW HXG G . -7.48 -27.40 6.79
CAP HXG G . -8.27 -26.52 6.00
CAS HXG G . -9.67 -26.55 6.42
NBC HXG G . -9.96 -25.91 7.74
CAD HXG G . -9.21 -24.70 7.96
CAE HXG G . -9.68 -26.87 8.78
CAC HXG G . -11.41 -25.60 7.81
CAA HXG H . -21.35 -22.58 -3.20
CAJ HXG H . -20.68 -21.52 -2.30
CAL HXG H . -20.39 -22.10 -0.90
CAN HXG H . -19.38 -23.28 -0.92
CAQ HXG H . -18.02 -22.96 -1.60
CAZ HXG H . -17.23 -21.83 -0.89
OAF HXG H . -17.82 -20.81 -0.56
OAV HXG H . -15.92 -22.10 -0.52
CAT HXG H . -16.28 -22.52 0.85
CBB HXG H . -15.34 -23.36 1.69
OAY HXG H . -15.21 -24.77 1.28
CBA HXG H . -16.10 -25.78 1.63
OAG HXG H . -16.13 -26.39 2.71
CAR HXG H . -17.06 -26.18 0.54
CAO HXG H . -18.05 -27.19 1.11
CAM HXG H . -19.16 -27.25 0.02
CAK HXG H . -20.51 -27.31 0.74
CAB HXG H . -21.51 -26.63 -0.24
CAU HXG H . -14.10 -22.47 1.97
OAX HXG H . -14.62 -22.11 3.27
PBD HXG H . -13.93 -21.40 4.62
OAI HXG H . -12.43 -21.71 4.55
OAH HXG H . -14.74 -21.95 5.74
OAW HXG H . -14.22 -19.79 4.40
CAP HXG H . -13.18 -18.86 4.16
CAS HXG H . -13.56 -17.60 4.95
NBC HXG H . -13.22 -17.59 6.42
CAD HXG H . -11.77 -17.91 6.62
CAE HXG H . -14.09 -18.52 7.10
CAC HXG H . -13.40 -16.20 6.95
CAA HXG I . -21.87 -33.73 4.91
CAJ HXG I . -20.89 -33.25 5.99
CAL HXG I . -19.96 -32.18 5.38
CAN HXG I . -18.92 -31.71 6.44
CAQ HXG I . -18.37 -30.29 6.20
CAZ HXG I . -16.81 -30.30 5.96
OAF HXG I . -16.41 -30.67 4.85
OAV HXG I . -15.95 -29.96 7.00
CAT HXG I . -16.21 -28.76 7.79
CBB HXG I . -15.71 -28.90 9.25
OAY HXG I . -15.23 -30.20 9.45
CBA HXG I . -16.19 -30.86 10.16
OAG HXG I . -16.16 -30.95 11.38
CAR HXG I . -17.29 -31.55 9.36
CAO HXG I . -16.88 -33.01 9.43
CAM HXG I . -17.98 -33.91 8.87
CAK HXG I . -17.17 -35.14 8.47
CAB HXG I . -18.13 -36.28 8.11
CAU HXG I . -14.61 -27.89 9.46
OAX HXG I . -13.92 -28.17 10.71
PBD HXG I . -13.72 -26.94 11.75
OAI HXG I . -13.15 -25.76 11.05
OAH HXG I . -12.92 -27.53 12.88
OAW HXG I . -15.17 -26.43 12.31
CAP HXG I . -15.79 -27.47 13.12
CAS HXG I . -16.98 -27.01 13.97
NBC HXG I . -17.79 -25.98 13.29
CAD HXG I . -19.10 -25.83 13.94
CAE HXG I . -18.14 -26.49 11.95
CAC HXG I . -17.18 -24.63 13.28
CAA HXG J . -19.36 -21.56 5.61
CAJ HXG J . -18.88 -22.48 4.48
CAL HXG J . -19.28 -21.92 3.11
CAN HXG J . -18.94 -20.42 2.93
CAQ HXG J . -17.62 -20.03 3.63
CAZ HXG J . -16.96 -18.93 2.83
OAF HXG J . -16.81 -17.77 3.24
OAV HXG J . -16.53 -19.36 1.63
CAT HXG J . -15.45 -18.55 1.35
CBB HXG J . -15.60 -18.13 -0.08
OAY HXG J . -16.40 -16.86 -0.14
CBA HXG J . -15.78 -15.73 -0.66
OAG HXG J . -15.48 -15.60 -1.85
CAR HXG J . -15.50 -14.53 0.30
CAO HXG J . -15.35 -15.09 1.73
CAM HXG J . -14.16 -14.46 2.45
CAK HXG J . -14.50 -13.92 3.86
CAB HXG J . -15.71 -14.63 4.50
CAU HXG J . -14.20 -18.02 -0.53
OAX HXG J . -13.40 -19.00 0.27
PBD HXG J . -11.93 -18.93 -0.32
OAI HXG J . -10.82 -19.58 0.70
OAH HXG J . -11.63 -17.51 -0.74
OAW HXG J . -11.97 -19.85 -1.64
CAP HXG J . -12.29 -21.20 -1.63
CAS HXG J . -11.50 -21.65 -2.85
NBC HXG J . -12.34 -21.62 -4.08
CAD HXG J . -12.73 -20.22 -4.41
CAE HXG J . -13.56 -22.45 -3.97
CAC HXG J . -11.49 -22.10 -5.21
CAA HXG K . -13.71 -2.65 19.65
CAJ HXG K . -12.47 -3.43 20.11
CAL HXG K . -12.49 -4.94 19.87
CAN HXG K . -11.04 -5.56 20.05
CAQ HXG K . -10.21 -4.96 21.21
CAZ HXG K . -10.83 -5.29 22.58
OAF HXG K . -11.38 -4.46 23.33
OAV HXG K . -10.95 -6.61 22.81
CAT HXG K . -11.66 -6.97 24.03
CBB HXG K . -12.15 -8.42 23.78
OAY HXG K . -12.91 -8.40 22.57
CBA HXG K . -14.22 -7.93 22.73
OAG HXG K . -14.82 -7.86 23.82
CAR HXG K . -14.96 -7.62 21.48
CAO HXG K . -14.21 -8.31 20.33
CAM HXG K . -14.67 -9.74 20.52
CAK HXG K . -15.81 -9.96 19.56
CAB HXG K . -15.17 -10.58 18.32
CAU HXG K . -10.98 -9.38 23.69
OAX HXG K . -11.71 -10.62 23.39
PBD HXG K . -12.27 -11.66 24.55
OAI HXG K . -11.29 -11.66 25.59
OAH HXG K . -12.64 -13.01 23.92
OAW HXG K . -13.68 -10.96 25.14
CAP HXG K . -14.82 -10.88 24.25
CAS HXG K . -15.64 -12.10 24.47
NBC HXG K . -16.43 -12.06 25.75
CAD HXG K . -17.26 -13.32 25.74
CAE HXG K . -17.29 -10.86 25.92
CAC HXG K . -15.57 -12.16 26.96
P1 PC L . -5.77 -35.36 10.48
O1 PC L . -6.80 -34.45 11.00
O3 PC L . -6.28 -36.42 9.47
O4 PC L . -4.43 -34.85 10.19
O2 PC L . -5.51 -36.29 11.80
C1 PC L . -4.43 -37.18 11.78
C2 PC L . -4.20 -37.82 13.17
N1 PC L . -4.23 -36.95 14.37
C3 PC L . -5.62 -36.42 14.53
C4 PC L . -3.27 -35.88 14.25
C5 PC L . -3.81 -37.70 15.57
P1 PC M . -19.92 -21.97 13.82
O1 PC M . -20.87 -20.82 13.57
O3 PC M . -18.54 -21.52 14.26
O4 PC M . -20.45 -23.00 14.76
O2 PC M . -19.70 -22.68 12.38
C1 PC M . -19.74 -22.08 11.06
C2 PC M . -18.58 -22.60 10.21
N1 PC M . -18.88 -23.77 9.35
C3 PC M . -19.02 -23.31 7.99
C4 PC M . -20.16 -24.41 9.72
C5 PC M . -17.81 -24.76 9.29
S SCN N . -2.31 -6.13 26.83
C SCN N . -1.57 -7.09 27.72
N SCN N . -1.03 -7.79 28.42
CAA HXG O . 22.56 -0.67 -32.12
CAJ HXG O . 22.02 -1.91 -32.85
CAL HXG O . 21.44 -2.92 -31.85
CAN HXG O . 21.44 -4.31 -32.49
CAQ HXG O . 22.77 -5.09 -32.28
CAZ HXG O . 22.47 -6.42 -31.54
OAF HXG O . 22.62 -6.51 -30.33
OAV HXG O . 22.02 -7.47 -32.32
CAT HXG O . 21.33 -8.40 -31.43
CBB HXG O . 21.13 -9.71 -32.20
OAY HXG O . 22.40 -10.38 -32.24
CBA HXG O . 22.61 -11.00 -33.44
OAG HXG O . 21.82 -10.98 -34.40
CAR HXG O . 23.92 -11.75 -33.61
CAO HXG O . 24.90 -10.62 -33.78
CAM HXG O . 25.26 -10.10 -32.37
CAK HXG O . 26.81 -10.10 -32.34
CAB HXG O . 27.23 -8.61 -32.38
CAU HXG O . 20.07 -10.65 -31.52
OAX HXG O . 20.46 -10.59 -30.13
PBD HXG O . 19.78 -11.43 -28.92
OAI HXG O . 18.25 -11.11 -29.17
OAH HXG O . 20.34 -11.10 -27.57
OAW HXG O . 20.04 -13.04 -29.10
CAP HXG O . 19.05 -13.92 -29.55
CAS HXG O . 19.37 -15.17 -28.74
NBC HXG O . 18.90 -15.21 -27.29
CAD HXG O . 17.44 -14.96 -27.17
CAE HXG O . 19.60 -14.20 -26.44
CAC HXG O . 19.07 -16.55 -26.72
CAA HXG P . 24.04 -1.68 -29.25
CAJ HXG P . 23.30 -2.59 -28.26
CAL HXG P . 22.02 -1.90 -27.78
CAN HXG P . 21.04 -2.97 -27.29
CAQ HXG P . 19.86 -2.29 -26.57
CAZ HXG P . 18.52 -2.74 -27.17
OAF HXG P . 17.94 -3.78 -26.77
OAV HXG P . 18.08 -1.85 -28.14
CAT HXG P . 16.70 -1.84 -28.57
CBB HXG P . 15.77 -1.55 -27.40
OAY HXG P . 15.89 -0.16 -26.98
CBA HXG P . 15.58 0.29 -25.69
OAG HXG P . 15.77 -0.32 -24.63
CAR HXG P . 15.04 1.72 -25.62
CAO HXG P . 16.01 2.63 -26.38
CAM HXG P . 17.42 2.03 -26.25
CAK HXG P . 18.25 2.90 -25.29
CAB HXG P . 19.16 1.90 -24.53
CAU HXG P . 14.38 -1.81 -27.94
OAX HXG P . 14.24 -3.19 -27.73
PBD HXG P . 12.81 -3.91 -27.80
OAI HXG P . 12.32 -4.03 -29.26
OAH HXG P . 11.75 -3.27 -26.91
OAW HXG P . 13.15 -5.33 -27.24
CAP HXG P . 13.86 -6.31 -28.00
CAS HXG P . 15.29 -6.32 -27.60
NBC HXG P . 15.50 -6.99 -26.23
CAD HXG P . 14.71 -8.22 -25.89
CAE HXG P . 15.13 -6.01 -25.16
CAC HXG P . 16.92 -7.34 -26.00
CAA HXG Q . 24.74 -12.99 -23.48
CAJ HXG Q . 24.50 -12.05 -22.28
CAL HXG Q . 24.95 -10.61 -22.57
CAN HXG Q . 24.15 -9.95 -23.73
CAQ HXG Q . 23.53 -8.62 -23.28
CAZ HXG Q . 23.40 -7.55 -24.39
OAF HXG Q . 23.55 -7.83 -25.58
OAV HXG Q . 23.18 -6.26 -23.88
CAT HXG Q . 22.45 -5.24 -24.63
CBB HXG Q . 21.40 -4.44 -23.76
OAY HXG Q . 21.40 -3.08 -24.21
CBA HXG Q . 21.27 -2.12 -23.24
OAG HXG Q . 20.23 -1.50 -23.05
CAR HXG Q . 22.58 -1.77 -22.56
CAO HXG Q . 22.50 -0.30 -22.12
CAM HXG Q . 21.74 -0.31 -20.78
CAK HXG Q . 21.58 1.10 -20.21
CAB HXG Q . 21.40 2.19 -21.30
CAU HXG Q . 19.98 -4.92 -24.02
OAX HXG Q . 19.14 -4.66 -22.88
PBD HXG Q . 18.82 -5.80 -21.80
OAI HXG Q . 18.31 -7.08 -22.60
OAH HXG Q . 17.89 -5.41 -20.75
OAW HXG Q . 20.24 -6.37 -21.21
CAP HXG Q . 20.69 -5.70 -20.01
CAS HXG Q . 22.23 -5.59 -20.06
NBC HXG Q . 22.82 -6.81 -19.44
CAD HXG Q . 22.67 -6.75 -17.95
CAE HXG Q . 24.28 -6.83 -19.68
CAC HXG Q . 22.26 -8.08 -19.99
CAA HXG R . 19.66 -21.81 -36.45
CAJ HXG R . 19.89 -20.55 -35.60
CAL HXG R . 21.35 -20.08 -35.70
CAN HXG R . 21.58 -18.75 -34.93
CAQ HXG R . 22.99 -18.72 -34.30
CAZ HXG R . 23.72 -17.33 -34.43
OAF HXG R . 24.94 -17.30 -34.56
OAV HXG R . 22.94 -16.21 -34.39
CAT HXG R . 23.17 -15.37 -33.23
CBB HXG R . 21.82 -14.95 -32.58
OAY HXG R . 22.06 -13.85 -31.71
CBA HXG R . 22.61 -14.16 -30.51
OAG HXG R . 22.50 -15.27 -29.98
CAR HXG R . 23.38 -13.02 -29.87
CAO HXG R . 23.52 -13.37 -28.39
CAM HXG R . 23.39 -12.09 -27.57
CAK HXG R . 24.73 -11.38 -27.69
CAB HXG R . 24.39 -9.90 -27.99
CAU HXG R . 20.87 -14.47 -33.66
OAX HXG R . 19.61 -14.10 -33.02
PBD HXG R . 18.29 -13.93 -34.02
OAI HXG R . 17.14 -13.20 -33.26
OAH HXG R . 18.02 -15.31 -34.46
OAW HXG R . 18.45 -13.00 -35.25
CAP HXG R . 18.61 -11.61 -35.19
CAS HXG R . 18.15 -11.04 -36.52
NBC HXG R . 19.15 -11.26 -37.62
CAD HXG R . 19.30 -12.71 -37.91
CAE HXG R . 20.45 -10.67 -37.25
CAC HXG R . 18.59 -10.62 -38.83
S SCN S . 6.48 -27.14 -8.06
C SCN S . 5.65 -26.18 -7.16
N SCN S . 4.95 -25.51 -6.51
CL CL T . 24.62 -10.94 -18.90
CAA HXG U . -11.73 27.49 26.17
CAJ HXG U . -10.23 27.67 25.86
CAL HXG U . -10.00 28.59 24.62
CAN HXG U . -8.76 28.15 23.75
CAQ HXG U . -8.88 28.80 22.35
CAZ HXG U . -8.83 27.76 21.22
OAF HXG U . -9.85 27.26 20.77
OAV HXG U . -7.59 27.54 20.72
CAT HXG U . -7.64 26.98 19.40
CBB HXG U . -6.18 27.07 19.02
OAY HXG U . -5.51 26.10 19.86
CBA HXG U . -4.42 26.32 20.56
OAG HXG U . -3.76 27.36 20.51
CAR HXG U . -4.10 25.19 21.46
CAO HXG U . -3.73 25.73 22.83
CAM HXG U . -2.23 25.87 22.90
CAK HXG U . -1.88 26.95 23.96
CAB HXG U . -0.97 26.27 25.01
CAU HXG U . -6.03 26.70 17.53
OAX HXG U . -4.65 26.72 17.59
PBD HXG U . -3.97 26.48 15.96
OAI HXG U . -4.68 25.28 15.21
OAH HXG U . -2.56 26.49 16.32
OAW HXG U . -4.39 27.83 15.06
CAP HXG U . -3.94 28.99 15.63
CAS HXG U . -3.58 29.93 14.43
NBC HXG U . -2.17 29.78 13.99
CAD HXG U . -1.97 28.56 13.16
CAE HXG U . -1.12 29.72 14.98
CAC HXG U . -1.93 30.89 13.06
CAA HXG V . 3.27 24.09 27.16
CAJ HXG V . 3.67 24.69 25.80
CAL HXG V . 4.17 23.58 24.84
CAN HXG V . 2.98 22.83 24.21
CAQ HXG V . 2.56 23.45 22.87
CAZ HXG V . 1.95 22.38 21.94
OAF HXG V . 2.05 22.50 20.74
OAV HXG V . 1.32 21.31 22.51
CAT HXG V . 1.20 20.17 21.62
CBB HXG V . 2.54 19.54 21.36
OAY HXG V . 2.99 18.92 22.56
CBA HXG V . 4.27 19.12 22.94
OAG HXG V . 5.19 19.48 22.20
CAR HXG V . 4.54 18.68 24.36
CAO HXG V . 5.19 19.85 25.09
CAM HXG V . 4.64 19.84 26.51
CAK HXG V . 3.23 20.46 26.46
CAB HXG V . 2.48 19.89 27.68
CAU HXG V . 2.29 18.47 20.35
OAX HXG V . 2.22 19.14 19.05
PBD HXG V . 1.91 18.37 17.75
OAI HXG V . 0.53 17.70 17.89
OAH HXG V . 3.04 17.53 17.26
OAW HXG V . 1.70 19.64 16.73
CAP HXG V . 0.60 20.45 16.70
CAS HXG V . 0.73 21.69 17.54
NBC HXG V . 1.83 22.64 17.07
CAD HXG V . 1.82 22.79 15.56
CAE HXG V . 3.14 22.07 17.47
CAC HXG V . 1.65 23.99 17.66
P1 PC W . 5.97 25.39 19.46
O1 PC W . 4.83 25.48 18.43
O3 PC W . 5.30 24.84 20.78
O4 PC W . 7.37 24.83 19.18
O2 PC W . 6.39 26.93 19.88
C1 PC W . 6.28 27.45 21.20
C2 PC W . 7.12 28.73 21.31
N1 PC W . 6.36 29.99 21.21
C3 PC W . 5.77 30.19 19.87
C4 PC W . 7.32 31.09 21.47
C5 PC W . 5.28 30.08 22.23
CAA HXG X . -20.85 -14.69 4.52
CAA HXG X . -20.65 -14.41 4.48
CAJ HXG X . -20.75 -15.59 3.28
CAJ HXG X . -20.17 -15.18 3.25
CAL HXG X . -21.20 -14.80 2.03
CAL HXG X . -20.10 -14.24 2.04
CAN HXG X . -20.73 -15.52 0.75
CAN HXG X . -19.65 -15.01 0.78
CAQ HXG X . -20.55 -14.49 -0.37
CAQ HXG X . -19.16 -14.03 -0.31
CAZ HXG X . -21.07 -15.03 -1.69
CAZ HXG X . -20.19 -13.94 -1.47
OAF HXG X . -20.57 -16.03 -2.21
OAF HXG X . -20.27 -14.81 -2.33
OAV HXG X . -22.15 -14.36 -2.20
OAV HXG X . -20.92 -12.81 -1.49
CAT HXG X . -21.81 -13.16 -2.90
CAT HXG X . -20.67 -12.16 -2.75
CBB HXG X . -22.61 -13.11 -4.21
CBB HXG X . -21.48 -12.83 -3.84
OAY HXG X . -24.00 -13.46 -3.97
OAY HXG X . -22.86 -12.76 -3.53
CBA HXG X . -24.51 -14.34 -4.87
CBA HXG X . -23.45 -13.62 -4.43
OAG HXG X . -24.95 -14.02 -5.97
OAG HXG X . -23.05 -13.74 -5.58
CAR HXG X . -24.49 -15.80 -4.44
CAR HXG X . -24.56 -14.53 -3.89
CAO HXG X . -25.79 -16.05 -3.67
CAO HXG X . -25.92 -14.20 -4.50
CAM HXG X . -26.93 -15.43 -4.47
CAM HXG X . -27.01 -15.09 -3.86
CAK HXG X . -28.15 -15.76 -3.60
CAK HXG X . -28.40 -14.45 -4.00
CAB HXG X . -29.34 -15.13 -4.34
CAB HXG X . -29.48 -15.43 -3.56
CAU HXG X . -22.57 -11.72 -4.84
CAU HXG X . -21.21 -12.06 -5.12
OAX HXG X . -21.26 -11.55 -5.38
OAX HXG X . -21.26 -10.71 -4.64
PBD HXG X . -21.03 -11.07 -6.93
PBD HXG X . -21.00 -9.36 -5.65
OAI HXG X . -21.98 -9.77 -6.90
OAI HXG X . -21.71 -8.08 -4.99
OAH HXG X . -21.51 -12.07 -7.93
OAH HXG X . -21.46 -9.63 -7.03
OAW HXG X . -19.44 -10.89 -6.92
OAW HXG X . -19.48 -9.25 -5.67
CAP HXG X . -18.60 -9.82 -6.45
CAP HXG X . -18.68 -10.32 -6.26
CAS HXG X . -17.25 -9.86 -7.17
CAS HXG X . -17.59 -9.70 -7.09
NBC HXG X . -17.41 -9.20 -8.52
NBC HXG X . -17.99 -9.35 -8.50
CAD HXG X . -18.31 -8.03 -8.57
CAD HXG X . -18.68 -8.07 -8.55
CAE HXG X . -18.00 -10.23 -9.38
CAE HXG X . -18.92 -10.31 -9.08
CAC HXG X . -16.11 -8.76 -9.05
CAC HXG X . -16.72 -9.27 -9.21
CAA HXG Y . -38.68 -13.92 -4.05
CAJ HXG Y . -37.60 -12.89 -3.66
CAL HXG Y . -36.32 -13.12 -4.45
CAN HXG Y . -36.46 -12.48 -5.85
CAQ HXG Y . -35.08 -12.39 -6.53
CAZ HXG Y . -35.19 -11.54 -7.83
OAF HXG Y . -36.31 -11.32 -8.30
OAV HXG Y . -34.01 -11.13 -8.46
CAT HXG Y . -32.74 -11.48 -7.86
CBB HXG Y . -31.62 -10.76 -8.60
OAY HXG Y . -31.82 -10.82 -10.01
CBA HXG Y . -31.51 -12.07 -10.46
OAG HXG Y . -30.35 -12.47 -10.60
CAR HXG Y . -32.71 -13.02 -10.75
CAO HXG Y . -33.65 -12.26 -11.69
CAM HXG Y . -35.05 -12.83 -11.45
CAK HXG Y . -35.97 -12.03 -12.39
CAB HXG Y . -37.31 -11.89 -11.65
CAU HXG Y . -31.68 -9.30 -8.20
OAX HXG Y . -30.58 -8.77 -8.88
PBD HXG Y . -30.47 -7.12 -8.87
OAI HXG Y . -30.61 -6.68 -7.33
OAH HXG Y . -31.39 -6.43 -9.78
OAW HXG Y . -28.98 -6.99 -9.30
CAP HXG Y . -27.91 -7.27 -8.46
CAS HXG Y . -27.30 -8.60 -8.79
NBC HXG Y . -26.49 -8.60 -10.09
CAD HXG Y . -25.51 -7.50 -10.27
CAE HXG Y . -27.41 -8.56 -11.25
CAC HXG Y . -25.63 -9.80 -10.11
P1 PC Z . -26.13 -12.13 -14.08
O1 PC Z . -26.71 -11.65 -15.39
O3 PC Z . -25.31 -11.17 -13.30
O4 PC Z . -27.18 -12.82 -13.25
O2 PC Z . -25.11 -13.31 -14.38
C1 PC Z . -25.45 -14.43 -15.22
C2 PC Z . -24.85 -15.70 -14.61
N1 PC Z . -23.40 -15.70 -14.88
C3 PC Z . -22.71 -15.23 -13.69
C4 PC Z . -23.08 -14.78 -15.99
C5 PC Z . -22.91 -17.02 -15.28
S SCN AA . -9.72 6.20 -27.76
C SCN AA . -10.80 6.59 -28.78
N SCN AA . -11.63 6.89 -29.48
CAA HXG BA . -21.31 30.89 28.42
CAJ HXG BA . -20.59 29.86 29.30
CAL HXG BA . -21.48 28.61 29.50
CAN HXG BA . -20.62 27.34 29.74
CAQ HXG BA . -21.54 26.14 30.06
CAZ HXG BA . -21.63 25.88 31.57
OAF HXG BA . -20.89 26.46 32.37
OAV HXG BA . -22.54 24.94 31.98
CAT HXG BA . -23.05 23.96 31.07
CBB HXG BA . -24.26 23.33 31.74
OAY HXG BA . -25.22 24.37 31.84
CBA HXG BA . -25.72 24.56 33.09
OAG HXG BA . -25.83 23.67 33.94
CAR HXG BA . -26.09 26.04 33.40
CAO HXG BA . -26.66 26.08 34.83
CAM HXG BA . -28.09 25.53 34.63
CAK HXG BA . -28.83 25.64 35.98
CAB HXG BA . -30.29 25.99 35.58
CAU HXG BA . -24.85 22.08 31.01
OAX HXG BA . -24.94 22.52 29.65
PBD HXG BA . -25.34 21.66 28.37
OAI HXG BA . -24.53 20.28 28.53
OAH HXG BA . -25.00 22.62 27.23
OAW HXG BA . -26.93 21.41 28.36
CAP HXG BA . -27.51 20.16 28.68
CAS HXG BA . -28.69 19.97 27.82
NBC HXG BA . -28.44 19.51 26.42
CAD HXG BA . -27.40 18.40 26.29
CAE HXG BA . -27.75 20.59 25.64
CAC HXG BA . -29.69 19.23 25.84
CAA HXG CA . -10.50 26.58 34.23
CAJ HXG CA . -10.16 25.86 32.92
CAL HXG CA . -11.18 26.23 31.82
CAN HXG CA . -10.89 25.43 30.53
CAQ HXG CA . -12.09 24.54 30.10
CAZ HXG CA . -11.64 23.40 29.14
OAF HXG CA . -10.44 23.17 28.93
OAV HXG CA . -12.62 22.60 28.61
CAT HXG CA . -13.94 22.96 28.30
CBB HXG CA . -14.46 21.86 27.36
OAY HXG CA . -13.71 21.69 26.09
CBA HXG CA . -14.47 21.88 24.93
OAG HXG CA . -14.44 21.17 23.92
CAR HXG CA . -15.29 23.13 25.01
CAO HXG CA . -16.77 22.77 25.19
CAM HXG CA . -17.37 23.68 26.25
CAK HXG CA . -17.27 25.09 25.64
CAB HXG CA . -18.53 25.83 26.09
CAU HXG CA . -14.36 20.49 28.03
OAX HXG CA . -15.43 19.88 27.32
PBD HXG CA . -15.52 18.30 27.43
OAI HXG CA . -15.44 17.92 28.98
OAH HXG CA . -14.50 17.61 26.60
OAW HXG CA . -16.94 18.07 26.83
CAP HXG CA . -18.10 18.45 27.54
CAS HXG CA . -18.70 19.69 27.01
NBC HXG CA . -19.34 19.64 25.64
CAD HXG CA . -18.31 19.55 24.59
CAE HXG CA . -20.16 20.87 25.62
CAC HXG CA . -20.26 18.54 25.38
P1 PC DA . -26.94 19.18 33.30
O1 PC DA . -27.59 20.27 32.40
O3 PC DA . -28.01 18.41 34.00
O4 PC DA . -25.87 18.40 32.59
O2 PC DA . -26.18 20.07 34.42
C1 PC DA . -25.00 19.65 35.09
C2 PC DA . -24.33 20.76 35.91
N1 PC DA . -25.03 21.30 37.09
C3 PC DA . -24.70 22.73 37.20
C4 PC DA . -24.52 20.69 38.32
C5 PC DA . -26.48 21.12 37.04
P1 PC EA . -19.79 23.30 21.79
O1 PC EA . -20.70 22.23 22.26
O3 PC EA . -18.85 23.89 22.77
O4 PC EA . -19.02 22.94 20.56
O2 PC EA . -20.81 24.51 21.46
C1 PC EA . -20.64 25.43 20.39
C2 PC EA . -21.96 25.94 19.80
N1 PC EA . -22.94 26.52 20.74
C3 PC EA . -22.34 26.93 22.02
C4 PC EA . -23.99 25.55 21.03
C5 PC EA . -23.65 27.69 20.22
S SCN FA . -33.86 4.56 6.34
C SCN FA . -32.63 4.24 5.45
N SCN FA . -31.72 4.00 4.74
CL CL GA . -14.19 25.97 17.84
CAA HXG HA . 36.23 3.07 -25.76
CAJ HXG HA . 35.09 3.28 -24.75
CAL HXG HA . 35.36 4.43 -23.75
CAN HXG HA . 34.14 5.37 -23.69
CAQ HXG HA . 32.88 4.59 -23.20
CAZ HXG HA . 31.99 5.40 -22.21
OAF HXG HA . 31.03 6.04 -22.64
OAV HXG HA . 32.25 5.24 -20.86
CAT HXG HA . 33.57 5.54 -20.35
CBB HXG HA . 33.96 4.48 -19.30
OAY HXG HA . 34.95 3.54 -19.87
CBA HXG HA . 34.29 2.43 -20.36
OAG HXG HA . 33.07 2.37 -20.43
CAR HXG HA . 35.15 1.24 -20.73
CAO HXG HA . 34.20 0.06 -21.11
CAM HXG HA . 33.62 0.42 -22.51
CAK HXG HA . 32.55 -0.63 -22.86
CAB HXG HA . 31.51 0.10 -23.74
CAU HXG HA . 34.50 5.13 -18.00
OAX HXG HA . 34.33 4.03 -17.10
PBD HXG HA . 33.98 4.08 -15.34
OAI HXG HA . 35.39 4.71 -14.66
OAH HXG HA . 33.46 2.74 -15.19
OAW HXG HA . 32.84 5.30 -15.18
CAP HXG HA . 31.61 5.32 -15.79
CAS HXG HA . 30.69 6.05 -14.78
NBC HXG HA . 30.02 5.11 -13.85
CAD HXG HA . 30.95 4.72 -12.75
CAE HXG HA . 29.52 3.83 -14.33
CAC HXG HA . 28.87 5.90 -13.26
P1 PC IA . 39.25 -3.51 -12.59
O1 PC IA . 38.62 -3.88 -13.98
O3 PC IA . 38.97 -4.70 -11.61
O4 PC IA . 40.35 -2.65 -12.95
O2 PC IA . 38.07 -2.49 -12.14
C1 PC IA . 37.59 -1.26 -12.70
C2 PC IA . 36.45 -1.52 -13.66
N1 PC IA . 35.19 -1.98 -13.10
C3 PC IA . 34.18 -1.62 -14.11
C4 PC IA . 34.85 -1.20 -11.89
C5 PC IA . 35.14 -3.45 -12.86
P1 PC JA . 31.10 -5.13 -14.40
O1 PC JA . 30.00 -5.15 -15.45
O3 PC JA . 30.81 -6.23 -13.41
O4 PC JA . 31.34 -3.74 -13.87
O2 PC JA . 32.44 -5.68 -15.10
C1 PC JA . 33.06 -5.19 -16.29
C2 PC JA . 34.39 -5.94 -16.40
N1 PC JA . 35.55 -5.24 -16.95
C3 PC JA . 36.59 -6.23 -17.23
C4 PC JA . 36.11 -4.30 -15.97
C5 PC JA . 35.18 -4.54 -18.18
S SCN KA . 44.46 14.19 9.21
C SCN KA . 45.71 14.17 8.76
N SCN KA . 46.79 14.24 8.27
#